data_5MWI
# 
_entry.id   5MWI 
# 
_audit_conform.dict_name       mmcif_pdbx.dic 
_audit_conform.dict_version    5.383 
_audit_conform.dict_location   http://mmcif.pdb.org/dictionaries/ascii/mmcif_pdbx.dic 
# 
loop_
_database_2.database_id 
_database_2.database_code 
_database_2.pdbx_database_accession 
_database_2.pdbx_DOI 
PDB   5MWI         pdb_00005mwi 10.2210/pdb5mwi/pdb 
WWPDB D_1200003095 ?            ?                   
# 
loop_
_pdbx_audit_revision_history.ordinal 
_pdbx_audit_revision_history.data_content_type 
_pdbx_audit_revision_history.major_revision 
_pdbx_audit_revision_history.minor_revision 
_pdbx_audit_revision_history.revision_date 
1 'Structure model' 1 0 2017-03-08 
2 'Structure model' 1 1 2017-04-05 
3 'Structure model' 1 2 2017-06-14 
4 'Structure model' 1 3 2024-01-17 
# 
_pdbx_audit_revision_details.ordinal             1 
_pdbx_audit_revision_details.revision_ordinal    1 
_pdbx_audit_revision_details.data_content_type   'Structure model' 
_pdbx_audit_revision_details.provider            repository 
_pdbx_audit_revision_details.type                'Initial release' 
_pdbx_audit_revision_details.description         ? 
_pdbx_audit_revision_details.details             ? 
# 
loop_
_pdbx_audit_revision_group.ordinal 
_pdbx_audit_revision_group.revision_ordinal 
_pdbx_audit_revision_group.data_content_type 
_pdbx_audit_revision_group.group 
1 2 'Structure model' 'Database references'    
2 3 'Structure model' 'Database references'    
3 4 'Structure model' 'Data collection'        
4 4 'Structure model' 'Database references'    
5 4 'Structure model' 'Refinement description' 
# 
loop_
_pdbx_audit_revision_category.ordinal 
_pdbx_audit_revision_category.revision_ordinal 
_pdbx_audit_revision_category.data_content_type 
_pdbx_audit_revision_category.category 
1 3 'Structure model' citation                      
2 4 'Structure model' chem_comp_atom                
3 4 'Structure model' chem_comp_bond                
4 4 'Structure model' database_2                    
5 4 'Structure model' pdbx_initial_refinement_model 
# 
loop_
_pdbx_audit_revision_item.ordinal 
_pdbx_audit_revision_item.revision_ordinal 
_pdbx_audit_revision_item.data_content_type 
_pdbx_audit_revision_item.item 
1 3 'Structure model' '_citation.country'                   
2 3 'Structure model' '_citation.journal_id_ASTM'           
3 3 'Structure model' '_citation.journal_id_CSD'            
4 3 'Structure model' '_citation.journal_volume'            
5 3 'Structure model' '_citation.page_first'                
6 3 'Structure model' '_citation.page_last'                 
7 4 'Structure model' '_database_2.pdbx_DOI'                
8 4 'Structure model' '_database_2.pdbx_database_accession' 
# 
_pdbx_database_status.status_code                     REL 
_pdbx_database_status.status_code_sf                  REL 
_pdbx_database_status.status_code_mr                  ? 
_pdbx_database_status.entry_id                        5MWI 
_pdbx_database_status.recvd_initial_deposition_date   2017-01-18 
_pdbx_database_status.SG_entry                        N 
_pdbx_database_status.deposit_site                    PDBE 
_pdbx_database_status.process_site                    PDBE 
_pdbx_database_status.status_code_cs                  ? 
_pdbx_database_status.methods_development_category    ? 
_pdbx_database_status.pdb_format_compatible           Y 
_pdbx_database_status.status_code_nmr_data            ? 
# 
loop_
_audit_author.name 
_audit_author.pdbx_ordinal 
_audit_author.identifier_ORCID 
'Kiliszek, A.'   1 ? 
'Blaszczyk, L.'  2 ? 
'Rypniewski, W.' 3 ? 
# 
_citation.abstract                  ? 
_citation.abstract_id_CAS           ? 
_citation.book_id_ISBN              ? 
_citation.book_publisher            ? 
_citation.book_publisher_city       ? 
_citation.book_title                ? 
_citation.coordinate_linkage        ? 
_citation.country                   UK 
_citation.database_id_Medline       ? 
_citation.details                   ? 
_citation.id                        primary 
_citation.journal_abbrev            'Nucleic Acids Res.' 
_citation.journal_id_ASTM           NARHAD 
_citation.journal_id_CSD            0389 
_citation.journal_id_ISSN           1362-4962 
_citation.journal_full              ? 
_citation.journal_issue             ? 
_citation.journal_volume            45 
_citation.language                  ? 
_citation.page_first                e92 
_citation.page_last                 e92 
_citation.title                     'Stabilization of RNA hairpins using non-nucleotide linkers and circularization.' 
_citation.year                      2017 
_citation.database_id_CSD           ? 
_citation.pdbx_database_id_DOI      10.1093/nar/gkx122 
_citation.pdbx_database_id_PubMed   28334744 
_citation.unpublished_flag          ? 
# 
loop_
_citation_author.citation_id 
_citation_author.name 
_citation_author.ordinal 
_citation_author.identifier_ORCID 
primary 'Kiliszek, A.'   1 ? 
primary 'Blaszczyk, L.'  2 ? 
primary 'Kierzek, R.'    3 ? 
primary 'Rypniewski, W.' 4 ? 
# 
loop_
_entity.id 
_entity.type 
_entity.src_method 
_entity.pdbx_description 
_entity.formula_weight 
_entity.pdbx_number_of_molecules 
_entity.pdbx_ec 
_entity.pdbx_mutation 
_entity.pdbx_fragment 
_entity.details 
1 polymer     syn 'RNA G(CUG)8C duplex' 8257.858 1  ? ? ? ? 
2 non-polymer syn 'SULFATE ION'         96.063   2  ? ? ? ? 
3 water       nat water                 18.015   71 ? ? ? ? 
# 
_entity_poly.entity_id                      1 
_entity_poly.type                           polyribonucleotide 
_entity_poly.nstd_linkage                   no 
_entity_poly.nstd_monomer                   no 
_entity_poly.pdbx_seq_one_letter_code       GCUGCUGCUGCUGCUGCUGCUGCUGC 
_entity_poly.pdbx_seq_one_letter_code_can   GCUGCUGCUGCUGCUGCUGCUGCUGC 
_entity_poly.pdbx_strand_id                 A 
_entity_poly.pdbx_target_identifier         ? 
# 
loop_
_pdbx_entity_nonpoly.entity_id 
_pdbx_entity_nonpoly.name 
_pdbx_entity_nonpoly.comp_id 
2 'SULFATE ION' SO4 
3 water         HOH 
# 
loop_
_entity_poly_seq.entity_id 
_entity_poly_seq.num 
_entity_poly_seq.mon_id 
_entity_poly_seq.hetero 
1 1  G n 
1 2  C n 
1 3  U n 
1 4  G n 
1 5  C n 
1 6  U n 
1 7  G n 
1 8  C n 
1 9  U n 
1 10 G n 
1 11 C n 
1 12 U n 
1 13 G n 
1 14 C n 
1 15 U n 
1 16 G n 
1 17 C n 
1 18 U n 
1 19 G n 
1 20 C n 
1 21 U n 
1 22 G n 
1 23 C n 
1 24 U n 
1 25 G n 
1 26 C n 
# 
_pdbx_entity_src_syn.entity_id              1 
_pdbx_entity_src_syn.pdbx_src_id            1 
_pdbx_entity_src_syn.pdbx_alt_source_flag   sample 
_pdbx_entity_src_syn.pdbx_beg_seq_num       1 
_pdbx_entity_src_syn.pdbx_end_seq_num       26 
_pdbx_entity_src_syn.organism_scientific    'Homo sapiens' 
_pdbx_entity_src_syn.organism_common_name   human 
_pdbx_entity_src_syn.ncbi_taxonomy_id       9606 
_pdbx_entity_src_syn.details                ? 
# 
loop_
_chem_comp.id 
_chem_comp.type 
_chem_comp.mon_nstd_flag 
_chem_comp.name 
_chem_comp.pdbx_synonyms 
_chem_comp.formula 
_chem_comp.formula_weight 
C   'RNA linking' y "CYTIDINE-5'-MONOPHOSPHATE"  ? 'C9 H14 N3 O8 P'  323.197 
G   'RNA linking' y "GUANOSINE-5'-MONOPHOSPHATE" ? 'C10 H14 N5 O8 P' 363.221 
HOH non-polymer   . WATER                        ? 'H2 O'            18.015  
SO4 non-polymer   . 'SULFATE ION'                ? 'O4 S -2'         96.063  
U   'RNA linking' y "URIDINE-5'-MONOPHOSPHATE"   ? 'C9 H13 N2 O9 P'  324.181 
# 
loop_
_pdbx_poly_seq_scheme.asym_id 
_pdbx_poly_seq_scheme.entity_id 
_pdbx_poly_seq_scheme.seq_id 
_pdbx_poly_seq_scheme.mon_id 
_pdbx_poly_seq_scheme.ndb_seq_num 
_pdbx_poly_seq_scheme.pdb_seq_num 
_pdbx_poly_seq_scheme.auth_seq_num 
_pdbx_poly_seq_scheme.pdb_mon_id 
_pdbx_poly_seq_scheme.auth_mon_id 
_pdbx_poly_seq_scheme.pdb_strand_id 
_pdbx_poly_seq_scheme.pdb_ins_code 
_pdbx_poly_seq_scheme.hetero 
A 1 1  G 1  1  1  G G A . n 
A 1 2  C 2  2  2  C C A . n 
A 1 3  U 3  3  3  U U A . n 
A 1 4  G 4  4  4  G G A . n 
A 1 5  C 5  5  5  C C A . n 
A 1 6  U 6  6  6  U U A . n 
A 1 7  G 7  7  7  G G A . n 
A 1 8  C 8  8  8  C C A . n 
A 1 9  U 9  9  9  U U A . n 
A 1 10 G 10 10 10 G G A . n 
A 1 11 C 11 11 11 C C A . n 
A 1 12 U 12 12 12 U U A . n 
A 1 13 G 13 13 13 G G A . n 
A 1 14 C 14 14 14 C C A . n 
A 1 15 U 15 15 15 U U A . n 
A 1 16 G 16 16 16 G G A . n 
A 1 17 C 17 17 17 C C A . n 
A 1 18 U 18 18 18 U U A . n 
A 1 19 G 19 19 19 G G A . n 
A 1 20 C 20 20 20 C C A . n 
A 1 21 U 21 21 21 U U A . n 
A 1 22 G 22 22 22 G G A . n 
A 1 23 C 23 23 23 C C A . n 
A 1 24 U 24 24 24 U U A . n 
A 1 25 G 25 25 25 G G A . n 
A 1 26 C 26 26 26 C C A . n 
# 
loop_
_pdbx_nonpoly_scheme.asym_id 
_pdbx_nonpoly_scheme.entity_id 
_pdbx_nonpoly_scheme.mon_id 
_pdbx_nonpoly_scheme.ndb_seq_num 
_pdbx_nonpoly_scheme.pdb_seq_num 
_pdbx_nonpoly_scheme.auth_seq_num 
_pdbx_nonpoly_scheme.pdb_mon_id 
_pdbx_nonpoly_scheme.auth_mon_id 
_pdbx_nonpoly_scheme.pdb_strand_id 
_pdbx_nonpoly_scheme.pdb_ins_code 
B 2 SO4 1  101 1  SO4 SO4 A . 
C 2 SO4 1  102 2  SO4 SO4 A . 
D 3 HOH 1  201 70 HOH HOH A . 
D 3 HOH 2  202 50 HOH HOH A . 
D 3 HOH 3  203 30 HOH HOH A . 
D 3 HOH 4  204 49 HOH HOH A . 
D 3 HOH 5  205 35 HOH HOH A . 
D 3 HOH 6  206 65 HOH HOH A . 
D 3 HOH 7  207 15 HOH HOH A . 
D 3 HOH 8  208 4  HOH HOH A . 
D 3 HOH 9  209 51 HOH HOH A . 
D 3 HOH 10 210 8  HOH HOH A . 
D 3 HOH 11 211 45 HOH HOH A . 
D 3 HOH 12 212 1  HOH HOH A . 
D 3 HOH 13 213 62 HOH HOH A . 
D 3 HOH 14 214 40 HOH HOH A . 
D 3 HOH 15 215 24 HOH HOH A . 
D 3 HOH 16 216 29 HOH HOH A . 
D 3 HOH 17 217 38 HOH HOH A . 
D 3 HOH 18 218 11 HOH HOH A . 
D 3 HOH 19 219 37 HOH HOH A . 
D 3 HOH 20 220 5  HOH HOH A . 
D 3 HOH 21 221 33 HOH HOH A . 
D 3 HOH 22 222 32 HOH HOH A . 
D 3 HOH 23 223 3  HOH HOH A . 
D 3 HOH 24 224 66 HOH HOH A . 
D 3 HOH 25 225 52 HOH HOH A . 
D 3 HOH 26 226 20 HOH HOH A . 
D 3 HOH 27 227 43 HOH HOH A . 
D 3 HOH 28 228 44 HOH HOH A . 
D 3 HOH 29 229 41 HOH HOH A . 
D 3 HOH 30 230 2  HOH HOH A . 
D 3 HOH 31 231 31 HOH HOH A . 
D 3 HOH 32 232 63 HOH HOH A . 
D 3 HOH 33 233 27 HOH HOH A . 
D 3 HOH 34 234 7  HOH HOH A . 
D 3 HOH 35 235 21 HOH HOH A . 
D 3 HOH 36 236 9  HOH HOH A . 
D 3 HOH 37 237 53 HOH HOH A . 
D 3 HOH 38 238 28 HOH HOH A . 
D 3 HOH 39 239 34 HOH HOH A . 
D 3 HOH 40 240 25 HOH HOH A . 
D 3 HOH 41 241 36 HOH HOH A . 
D 3 HOH 42 242 13 HOH HOH A . 
D 3 HOH 43 243 12 HOH HOH A . 
D 3 HOH 44 244 6  HOH HOH A . 
D 3 HOH 45 245 54 HOH HOH A . 
D 3 HOH 46 246 16 HOH HOH A . 
D 3 HOH 47 247 18 HOH HOH A . 
D 3 HOH 48 248 23 HOH HOH A . 
D 3 HOH 49 249 10 HOH HOH A . 
D 3 HOH 50 250 14 HOH HOH A . 
D 3 HOH 51 251 55 HOH HOH A . 
D 3 HOH 52 252 17 HOH HOH A . 
D 3 HOH 53 253 26 HOH HOH A . 
D 3 HOH 54 254 67 HOH HOH A . 
D 3 HOH 55 255 19 HOH HOH A . 
D 3 HOH 56 256 22 HOH HOH A . 
D 3 HOH 57 257 59 HOH HOH A . 
D 3 HOH 58 258 46 HOH HOH A . 
D 3 HOH 59 259 56 HOH HOH A . 
D 3 HOH 60 260 39 HOH HOH A . 
D 3 HOH 61 261 71 HOH HOH A . 
D 3 HOH 62 262 42 HOH HOH A . 
D 3 HOH 63 263 48 HOH HOH A . 
D 3 HOH 64 264 57 HOH HOH A . 
D 3 HOH 65 265 58 HOH HOH A . 
D 3 HOH 66 266 69 HOH HOH A . 
D 3 HOH 67 267 47 HOH HOH A . 
D 3 HOH 68 268 61 HOH HOH A . 
D 3 HOH 69 269 60 HOH HOH A . 
D 3 HOH 70 270 68 HOH HOH A . 
D 3 HOH 71 271 64 HOH HOH A . 
# 
loop_
_software.citation_id 
_software.classification 
_software.compiler_name 
_software.compiler_version 
_software.contact_author 
_software.contact_author_email 
_software.date 
_software.description 
_software.dependencies 
_software.hardware 
_software.language 
_software.location 
_software.mods 
_software.name 
_software.os 
_software.os_version 
_software.type 
_software.version 
_software.pdbx_ordinal 
? refinement       ? ? ? ? ? ? ? ? ? ? ? REFMAC ? ? ? 5.8.0135 1 
? 'data reduction' ? ? ? ? ? ? ? ? ? ? ? XDS    ? ? ? .        2 
? 'data scaling'   ? ? ? ? ? ? ? ? ? ? ? XDS    ? ? ? .        3 
? phasing          ? ? ? ? ? ? ? ? ? ? ? PHASER ? ? ? .        4 
# 
_cell.angle_alpha                  90.00 
_cell.angle_alpha_esd              ? 
_cell.angle_beta                   90.00 
_cell.angle_beta_esd               ? 
_cell.angle_gamma                  120.00 
_cell.angle_gamma_esd              ? 
_cell.entry_id                     5MWI 
_cell.details                      ? 
_cell.formula_units_Z              ? 
_cell.length_a                     43.514 
_cell.length_a_esd                 ? 
_cell.length_b                     43.514 
_cell.length_b_esd                 ? 
_cell.length_c                     198.101 
_cell.length_c_esd                 ? 
_cell.volume                       ? 
_cell.volume_esd                   ? 
_cell.Z_PDB                        18 
_cell.reciprocal_angle_alpha       ? 
_cell.reciprocal_angle_beta        ? 
_cell.reciprocal_angle_gamma       ? 
_cell.reciprocal_angle_alpha_esd   ? 
_cell.reciprocal_angle_beta_esd    ? 
_cell.reciprocal_angle_gamma_esd   ? 
_cell.reciprocal_length_a          ? 
_cell.reciprocal_length_b          ? 
_cell.reciprocal_length_c          ? 
_cell.reciprocal_length_a_esd      ? 
_cell.reciprocal_length_b_esd      ? 
_cell.reciprocal_length_c_esd      ? 
_cell.pdbx_unique_axis             ? 
# 
_symmetry.entry_id                         5MWI 
_symmetry.cell_setting                     ? 
_symmetry.Int_Tables_number                155 
_symmetry.space_group_name_Hall            ? 
_symmetry.space_group_name_H-M             'H 3 2' 
_symmetry.pdbx_full_space_group_name_H-M   ? 
# 
_exptl.absorpt_coefficient_mu     ? 
_exptl.absorpt_correction_T_max   ? 
_exptl.absorpt_correction_T_min   ? 
_exptl.absorpt_correction_type    ? 
_exptl.absorpt_process_details    ? 
_exptl.entry_id                   5MWI 
_exptl.crystals_number            1 
_exptl.details                    ? 
_exptl.method                     'X-RAY DIFFRACTION' 
_exptl.method_details             ? 
# 
_exptl_crystal.colour                      ? 
_exptl_crystal.density_diffrn              ? 
_exptl_crystal.density_Matthews            2.19 
_exptl_crystal.density_method              ? 
_exptl_crystal.density_percent_sol         43.72 
_exptl_crystal.description                 ? 
_exptl_crystal.F_000                       ? 
_exptl_crystal.id                          1 
_exptl_crystal.preparation                 ? 
_exptl_crystal.size_max                    ? 
_exptl_crystal.size_mid                    ? 
_exptl_crystal.size_min                    ? 
_exptl_crystal.size_rad                    ? 
_exptl_crystal.colour_lustre               ? 
_exptl_crystal.colour_modifier             ? 
_exptl_crystal.colour_primary              ? 
_exptl_crystal.density_meas                ? 
_exptl_crystal.density_meas_esd            ? 
_exptl_crystal.density_meas_gt             ? 
_exptl_crystal.density_meas_lt             ? 
_exptl_crystal.density_meas_temp           ? 
_exptl_crystal.density_meas_temp_esd       ? 
_exptl_crystal.density_meas_temp_gt        ? 
_exptl_crystal.density_meas_temp_lt        ? 
_exptl_crystal.pdbx_crystal_image_url      ? 
_exptl_crystal.pdbx_crystal_image_format   ? 
_exptl_crystal.pdbx_mosaicity              ? 
_exptl_crystal.pdbx_mosaicity_esd          ? 
# 
_exptl_crystal_grow.apparatus       ? 
_exptl_crystal_grow.atmosphere      ? 
_exptl_crystal_grow.crystal_id      1 
_exptl_crystal_grow.details         ? 
_exptl_crystal_grow.method          'VAPOR DIFFUSION, SITTING DROP' 
_exptl_crystal_grow.method_ref      ? 
_exptl_crystal_grow.pH              6.5 
_exptl_crystal_grow.pressure        ? 
_exptl_crystal_grow.pressure_esd    ? 
_exptl_crystal_grow.seeding         ? 
_exptl_crystal_grow.seeding_ref     ? 
_exptl_crystal_grow.temp            292 
_exptl_crystal_grow.temp_details    ? 
_exptl_crystal_grow.temp_esd        ? 
_exptl_crystal_grow.time            ? 
_exptl_crystal_grow.pdbx_details    'magnesium acetate, cacodylate and lithium sulfate' 
_exptl_crystal_grow.pdbx_pH_range   ? 
# 
_diffrn.ambient_environment    ? 
_diffrn.ambient_temp           100 
_diffrn.ambient_temp_details   ? 
_diffrn.ambient_temp_esd       ? 
_diffrn.crystal_id             1 
_diffrn.crystal_support        ? 
_diffrn.crystal_treatment      ? 
_diffrn.details                ? 
_diffrn.id                     1 
_diffrn.ambient_pressure       ? 
_diffrn.ambient_pressure_esd   ? 
_diffrn.ambient_pressure_gt    ? 
_diffrn.ambient_pressure_lt    ? 
_diffrn.ambient_temp_gt        ? 
_diffrn.ambient_temp_lt        ? 
# 
_diffrn_detector.details                      ? 
_diffrn_detector.detector                     CCD 
_diffrn_detector.diffrn_id                    1 
_diffrn_detector.type                         'RAYONIX MX-225' 
_diffrn_detector.area_resol_mean              ? 
_diffrn_detector.dtime                        ? 
_diffrn_detector.pdbx_frames_total            ? 
_diffrn_detector.pdbx_collection_time_total   ? 
_diffrn_detector.pdbx_collection_date         2014-02-18 
# 
_diffrn_radiation.collimation                      ? 
_diffrn_radiation.diffrn_id                        1 
_diffrn_radiation.filter_edge                      ? 
_diffrn_radiation.inhomogeneity                    ? 
_diffrn_radiation.monochromator                    ? 
_diffrn_radiation.polarisn_norm                    ? 
_diffrn_radiation.polarisn_ratio                   ? 
_diffrn_radiation.probe                            ? 
_diffrn_radiation.type                             ? 
_diffrn_radiation.xray_symbol                      ? 
_diffrn_radiation.wavelength_id                    1 
_diffrn_radiation.pdbx_monochromatic_or_laue_m_l   M 
_diffrn_radiation.pdbx_wavelength_list             ? 
_diffrn_radiation.pdbx_wavelength                  ? 
_diffrn_radiation.pdbx_diffrn_protocol             'SINGLE WAVELENGTH' 
_diffrn_radiation.pdbx_analyzer                    ? 
_diffrn_radiation.pdbx_scattering_type             x-ray 
# 
_diffrn_radiation_wavelength.id           1 
_diffrn_radiation_wavelength.wavelength   0.91841 
_diffrn_radiation_wavelength.wt           1.0 
# 
_diffrn_source.current                     ? 
_diffrn_source.details                     ? 
_diffrn_source.diffrn_id                   1 
_diffrn_source.power                       ? 
_diffrn_source.size                        ? 
_diffrn_source.source                      SYNCHROTRON 
_diffrn_source.target                      ? 
_diffrn_source.type                        'BESSY BEAMLINE 14.2' 
_diffrn_source.voltage                     ? 
_diffrn_source.take-off_angle              ? 
_diffrn_source.pdbx_wavelength_list        0.91841 
_diffrn_source.pdbx_wavelength             ? 
_diffrn_source.pdbx_synchrotron_beamline   14.2 
_diffrn_source.pdbx_synchrotron_site       BESSY 
# 
_reflns.B_iso_Wilson_estimate            25 
_reflns.entry_id                         5MWI 
_reflns.data_reduction_details           ? 
_reflns.data_reduction_method            ? 
_reflns.d_resolution_high                1.51 
_reflns.d_resolution_low                 50 
_reflns.details                          ? 
_reflns.limit_h_max                      ? 
_reflns.limit_h_min                      ? 
_reflns.limit_k_max                      ? 
_reflns.limit_k_min                      ? 
_reflns.limit_l_max                      ? 
_reflns.limit_l_min                      ? 
_reflns.number_all                       ? 
_reflns.number_obs                       11846 
_reflns.observed_criterion               ? 
_reflns.observed_criterion_F_max         ? 
_reflns.observed_criterion_F_min         ? 
_reflns.observed_criterion_I_max         ? 
_reflns.observed_criterion_I_min         ? 
_reflns.observed_criterion_sigma_F       ? 
_reflns.observed_criterion_sigma_I       ? 
_reflns.percent_possible_obs             99.9 
_reflns.R_free_details                   ? 
_reflns.Rmerge_F_all                     ? 
_reflns.Rmerge_F_obs                     ? 
_reflns.Friedel_coverage                 ? 
_reflns.number_gt                        ? 
_reflns.threshold_expression             ? 
_reflns.pdbx_redundancy                  7.4 
_reflns.pdbx_Rmerge_I_obs                0.045 
_reflns.pdbx_Rmerge_I_all                ? 
_reflns.pdbx_Rsym_value                  ? 
_reflns.pdbx_netI_over_av_sigmaI         ? 
_reflns.pdbx_netI_over_sigmaI            21.8 
_reflns.pdbx_res_netI_over_av_sigmaI_2   ? 
_reflns.pdbx_res_netI_over_sigmaI_2      ? 
_reflns.pdbx_chi_squared                 ? 
_reflns.pdbx_scaling_rejects             ? 
_reflns.pdbx_d_res_high_opt              ? 
_reflns.pdbx_d_res_low_opt               ? 
_reflns.pdbx_d_res_opt_method            ? 
_reflns.phase_calculation_details        ? 
_reflns.pdbx_Rrim_I_all                  ? 
_reflns.pdbx_Rpim_I_all                  ? 
_reflns.pdbx_d_opt                       ? 
_reflns.pdbx_number_measured_all         ? 
_reflns.pdbx_diffrn_id                   1 
_reflns.pdbx_ordinal                     1 
_reflns.pdbx_CC_half                     0.99 
_reflns.pdbx_R_split                     ? 
# 
_reflns_shell.d_res_high                  1.51 
_reflns_shell.d_res_low                   1.60 
_reflns_shell.meanI_over_sigI_all         ? 
_reflns_shell.meanI_over_sigI_obs         2.1 
_reflns_shell.number_measured_all         ? 
_reflns_shell.number_measured_obs         ? 
_reflns_shell.number_possible             ? 
_reflns_shell.number_unique_all           ? 
_reflns_shell.number_unique_obs           1865 
_reflns_shell.percent_possible_all        99.8 
_reflns_shell.percent_possible_obs        ? 
_reflns_shell.Rmerge_F_all                ? 
_reflns_shell.Rmerge_F_obs                ? 
_reflns_shell.Rmerge_I_all                ? 
_reflns_shell.Rmerge_I_obs                ? 
_reflns_shell.meanI_over_sigI_gt          ? 
_reflns_shell.meanI_over_uI_all           ? 
_reflns_shell.meanI_over_uI_gt            ? 
_reflns_shell.number_measured_gt          ? 
_reflns_shell.number_unique_gt            ? 
_reflns_shell.percent_possible_gt         ? 
_reflns_shell.Rmerge_F_gt                 ? 
_reflns_shell.Rmerge_I_gt                 ? 
_reflns_shell.pdbx_redundancy             7.2 
_reflns_shell.pdbx_Rsym_value             ? 
_reflns_shell.pdbx_chi_squared            ? 
_reflns_shell.pdbx_netI_over_sigmaI_all   ? 
_reflns_shell.pdbx_netI_over_sigmaI_obs   ? 
_reflns_shell.pdbx_Rrim_I_all             ? 
_reflns_shell.pdbx_Rpim_I_all             ? 
_reflns_shell.pdbx_rejects                ? 
_reflns_shell.pdbx_ordinal                1 
_reflns_shell.pdbx_diffrn_id              1 
_reflns_shell.pdbx_CC_half                0.8 
_reflns_shell.pdbx_R_split                ? 
# 
_refine.aniso_B[1][1]                            -1.30 
_refine.aniso_B[1][2]                            -0.65 
_refine.aniso_B[1][3]                            -0.00 
_refine.aniso_B[2][2]                            -1.30 
_refine.aniso_B[2][3]                            -0.00 
_refine.aniso_B[3][3]                            4.20 
_refine.B_iso_max                                ? 
_refine.B_iso_mean                               28.937 
_refine.B_iso_min                                ? 
_refine.correlation_coeff_Fo_to_Fc               0.973 
_refine.correlation_coeff_Fo_to_Fc_free          0.956 
_refine.details                                  'HYDROGENS HAVE BEEN ADDED IN THE RIDING POSITIONS' 
_refine.diff_density_max                         ? 
_refine.diff_density_max_esd                     ? 
_refine.diff_density_min                         ? 
_refine.diff_density_min_esd                     ? 
_refine.diff_density_rms                         ? 
_refine.diff_density_rms_esd                     ? 
_refine.entry_id                                 5MWI 
_refine.pdbx_refine_id                           'X-RAY DIFFRACTION' 
_refine.ls_abs_structure_details                 ? 
_refine.ls_abs_structure_Flack                   ? 
_refine.ls_abs_structure_Flack_esd               ? 
_refine.ls_abs_structure_Rogers                  ? 
_refine.ls_abs_structure_Rogers_esd              ? 
_refine.ls_d_res_high                            1.51 
_refine.ls_d_res_low                             37.02 
_refine.ls_extinction_coef                       ? 
_refine.ls_extinction_coef_esd                   ? 
_refine.ls_extinction_expression                 ? 
_refine.ls_extinction_method                     ? 
_refine.ls_goodness_of_fit_all                   ? 
_refine.ls_goodness_of_fit_all_esd               ? 
_refine.ls_goodness_of_fit_obs                   ? 
_refine.ls_goodness_of_fit_obs_esd               ? 
_refine.ls_hydrogen_treatment                    ? 
_refine.ls_matrix_type                           ? 
_refine.ls_number_constraints                    ? 
_refine.ls_number_parameters                     ? 
_refine.ls_number_reflns_all                     ? 
_refine.ls_number_reflns_obs                     11249 
_refine.ls_number_reflns_R_free                  593 
_refine.ls_number_reflns_R_work                  ? 
_refine.ls_number_restraints                     ? 
_refine.ls_percent_reflns_obs                    99.89 
_refine.ls_percent_reflns_R_free                 5.0 
_refine.ls_R_factor_all                          ? 
_refine.ls_R_factor_obs                          0.19488 
_refine.ls_R_factor_R_free                       0.25621 
_refine.ls_R_factor_R_free_error                 ? 
_refine.ls_R_factor_R_free_error_details         ? 
_refine.ls_R_factor_R_work                       0.19171 
_refine.ls_R_Fsqd_factor_obs                     ? 
_refine.ls_R_I_factor_obs                        ? 
_refine.ls_redundancy_reflns_all                 ? 
_refine.ls_redundancy_reflns_obs                 ? 
_refine.ls_restrained_S_all                      ? 
_refine.ls_restrained_S_obs                      ? 
_refine.ls_shift_over_esd_max                    ? 
_refine.ls_shift_over_esd_mean                   ? 
_refine.ls_structure_factor_coef                 ? 
_refine.ls_weighting_details                     ? 
_refine.ls_weighting_scheme                      ? 
_refine.ls_wR_factor_all                         ? 
_refine.ls_wR_factor_obs                         ? 
_refine.ls_wR_factor_R_free                      ? 
_refine.ls_wR_factor_R_work                      ? 
_refine.occupancy_max                            ? 
_refine.occupancy_min                            ? 
_refine.solvent_model_details                    ? 
_refine.solvent_model_param_bsol                 ? 
_refine.solvent_model_param_ksol                 ? 
_refine.ls_R_factor_gt                           ? 
_refine.ls_goodness_of_fit_gt                    ? 
_refine.ls_goodness_of_fit_ref                   ? 
_refine.ls_shift_over_su_max                     ? 
_refine.ls_shift_over_su_max_lt                  ? 
_refine.ls_shift_over_su_mean                    ? 
_refine.ls_shift_over_su_mean_lt                 ? 
_refine.pdbx_ls_sigma_I                          ? 
_refine.pdbx_ls_sigma_F                          ? 
_refine.pdbx_ls_sigma_Fsqd                       ? 
_refine.pdbx_data_cutoff_high_absF               ? 
_refine.pdbx_data_cutoff_high_rms_absF           ? 
_refine.pdbx_data_cutoff_low_absF                ? 
_refine.pdbx_isotropic_thermal_model             ? 
_refine.pdbx_ls_cross_valid_method               THROUGHOUT 
_refine.pdbx_method_to_determine_struct          'MOLECULAR REPLACEMENT' 
_refine.pdbx_starting_model                      4E48 
_refine.pdbx_stereochemistry_target_values       ? 
_refine.pdbx_R_Free_selection_details            RANDOM 
_refine.pdbx_stereochem_target_val_spec_case     ? 
_refine.pdbx_overall_ESU_R                       0.105 
_refine.pdbx_overall_ESU_R_Free                  0.096 
_refine.pdbx_solvent_vdw_probe_radii             1.20 
_refine.pdbx_solvent_ion_probe_radii             0.80 
_refine.pdbx_solvent_shrinkage_radii             0.80 
_refine.pdbx_real_space_R                        ? 
_refine.pdbx_density_correlation                 ? 
_refine.pdbx_pd_number_of_powder_patterns        ? 
_refine.pdbx_pd_number_of_points                 ? 
_refine.pdbx_pd_meas_number_of_points            ? 
_refine.pdbx_pd_proc_ls_prof_R_factor            ? 
_refine.pdbx_pd_proc_ls_prof_wR_factor           ? 
_refine.pdbx_pd_Marquardt_correlation_coeff      ? 
_refine.pdbx_pd_Fsqrd_R_factor                   ? 
_refine.pdbx_pd_ls_matrix_band_width             ? 
_refine.pdbx_overall_phase_error                 ? 
_refine.pdbx_overall_SU_R_free_Cruickshank_DPI   ? 
_refine.pdbx_overall_SU_R_free_Blow_DPI          ? 
_refine.pdbx_overall_SU_R_Blow_DPI               ? 
_refine.pdbx_TLS_residual_ADP_flag               ? 
_refine.pdbx_diffrn_id                           1 
_refine.overall_SU_B                             6.573 
_refine.overall_SU_ML                            0.099 
_refine.overall_SU_R_Cruickshank_DPI             ? 
_refine.overall_SU_R_free                        ? 
_refine.overall_FOM_free_R_set                   ? 
_refine.overall_FOM_work_R_set                   ? 
_refine.pdbx_average_fsc_overall                 ? 
_refine.pdbx_average_fsc_work                    ? 
_refine.pdbx_average_fsc_free                    ? 
# 
_refine_hist.pdbx_refine_id                   'X-RAY DIFFRACTION' 
_refine_hist.cycle_id                         1 
_refine_hist.pdbx_number_atoms_protein        0 
_refine_hist.pdbx_number_atoms_nucleic_acid   544 
_refine_hist.pdbx_number_atoms_ligand         10 
_refine_hist.number_atoms_solvent             71 
_refine_hist.number_atoms_total               625 
_refine_hist.d_res_high                       1.51 
_refine_hist.d_res_low                        37.02 
# 
loop_
_refine_ls_restr.pdbx_refine_id 
_refine_ls_restr.criterion 
_refine_ls_restr.dev_ideal 
_refine_ls_restr.dev_ideal_target 
_refine_ls_restr.number 
_refine_ls_restr.rejects 
_refine_ls_restr.type 
_refine_ls_restr.weight 
_refine_ls_restr.pdbx_restraint_function 
'X-RAY DIFFRACTION' ? 0.017  0.011  658  ? r_bond_refined_d             ? ? 
'X-RAY DIFFRACTION' ? 0.003  0.020  271  ? r_bond_other_d               ? ? 
'X-RAY DIFFRACTION' ? 2.128  1.310  1027 ? r_angle_refined_deg          ? ? 
'X-RAY DIFFRACTION' ? 1.903  3.000  663  ? r_angle_other_deg            ? ? 
'X-RAY DIFFRACTION' ? ?      ?      ?    ? r_dihedral_angle_1_deg       ? ? 
'X-RAY DIFFRACTION' ? ?      ?      ?    ? r_dihedral_angle_2_deg       ? ? 
'X-RAY DIFFRACTION' ? ?      ?      ?    ? r_dihedral_angle_3_deg       ? ? 
'X-RAY DIFFRACTION' ? ?      ?      ?    ? r_dihedral_angle_4_deg       ? ? 
'X-RAY DIFFRACTION' ? 0.099  0.200  114  ? r_chiral_restr               ? ? 
'X-RAY DIFFRACTION' ? 0.025  0.020  313  ? r_gen_planes_refined         ? ? 
'X-RAY DIFFRACTION' ? 0.016  0.020  136  ? r_gen_planes_other           ? ? 
'X-RAY DIFFRACTION' ? ?      ?      ?    ? r_nbd_refined                ? ? 
'X-RAY DIFFRACTION' ? ?      ?      ?    ? r_nbd_other                  ? ? 
'X-RAY DIFFRACTION' ? ?      ?      ?    ? r_nbtor_refined              ? ? 
'X-RAY DIFFRACTION' ? ?      ?      ?    ? r_nbtor_other                ? ? 
'X-RAY DIFFRACTION' ? ?      ?      ?    ? r_xyhbond_nbd_refined        ? ? 
'X-RAY DIFFRACTION' ? ?      ?      ?    ? r_xyhbond_nbd_other          ? ? 
'X-RAY DIFFRACTION' ? ?      ?      ?    ? r_metal_ion_refined          ? ? 
'X-RAY DIFFRACTION' ? ?      ?      ?    ? r_metal_ion_other            ? ? 
'X-RAY DIFFRACTION' ? ?      ?      ?    ? r_symmetry_vdw_refined       ? ? 
'X-RAY DIFFRACTION' ? ?      ?      ?    ? r_symmetry_vdw_other         ? ? 
'X-RAY DIFFRACTION' ? ?      ?      ?    ? r_symmetry_hbond_refined     ? ? 
'X-RAY DIFFRACTION' ? ?      ?      ?    ? r_symmetry_hbond_other       ? ? 
'X-RAY DIFFRACTION' ? ?      ?      ?    ? r_symmetry_metal_ion_refined ? ? 
'X-RAY DIFFRACTION' ? ?      ?      ?    ? r_symmetry_metal_ion_other   ? ? 
'X-RAY DIFFRACTION' ? ?      ?      ?    ? r_mcbond_it                  ? ? 
'X-RAY DIFFRACTION' ? ?      ?      ?    ? r_mcbond_other               ? ? 
'X-RAY DIFFRACTION' ? ?      ?      ?    ? r_mcangle_it                 ? ? 
'X-RAY DIFFRACTION' ? ?      ?      ?    ? r_mcangle_other              ? ? 
'X-RAY DIFFRACTION' ? 5.078  2.947  657  ? r_scbond_it                  ? ? 
'X-RAY DIFFRACTION' ? 5.067  2.940  648  ? r_scbond_other               ? ? 
'X-RAY DIFFRACTION' ? ?      ?      ?    ? r_scangle_it                 ? ? 
'X-RAY DIFFRACTION' ? 5.951  4.446  1015 ? r_scangle_other              ? ? 
'X-RAY DIFFRACTION' ? 5.982  29.906 847  ? r_long_range_B_refined       ? ? 
'X-RAY DIFFRACTION' ? 6.016  29.688 820  ? r_long_range_B_other         ? ? 
'X-RAY DIFFRACTION' ? 5.539  3.000  928  ? r_rigid_bond_restr           ? ? 
'X-RAY DIFFRACTION' ? 34.954 5.000  22   ? r_sphericity_free            ? ? 
'X-RAY DIFFRACTION' ? 21.028 5.000  914  ? r_sphericity_bonded          ? ? 
# 
_refine_ls_shell.pdbx_refine_id                   'X-RAY DIFFRACTION' 
_refine_ls_shell.d_res_high                       1.510 
_refine_ls_shell.d_res_low                        1.549 
_refine_ls_shell.number_reflns_all                ? 
_refine_ls_shell.number_reflns_obs                ? 
_refine_ls_shell.number_reflns_R_free             42 
_refine_ls_shell.number_reflns_R_work             791 
_refine_ls_shell.percent_reflns_obs               99.64 
_refine_ls_shell.percent_reflns_R_free            ? 
_refine_ls_shell.R_factor_all                     ? 
_refine_ls_shell.R_factor_obs                     ? 
_refine_ls_shell.R_factor_R_free                  0.546 
_refine_ls_shell.R_factor_R_free_error            ? 
_refine_ls_shell.R_factor_R_work                  0.382 
_refine_ls_shell.redundancy_reflns_all            ? 
_refine_ls_shell.redundancy_reflns_obs            ? 
_refine_ls_shell.wR_factor_all                    ? 
_refine_ls_shell.wR_factor_obs                    ? 
_refine_ls_shell.wR_factor_R_free                 ? 
_refine_ls_shell.wR_factor_R_work                 ? 
_refine_ls_shell.pdbx_total_number_of_bins_used   20 
_refine_ls_shell.pdbx_phase_error                 ? 
_refine_ls_shell.pdbx_fsc_work                    ? 
_refine_ls_shell.pdbx_fsc_free                    ? 
# 
_struct.entry_id                     5MWI 
_struct.title                        'Crystal structure of G(CUG)8G duplex' 
_struct.pdbx_model_details           ? 
_struct.pdbx_formula_weight          ? 
_struct.pdbx_formula_weight_method   ? 
_struct.pdbx_model_type_details      ? 
_struct.pdbx_CASP_flag               N 
# 
_struct_keywords.entry_id        5MWI 
_struct_keywords.text            'CUG repeats, RNA, duplex' 
_struct_keywords.pdbx_keywords   RNA 
# 
loop_
_struct_asym.id 
_struct_asym.pdbx_blank_PDB_chainid_flag 
_struct_asym.pdbx_modified 
_struct_asym.entity_id 
_struct_asym.details 
A N N 1 ? 
B N N 2 ? 
C N N 2 ? 
D N N 3 ? 
# 
_struct_ref.id                         1 
_struct_ref.db_name                    PDB 
_struct_ref.db_code                    5MWI 
_struct_ref.pdbx_db_accession          5MWI 
_struct_ref.pdbx_db_isoform            ? 
_struct_ref.entity_id                  1 
_struct_ref.pdbx_seq_one_letter_code   ? 
_struct_ref.pdbx_align_begin           1 
# 
_struct_ref_seq.align_id                      1 
_struct_ref_seq.ref_id                        1 
_struct_ref_seq.pdbx_PDB_id_code              5MWI 
_struct_ref_seq.pdbx_strand_id                A 
_struct_ref_seq.seq_align_beg                 1 
_struct_ref_seq.pdbx_seq_align_beg_ins_code   ? 
_struct_ref_seq.seq_align_end                 26 
_struct_ref_seq.pdbx_seq_align_end_ins_code   ? 
_struct_ref_seq.pdbx_db_accession             5MWI 
_struct_ref_seq.db_align_beg                  1 
_struct_ref_seq.pdbx_db_align_beg_ins_code    ? 
_struct_ref_seq.db_align_end                  26 
_struct_ref_seq.pdbx_db_align_end_ins_code    ? 
_struct_ref_seq.pdbx_auth_seq_align_beg       1 
_struct_ref_seq.pdbx_auth_seq_align_end       26 
# 
_pdbx_struct_assembly.id                   1 
_pdbx_struct_assembly.details              software_defined_assembly 
_pdbx_struct_assembly.method_details       PISA 
_pdbx_struct_assembly.oligomeric_details   dimeric 
_pdbx_struct_assembly.oligomeric_count     2 
# 
loop_
_pdbx_struct_assembly_prop.biol_id 
_pdbx_struct_assembly_prop.type 
_pdbx_struct_assembly_prop.value 
_pdbx_struct_assembly_prop.details 
1 'ABSA (A^2)' 3470 ? 
1 MORE         -89  ? 
1 'SSA (A^2)'  9220 ? 
# 
_pdbx_struct_assembly_gen.assembly_id       1 
_pdbx_struct_assembly_gen.oper_expression   1,2 
_pdbx_struct_assembly_gen.asym_id_list      A,B,C,D 
# 
loop_
_pdbx_struct_oper_list.id 
_pdbx_struct_oper_list.type 
_pdbx_struct_oper_list.name 
_pdbx_struct_oper_list.symmetry_operation 
_pdbx_struct_oper_list.matrix[1][1] 
_pdbx_struct_oper_list.matrix[1][2] 
_pdbx_struct_oper_list.matrix[1][3] 
_pdbx_struct_oper_list.vector[1] 
_pdbx_struct_oper_list.matrix[2][1] 
_pdbx_struct_oper_list.matrix[2][2] 
_pdbx_struct_oper_list.matrix[2][3] 
_pdbx_struct_oper_list.vector[2] 
_pdbx_struct_oper_list.matrix[3][1] 
_pdbx_struct_oper_list.matrix[3][2] 
_pdbx_struct_oper_list.matrix[3][3] 
_pdbx_struct_oper_list.vector[3] 
1 'identity operation'         1_555 x,y,z  1.0000000000  0.0000000000  0.0000000000 0.0000000000  0.0000000000  1.0000000000 0.0000000000  0.0000000000 0.0000000000 0.0000000000  1.0000000000  0.0000000000 
2 'crystal symmetry operation' 4_555 y,x,-z -0.4298776249 -0.8701859769 0.2407936735 -0.6336059290 -0.8701859769 0.3281773659 -0.3675268455 0.3773759857 0.2407936735 -0.3675268455 -0.8982997410 2.8639465377 
# 
loop_
_struct_conn.id 
_struct_conn.conn_type_id 
_struct_conn.pdbx_leaving_atom_flag 
_struct_conn.pdbx_PDB_id 
_struct_conn.ptnr1_label_asym_id 
_struct_conn.ptnr1_label_comp_id 
_struct_conn.ptnr1_label_seq_id 
_struct_conn.ptnr1_label_atom_id 
_struct_conn.pdbx_ptnr1_label_alt_id 
_struct_conn.pdbx_ptnr1_PDB_ins_code 
_struct_conn.pdbx_ptnr1_standard_comp_id 
_struct_conn.ptnr1_symmetry 
_struct_conn.ptnr2_label_asym_id 
_struct_conn.ptnr2_label_comp_id 
_struct_conn.ptnr2_label_seq_id 
_struct_conn.ptnr2_label_atom_id 
_struct_conn.pdbx_ptnr2_label_alt_id 
_struct_conn.pdbx_ptnr2_PDB_ins_code 
_struct_conn.ptnr1_auth_asym_id 
_struct_conn.ptnr1_auth_comp_id 
_struct_conn.ptnr1_auth_seq_id 
_struct_conn.ptnr2_auth_asym_id 
_struct_conn.ptnr2_auth_comp_id 
_struct_conn.ptnr2_auth_seq_id 
_struct_conn.ptnr2_symmetry 
_struct_conn.pdbx_ptnr3_label_atom_id 
_struct_conn.pdbx_ptnr3_label_seq_id 
_struct_conn.pdbx_ptnr3_label_comp_id 
_struct_conn.pdbx_ptnr3_label_asym_id 
_struct_conn.pdbx_ptnr3_label_alt_id 
_struct_conn.pdbx_ptnr3_PDB_ins_code 
_struct_conn.details 
_struct_conn.pdbx_dist_value 
_struct_conn.pdbx_value_order 
_struct_conn.pdbx_role 
hydrog1  hydrog ? ? A G 1  N1 ? ? ? 1_555 A C 26 N3 ? ? A G 1  A C 26 4_555 ? ? ? ? ? ? WATSON-CRICK  ? ? ? 
hydrog2  hydrog ? ? A G 1  N2 ? ? ? 1_555 A C 26 O2 ? ? A G 1  A C 26 4_555 ? ? ? ? ? ? WATSON-CRICK  ? ? ? 
hydrog3  hydrog ? ? A G 1  O6 ? ? ? 1_555 A C 26 N4 ? ? A G 1  A C 26 4_555 ? ? ? ? ? ? WATSON-CRICK  ? ? ? 
hydrog4  hydrog ? ? A C 2  N3 ? ? ? 1_555 A G 25 N1 ? ? A C 2  A G 25 4_555 ? ? ? ? ? ? WATSON-CRICK  ? ? ? 
hydrog5  hydrog ? ? A C 2  N4 ? ? ? 1_555 A G 25 O6 ? ? A C 2  A G 25 4_555 ? ? ? ? ? ? WATSON-CRICK  ? ? ? 
hydrog6  hydrog ? ? A C 2  O2 ? ? ? 1_555 A G 25 N2 ? ? A C 2  A G 25 4_555 ? ? ? ? ? ? WATSON-CRICK  ? ? ? 
hydrog7  hydrog ? ? A U 3  N3 ? ? ? 1_555 A U 24 O2 ? ? A U 3  A U 24 4_555 ? ? ? ? ? ? TYPE_16_PAIR  ? ? ? 
hydrog8  hydrog ? ? A U 3  O4 ? ? ? 1_555 A U 24 N3 ? ? A U 3  A U 24 4_555 ? ? ? ? ? ? TYPE_16_PAIR  ? ? ? 
hydrog9  hydrog ? ? A G 4  N1 ? ? ? 1_555 A C 23 N3 ? ? A G 4  A C 23 4_555 ? ? ? ? ? ? WATSON-CRICK  ? ? ? 
hydrog10 hydrog ? ? A G 4  N2 ? ? ? 1_555 A C 23 O2 ? ? A G 4  A C 23 4_555 ? ? ? ? ? ? WATSON-CRICK  ? ? ? 
hydrog11 hydrog ? ? A G 4  O6 ? ? ? 1_555 A C 23 N4 ? ? A G 4  A C 23 4_555 ? ? ? ? ? ? WATSON-CRICK  ? ? ? 
hydrog12 hydrog ? ? A C 5  N3 ? ? ? 1_555 A G 22 N1 ? ? A C 5  A G 22 4_555 ? ? ? ? ? ? WATSON-CRICK  ? ? ? 
hydrog13 hydrog ? ? A C 5  N4 ? ? ? 1_555 A G 22 O6 ? ? A C 5  A G 22 4_555 ? ? ? ? ? ? WATSON-CRICK  ? ? ? 
hydrog14 hydrog ? ? A C 5  O2 ? ? ? 1_555 A G 22 N2 ? ? A C 5  A G 22 4_555 ? ? ? ? ? ? WATSON-CRICK  ? ? ? 
hydrog15 hydrog ? ? A U 6  O4 ? ? ? 1_555 A U 21 N3 ? ? A U 6  A U 21 4_555 ? ? ? ? ? ? 'U-U MISPAIR' ? ? ? 
hydrog16 hydrog ? ? A G 7  N1 ? ? ? 1_555 A C 20 N3 ? ? A G 7  A C 20 4_555 ? ? ? ? ? ? WATSON-CRICK  ? ? ? 
hydrog17 hydrog ? ? A G 7  N2 ? ? ? 1_555 A C 20 O2 ? ? A G 7  A C 20 4_555 ? ? ? ? ? ? WATSON-CRICK  ? ? ? 
hydrog18 hydrog ? ? A G 7  O6 ? ? ? 1_555 A C 20 N4 ? ? A G 7  A C 20 4_555 ? ? ? ? ? ? WATSON-CRICK  ? ? ? 
hydrog19 hydrog ? ? A C 8  N3 ? ? ? 1_555 A G 19 N1 ? ? A C 8  A G 19 4_555 ? ? ? ? ? ? WATSON-CRICK  ? ? ? 
hydrog20 hydrog ? ? A C 8  N4 ? ? ? 1_555 A G 19 O6 ? ? A C 8  A G 19 4_555 ? ? ? ? ? ? WATSON-CRICK  ? ? ? 
hydrog21 hydrog ? ? A C 8  O2 ? ? ? 1_555 A G 19 N2 ? ? A C 8  A G 19 4_555 ? ? ? ? ? ? WATSON-CRICK  ? ? ? 
hydrog22 hydrog ? ? A U 9  O4 ? ? ? 1_555 A U 18 N3 ? ? A U 9  A U 18 4_555 ? ? ? ? ? ? 'U-U MISPAIR' ? ? ? 
hydrog23 hydrog ? ? A G 10 N1 ? ? ? 1_555 A C 17 N3 ? ? A G 10 A C 17 4_555 ? ? ? ? ? ? WATSON-CRICK  ? ? ? 
hydrog24 hydrog ? ? A G 10 N2 ? ? ? 1_555 A C 17 O2 ? ? A G 10 A C 17 4_555 ? ? ? ? ? ? WATSON-CRICK  ? ? ? 
hydrog25 hydrog ? ? A G 10 O6 ? ? ? 1_555 A C 17 N4 ? ? A G 10 A C 17 4_555 ? ? ? ? ? ? WATSON-CRICK  ? ? ? 
hydrog26 hydrog ? ? A C 11 N3 ? ? ? 1_555 A G 16 N1 ? ? A C 11 A G 16 4_555 ? ? ? ? ? ? WATSON-CRICK  ? ? ? 
hydrog27 hydrog ? ? A C 11 N4 ? ? ? 1_555 A G 16 O6 ? ? A C 11 A G 16 4_555 ? ? ? ? ? ? WATSON-CRICK  ? ? ? 
hydrog28 hydrog ? ? A C 11 O2 ? ? ? 1_555 A G 16 N2 ? ? A C 11 A G 16 4_555 ? ? ? ? ? ? WATSON-CRICK  ? ? ? 
hydrog29 hydrog ? ? A U 12 N3 B ? ? 1_555 A U 15 O4 B ? A U 12 A U 15 4_555 ? ? ? ? ? ? TYPE_12_PAIR  ? ? ? 
hydrog30 hydrog ? ? A U 12 O4 A ? ? 1_555 A U 15 N3 A ? A U 12 A U 15 4_555 ? ? ? ? ? ? TYPE_12_PAIR  ? ? ? 
hydrog31 hydrog ? ? A G 13 N1 ? ? ? 1_555 A C 14 N3 ? ? A G 13 A C 14 4_555 ? ? ? ? ? ? WATSON-CRICK  ? ? ? 
hydrog32 hydrog ? ? A G 13 N2 ? ? ? 1_555 A C 14 O2 ? ? A G 13 A C 14 4_555 ? ? ? ? ? ? WATSON-CRICK  ? ? ? 
hydrog33 hydrog ? ? A G 13 O6 ? ? ? 1_555 A C 14 N4 ? ? A G 13 A C 14 4_555 ? ? ? ? ? ? WATSON-CRICK  ? ? ? 
hydrog34 hydrog ? ? A C 14 N3 ? ? ? 1_555 A G 13 N1 ? ? A C 14 A G 13 4_555 ? ? ? ? ? ? WATSON-CRICK  ? ? ? 
hydrog35 hydrog ? ? A C 14 N4 ? ? ? 1_555 A G 13 O6 ? ? A C 14 A G 13 4_555 ? ? ? ? ? ? WATSON-CRICK  ? ? ? 
hydrog36 hydrog ? ? A C 14 O2 ? ? ? 1_555 A G 13 N2 ? ? A C 14 A G 13 4_555 ? ? ? ? ? ? WATSON-CRICK  ? ? ? 
hydrog37 hydrog ? ? A U 15 N3 A ? ? 1_555 A U 12 O4 A ? A U 15 A U 12 4_555 ? ? ? ? ? ? TYPE_12_PAIR  ? ? ? 
hydrog38 hydrog ? ? A U 15 O4 B ? ? 1_555 A U 12 N3 B ? A U 15 A U 12 4_555 ? ? ? ? ? ? TYPE_12_PAIR  ? ? ? 
hydrog39 hydrog ? ? A G 16 N1 ? ? ? 1_555 A C 11 N3 ? ? A G 16 A C 11 4_555 ? ? ? ? ? ? WATSON-CRICK  ? ? ? 
hydrog40 hydrog ? ? A G 16 N2 ? ? ? 1_555 A C 11 O2 ? ? A G 16 A C 11 4_555 ? ? ? ? ? ? WATSON-CRICK  ? ? ? 
hydrog41 hydrog ? ? A G 16 O6 ? ? ? 1_555 A C 11 N4 ? ? A G 16 A C 11 4_555 ? ? ? ? ? ? WATSON-CRICK  ? ? ? 
hydrog42 hydrog ? ? A C 17 N3 ? ? ? 1_555 A G 10 N1 ? ? A C 17 A G 10 4_555 ? ? ? ? ? ? WATSON-CRICK  ? ? ? 
hydrog43 hydrog ? ? A C 17 N4 ? ? ? 1_555 A G 10 O6 ? ? A C 17 A G 10 4_555 ? ? ? ? ? ? WATSON-CRICK  ? ? ? 
hydrog44 hydrog ? ? A C 17 O2 ? ? ? 1_555 A G 10 N2 ? ? A C 17 A G 10 4_555 ? ? ? ? ? ? WATSON-CRICK  ? ? ? 
hydrog45 hydrog ? ? A U 18 N3 ? ? ? 1_555 A U 9  O4 ? ? A U 18 A U 9  4_555 ? ? ? ? ? ? 'U-U MISPAIR' ? ? ? 
hydrog46 hydrog ? ? A G 19 N1 ? ? ? 1_555 A C 8  N3 ? ? A G 19 A C 8  4_555 ? ? ? ? ? ? WATSON-CRICK  ? ? ? 
hydrog47 hydrog ? ? A G 19 N2 ? ? ? 1_555 A C 8  O2 ? ? A G 19 A C 8  4_555 ? ? ? ? ? ? WATSON-CRICK  ? ? ? 
hydrog48 hydrog ? ? A G 19 O6 ? ? ? 1_555 A C 8  N4 ? ? A G 19 A C 8  4_555 ? ? ? ? ? ? WATSON-CRICK  ? ? ? 
hydrog49 hydrog ? ? A C 20 N3 ? ? ? 1_555 A G 7  N1 ? ? A C 20 A G 7  4_555 ? ? ? ? ? ? WATSON-CRICK  ? ? ? 
hydrog50 hydrog ? ? A C 20 N4 ? ? ? 1_555 A G 7  O6 ? ? A C 20 A G 7  4_555 ? ? ? ? ? ? WATSON-CRICK  ? ? ? 
hydrog51 hydrog ? ? A C 20 O2 ? ? ? 1_555 A G 7  N2 ? ? A C 20 A G 7  4_555 ? ? ? ? ? ? WATSON-CRICK  ? ? ? 
hydrog52 hydrog ? ? A U 21 N3 ? ? ? 1_555 A U 6  O4 ? ? A U 21 A U 6  4_555 ? ? ? ? ? ? 'U-U MISPAIR' ? ? ? 
hydrog53 hydrog ? ? A G 22 N1 ? ? ? 1_555 A C 5  N3 ? ? A G 22 A C 5  4_555 ? ? ? ? ? ? WATSON-CRICK  ? ? ? 
hydrog54 hydrog ? ? A G 22 N2 ? ? ? 1_555 A C 5  O2 ? ? A G 22 A C 5  4_555 ? ? ? ? ? ? WATSON-CRICK  ? ? ? 
hydrog55 hydrog ? ? A G 22 O6 ? ? ? 1_555 A C 5  N4 ? ? A G 22 A C 5  4_555 ? ? ? ? ? ? WATSON-CRICK  ? ? ? 
hydrog56 hydrog ? ? A C 23 N3 ? ? ? 1_555 A G 4  N1 ? ? A C 23 A G 4  4_555 ? ? ? ? ? ? WATSON-CRICK  ? ? ? 
hydrog57 hydrog ? ? A C 23 N4 ? ? ? 1_555 A G 4  O6 ? ? A C 23 A G 4  4_555 ? ? ? ? ? ? WATSON-CRICK  ? ? ? 
hydrog58 hydrog ? ? A C 23 O2 ? ? ? 1_555 A G 4  N2 ? ? A C 23 A G 4  4_555 ? ? ? ? ? ? WATSON-CRICK  ? ? ? 
hydrog59 hydrog ? ? A U 24 N3 ? ? ? 1_555 A U 3  O4 ? ? A U 24 A U 3  4_555 ? ? ? ? ? ? TYPE_16_PAIR  ? ? ? 
hydrog60 hydrog ? ? A U 24 O2 ? ? ? 1_555 A U 3  N3 ? ? A U 24 A U 3  4_555 ? ? ? ? ? ? TYPE_16_PAIR  ? ? ? 
hydrog61 hydrog ? ? A G 25 N1 ? ? ? 1_555 A C 2  N3 ? ? A G 25 A C 2  4_555 ? ? ? ? ? ? WATSON-CRICK  ? ? ? 
hydrog62 hydrog ? ? A G 25 N2 ? ? ? 1_555 A C 2  O2 ? ? A G 25 A C 2  4_555 ? ? ? ? ? ? WATSON-CRICK  ? ? ? 
hydrog63 hydrog ? ? A G 25 O6 ? ? ? 1_555 A C 2  N4 ? ? A G 25 A C 2  4_555 ? ? ? ? ? ? WATSON-CRICK  ? ? ? 
hydrog64 hydrog ? ? A C 26 N3 ? ? ? 1_555 A G 1  N1 ? ? A C 26 A G 1  4_555 ? ? ? ? ? ? WATSON-CRICK  ? ? ? 
hydrog65 hydrog ? ? A C 26 N4 ? ? ? 1_555 A G 1  O6 ? ? A C 26 A G 1  4_555 ? ? ? ? ? ? WATSON-CRICK  ? ? ? 
hydrog66 hydrog ? ? A C 26 O2 ? ? ? 1_555 A G 1  N2 ? ? A C 26 A G 1  4_555 ? ? ? ? ? ? WATSON-CRICK  ? ? ? 
# 
_struct_conn_type.id          hydrog 
_struct_conn_type.criteria    ? 
_struct_conn_type.reference   ? 
# 
loop_
_struct_site.id 
_struct_site.pdbx_evidence_code 
_struct_site.pdbx_auth_asym_id 
_struct_site.pdbx_auth_comp_id 
_struct_site.pdbx_auth_seq_id 
_struct_site.pdbx_auth_ins_code 
_struct_site.pdbx_num_residues 
_struct_site.details 
AC1 Software A SO4 101 ? 7 'binding site for residue SO4 A 101' 
AC2 Software A SO4 102 ? 5 'binding site for residue SO4 A 102' 
# 
loop_
_struct_site_gen.id 
_struct_site_gen.site_id 
_struct_site_gen.pdbx_num_res 
_struct_site_gen.label_comp_id 
_struct_site_gen.label_asym_id 
_struct_site_gen.label_seq_id 
_struct_site_gen.pdbx_auth_ins_code 
_struct_site_gen.auth_comp_id 
_struct_site_gen.auth_asym_id 
_struct_site_gen.auth_seq_id 
_struct_site_gen.label_atom_id 
_struct_site_gen.label_alt_id 
_struct_site_gen.symmetry 
_struct_site_gen.details 
1  AC1 7 G   A 4  ? G   A 4   . ? 1_555  ? 
2  AC1 7 C   A 5  ? C   A 5   . ? 1_555  ? 
3  AC1 7 U   A 21 ? U   A 21  . ? 4_555  ? 
4  AC1 7 G   A 22 ? G   A 22  . ? 4_555  ? 
5  AC1 7 C   A 23 ? C   A 23  . ? 4_555  ? 
6  AC1 7 HOH D .  ? HOH A 202 . ? 1_555  ? 
7  AC1 7 HOH D .  ? HOH A 228 . ? 4_555  ? 
8  AC2 5 G   A 1  ? G   A 1   . ? 1_555  ? 
9  AC2 5 U   A 24 ? U   A 24  . ? 4_555  ? 
10 AC2 5 HOH D .  ? HOH A 201 . ? 1_555  ? 
11 AC2 5 HOH D .  ? HOH A 216 . ? 12_555 ? 
12 AC2 5 HOH D .  ? HOH A 217 . ? 4_555  ? 
# 
_pdbx_validate_close_contact.id               1 
_pdbx_validate_close_contact.PDB_model_num    1 
_pdbx_validate_close_contact.auth_atom_id_1   O 
_pdbx_validate_close_contact.auth_asym_id_1   A 
_pdbx_validate_close_contact.auth_comp_id_1   HOH 
_pdbx_validate_close_contact.auth_seq_id_1    212 
_pdbx_validate_close_contact.PDB_ins_code_1   ? 
_pdbx_validate_close_contact.label_alt_id_1   ? 
_pdbx_validate_close_contact.auth_atom_id_2   O 
_pdbx_validate_close_contact.auth_asym_id_2   A 
_pdbx_validate_close_contact.auth_comp_id_2   HOH 
_pdbx_validate_close_contact.auth_seq_id_2    265 
_pdbx_validate_close_contact.PDB_ins_code_2   ? 
_pdbx_validate_close_contact.label_alt_id_2   ? 
_pdbx_validate_close_contact.dist             1.95 
# 
loop_
_pdbx_validate_rmsd_bond.id 
_pdbx_validate_rmsd_bond.PDB_model_num 
_pdbx_validate_rmsd_bond.auth_atom_id_1 
_pdbx_validate_rmsd_bond.auth_asym_id_1 
_pdbx_validate_rmsd_bond.auth_comp_id_1 
_pdbx_validate_rmsd_bond.auth_seq_id_1 
_pdbx_validate_rmsd_bond.PDB_ins_code_1 
_pdbx_validate_rmsd_bond.label_alt_id_1 
_pdbx_validate_rmsd_bond.auth_atom_id_2 
_pdbx_validate_rmsd_bond.auth_asym_id_2 
_pdbx_validate_rmsd_bond.auth_comp_id_2 
_pdbx_validate_rmsd_bond.auth_seq_id_2 
_pdbx_validate_rmsd_bond.PDB_ins_code_2 
_pdbx_validate_rmsd_bond.label_alt_id_2 
_pdbx_validate_rmsd_bond.bond_value 
_pdbx_validate_rmsd_bond.bond_target_value 
_pdbx_validate_rmsd_bond.bond_deviation 
_pdbx_validate_rmsd_bond.bond_standard_deviation 
_pdbx_validate_rmsd_bond.linker_flag 
1 1 "O5'" A U 12 ? A "C5'" A U 12 ? A 1.359 1.420 -0.061 0.009 N 
2 1 "O3'" A C 17 ? ? P     A U 18 ? ? 1.682 1.607 0.075  0.012 Y 
3 1 "O3'" A U 24 ? ? P     A G 25 ? ? 1.685 1.607 0.078  0.012 Y 
# 
loop_
_pdbx_validate_rmsd_angle.id 
_pdbx_validate_rmsd_angle.PDB_model_num 
_pdbx_validate_rmsd_angle.auth_atom_id_1 
_pdbx_validate_rmsd_angle.auth_asym_id_1 
_pdbx_validate_rmsd_angle.auth_comp_id_1 
_pdbx_validate_rmsd_angle.auth_seq_id_1 
_pdbx_validate_rmsd_angle.PDB_ins_code_1 
_pdbx_validate_rmsd_angle.label_alt_id_1 
_pdbx_validate_rmsd_angle.auth_atom_id_2 
_pdbx_validate_rmsd_angle.auth_asym_id_2 
_pdbx_validate_rmsd_angle.auth_comp_id_2 
_pdbx_validate_rmsd_angle.auth_seq_id_2 
_pdbx_validate_rmsd_angle.PDB_ins_code_2 
_pdbx_validate_rmsd_angle.label_alt_id_2 
_pdbx_validate_rmsd_angle.auth_atom_id_3 
_pdbx_validate_rmsd_angle.auth_asym_id_3 
_pdbx_validate_rmsd_angle.auth_comp_id_3 
_pdbx_validate_rmsd_angle.auth_seq_id_3 
_pdbx_validate_rmsd_angle.PDB_ins_code_3 
_pdbx_validate_rmsd_angle.label_alt_id_3 
_pdbx_validate_rmsd_angle.angle_value 
_pdbx_validate_rmsd_angle.angle_target_value 
_pdbx_validate_rmsd_angle.angle_deviation 
_pdbx_validate_rmsd_angle.angle_standard_deviation 
_pdbx_validate_rmsd_angle.linker_flag 
1 1 "O5'" A C 17 ? ? P A C 17 ? ? OP2 A C 17 ? ? 99.25 105.70 -6.45 0.90 N 
2 1 "O5'" A U 18 ? ? P A U 18 ? ? OP2 A U 18 ? ? 98.58 105.70 -7.12 0.90 N 
# 
loop_
_pdbx_struct_special_symmetry.id 
_pdbx_struct_special_symmetry.PDB_model_num 
_pdbx_struct_special_symmetry.auth_asym_id 
_pdbx_struct_special_symmetry.auth_comp_id 
_pdbx_struct_special_symmetry.auth_seq_id 
_pdbx_struct_special_symmetry.PDB_ins_code 
_pdbx_struct_special_symmetry.label_asym_id 
_pdbx_struct_special_symmetry.label_comp_id 
_pdbx_struct_special_symmetry.label_seq_id 
1 1 A HOH 229 ? D HOH . 
2 1 A HOH 233 ? D HOH . 
3 1 A HOH 239 ? D HOH . 
4 1 A HOH 270 ? D HOH . 
5 1 A HOH 271 ? D HOH . 
# 
_pdbx_distant_solvent_atoms.id                                1 
_pdbx_distant_solvent_atoms.PDB_model_num                     1 
_pdbx_distant_solvent_atoms.auth_atom_id                      O 
_pdbx_distant_solvent_atoms.label_alt_id                      ? 
_pdbx_distant_solvent_atoms.auth_asym_id                      A 
_pdbx_distant_solvent_atoms.auth_comp_id                      HOH 
_pdbx_distant_solvent_atoms.auth_seq_id                       271 
_pdbx_distant_solvent_atoms.PDB_ins_code                      ? 
_pdbx_distant_solvent_atoms.neighbor_macromolecule_distance   6.61 
_pdbx_distant_solvent_atoms.neighbor_ligand_distance          . 
# 
loop_
_chem_comp_atom.comp_id 
_chem_comp_atom.atom_id 
_chem_comp_atom.type_symbol 
_chem_comp_atom.pdbx_aromatic_flag 
_chem_comp_atom.pdbx_stereo_config 
_chem_comp_atom.pdbx_ordinal 
C   OP3    O N N 1   
C   P      P N N 2   
C   OP1    O N N 3   
C   OP2    O N N 4   
C   "O5'"  O N N 5   
C   "C5'"  C N N 6   
C   "C4'"  C N R 7   
C   "O4'"  O N N 8   
C   "C3'"  C N S 9   
C   "O3'"  O N N 10  
C   "C2'"  C N R 11  
C   "O2'"  O N N 12  
C   "C1'"  C N R 13  
C   N1     N N N 14  
C   C2     C N N 15  
C   O2     O N N 16  
C   N3     N N N 17  
C   C4     C N N 18  
C   N4     N N N 19  
C   C5     C N N 20  
C   C6     C N N 21  
C   HOP3   H N N 22  
C   HOP2   H N N 23  
C   "H5'"  H N N 24  
C   "H5''" H N N 25  
C   "H4'"  H N N 26  
C   "H3'"  H N N 27  
C   "HO3'" H N N 28  
C   "H2'"  H N N 29  
C   "HO2'" H N N 30  
C   "H1'"  H N N 31  
C   H41    H N N 32  
C   H42    H N N 33  
C   H5     H N N 34  
C   H6     H N N 35  
G   OP3    O N N 36  
G   P      P N N 37  
G   OP1    O N N 38  
G   OP2    O N N 39  
G   "O5'"  O N N 40  
G   "C5'"  C N N 41  
G   "C4'"  C N R 42  
G   "O4'"  O N N 43  
G   "C3'"  C N S 44  
G   "O3'"  O N N 45  
G   "C2'"  C N R 46  
G   "O2'"  O N N 47  
G   "C1'"  C N R 48  
G   N9     N Y N 49  
G   C8     C Y N 50  
G   N7     N Y N 51  
G   C5     C Y N 52  
G   C6     C N N 53  
G   O6     O N N 54  
G   N1     N N N 55  
G   C2     C N N 56  
G   N2     N N N 57  
G   N3     N N N 58  
G   C4     C Y N 59  
G   HOP3   H N N 60  
G   HOP2   H N N 61  
G   "H5'"  H N N 62  
G   "H5''" H N N 63  
G   "H4'"  H N N 64  
G   "H3'"  H N N 65  
G   "HO3'" H N N 66  
G   "H2'"  H N N 67  
G   "HO2'" H N N 68  
G   "H1'"  H N N 69  
G   H8     H N N 70  
G   H1     H N N 71  
G   H21    H N N 72  
G   H22    H N N 73  
HOH O      O N N 74  
HOH H1     H N N 75  
HOH H2     H N N 76  
SO4 S      S N N 77  
SO4 O1     O N N 78  
SO4 O2     O N N 79  
SO4 O3     O N N 80  
SO4 O4     O N N 81  
U   OP3    O N N 82  
U   P      P N N 83  
U   OP1    O N N 84  
U   OP2    O N N 85  
U   "O5'"  O N N 86  
U   "C5'"  C N N 87  
U   "C4'"  C N R 88  
U   "O4'"  O N N 89  
U   "C3'"  C N S 90  
U   "O3'"  O N N 91  
U   "C2'"  C N R 92  
U   "O2'"  O N N 93  
U   "C1'"  C N R 94  
U   N1     N N N 95  
U   C2     C N N 96  
U   O2     O N N 97  
U   N3     N N N 98  
U   C4     C N N 99  
U   O4     O N N 100 
U   C5     C N N 101 
U   C6     C N N 102 
U   HOP3   H N N 103 
U   HOP2   H N N 104 
U   "H5'"  H N N 105 
U   "H5''" H N N 106 
U   "H4'"  H N N 107 
U   "H3'"  H N N 108 
U   "HO3'" H N N 109 
U   "H2'"  H N N 110 
U   "HO2'" H N N 111 
U   "H1'"  H N N 112 
U   H3     H N N 113 
U   H5     H N N 114 
U   H6     H N N 115 
# 
loop_
_chem_comp_bond.comp_id 
_chem_comp_bond.atom_id_1 
_chem_comp_bond.atom_id_2 
_chem_comp_bond.value_order 
_chem_comp_bond.pdbx_aromatic_flag 
_chem_comp_bond.pdbx_stereo_config 
_chem_comp_bond.pdbx_ordinal 
C   OP3   P      sing N N 1   
C   OP3   HOP3   sing N N 2   
C   P     OP1    doub N N 3   
C   P     OP2    sing N N 4   
C   P     "O5'"  sing N N 5   
C   OP2   HOP2   sing N N 6   
C   "O5'" "C5'"  sing N N 7   
C   "C5'" "C4'"  sing N N 8   
C   "C5'" "H5'"  sing N N 9   
C   "C5'" "H5''" sing N N 10  
C   "C4'" "O4'"  sing N N 11  
C   "C4'" "C3'"  sing N N 12  
C   "C4'" "H4'"  sing N N 13  
C   "O4'" "C1'"  sing N N 14  
C   "C3'" "O3'"  sing N N 15  
C   "C3'" "C2'"  sing N N 16  
C   "C3'" "H3'"  sing N N 17  
C   "O3'" "HO3'" sing N N 18  
C   "C2'" "O2'"  sing N N 19  
C   "C2'" "C1'"  sing N N 20  
C   "C2'" "H2'"  sing N N 21  
C   "O2'" "HO2'" sing N N 22  
C   "C1'" N1     sing N N 23  
C   "C1'" "H1'"  sing N N 24  
C   N1    C2     sing N N 25  
C   N1    C6     sing N N 26  
C   C2    O2     doub N N 27  
C   C2    N3     sing N N 28  
C   N3    C4     doub N N 29  
C   C4    N4     sing N N 30  
C   C4    C5     sing N N 31  
C   N4    H41    sing N N 32  
C   N4    H42    sing N N 33  
C   C5    C6     doub N N 34  
C   C5    H5     sing N N 35  
C   C6    H6     sing N N 36  
G   OP3   P      sing N N 37  
G   OP3   HOP3   sing N N 38  
G   P     OP1    doub N N 39  
G   P     OP2    sing N N 40  
G   P     "O5'"  sing N N 41  
G   OP2   HOP2   sing N N 42  
G   "O5'" "C5'"  sing N N 43  
G   "C5'" "C4'"  sing N N 44  
G   "C5'" "H5'"  sing N N 45  
G   "C5'" "H5''" sing N N 46  
G   "C4'" "O4'"  sing N N 47  
G   "C4'" "C3'"  sing N N 48  
G   "C4'" "H4'"  sing N N 49  
G   "O4'" "C1'"  sing N N 50  
G   "C3'" "O3'"  sing N N 51  
G   "C3'" "C2'"  sing N N 52  
G   "C3'" "H3'"  sing N N 53  
G   "O3'" "HO3'" sing N N 54  
G   "C2'" "O2'"  sing N N 55  
G   "C2'" "C1'"  sing N N 56  
G   "C2'" "H2'"  sing N N 57  
G   "O2'" "HO2'" sing N N 58  
G   "C1'" N9     sing N N 59  
G   "C1'" "H1'"  sing N N 60  
G   N9    C8     sing Y N 61  
G   N9    C4     sing Y N 62  
G   C8    N7     doub Y N 63  
G   C8    H8     sing N N 64  
G   N7    C5     sing Y N 65  
G   C5    C6     sing N N 66  
G   C5    C4     doub Y N 67  
G   C6    O6     doub N N 68  
G   C6    N1     sing N N 69  
G   N1    C2     sing N N 70  
G   N1    H1     sing N N 71  
G   C2    N2     sing N N 72  
G   C2    N3     doub N N 73  
G   N2    H21    sing N N 74  
G   N2    H22    sing N N 75  
G   N3    C4     sing N N 76  
HOH O     H1     sing N N 77  
HOH O     H2     sing N N 78  
SO4 S     O1     doub N N 79  
SO4 S     O2     doub N N 80  
SO4 S     O3     sing N N 81  
SO4 S     O4     sing N N 82  
U   OP3   P      sing N N 83  
U   OP3   HOP3   sing N N 84  
U   P     OP1    doub N N 85  
U   P     OP2    sing N N 86  
U   P     "O5'"  sing N N 87  
U   OP2   HOP2   sing N N 88  
U   "O5'" "C5'"  sing N N 89  
U   "C5'" "C4'"  sing N N 90  
U   "C5'" "H5'"  sing N N 91  
U   "C5'" "H5''" sing N N 92  
U   "C4'" "O4'"  sing N N 93  
U   "C4'" "C3'"  sing N N 94  
U   "C4'" "H4'"  sing N N 95  
U   "O4'" "C1'"  sing N N 96  
U   "C3'" "O3'"  sing N N 97  
U   "C3'" "C2'"  sing N N 98  
U   "C3'" "H3'"  sing N N 99  
U   "O3'" "HO3'" sing N N 100 
U   "C2'" "O2'"  sing N N 101 
U   "C2'" "C1'"  sing N N 102 
U   "C2'" "H2'"  sing N N 103 
U   "O2'" "HO2'" sing N N 104 
U   "C1'" N1     sing N N 105 
U   "C1'" "H1'"  sing N N 106 
U   N1    C2     sing N N 107 
U   N1    C6     sing N N 108 
U   C2    O2     doub N N 109 
U   C2    N3     sing N N 110 
U   N3    C4     sing N N 111 
U   N3    H3     sing N N 112 
U   C4    O4     doub N N 113 
U   C4    C5     sing N N 114 
U   C5    C6     doub N N 115 
U   C5    H5     sing N N 116 
U   C6    H6     sing N N 117 
# 
loop_
_ndb_struct_conf_na.entry_id 
_ndb_struct_conf_na.feature 
5MWI 'a-form double helix'  
5MWI 'mismatched base pair' 
# 
loop_
_ndb_struct_na_base_pair.model_number 
_ndb_struct_na_base_pair.i_label_asym_id 
_ndb_struct_na_base_pair.i_label_comp_id 
_ndb_struct_na_base_pair.i_label_seq_id 
_ndb_struct_na_base_pair.i_symmetry 
_ndb_struct_na_base_pair.j_label_asym_id 
_ndb_struct_na_base_pair.j_label_comp_id 
_ndb_struct_na_base_pair.j_label_seq_id 
_ndb_struct_na_base_pair.j_symmetry 
_ndb_struct_na_base_pair.shear 
_ndb_struct_na_base_pair.stretch 
_ndb_struct_na_base_pair.stagger 
_ndb_struct_na_base_pair.buckle 
_ndb_struct_na_base_pair.propeller 
_ndb_struct_na_base_pair.opening 
_ndb_struct_na_base_pair.pair_number 
_ndb_struct_na_base_pair.pair_name 
_ndb_struct_na_base_pair.i_auth_asym_id 
_ndb_struct_na_base_pair.i_auth_seq_id 
_ndb_struct_na_base_pair.i_PDB_ins_code 
_ndb_struct_na_base_pair.j_auth_asym_id 
_ndb_struct_na_base_pair.j_auth_seq_id 
_ndb_struct_na_base_pair.j_PDB_ins_code 
_ndb_struct_na_base_pair.hbond_type_28 
_ndb_struct_na_base_pair.hbond_type_12 
1 A G 1  1_555 A C 26 4_555 -0.228 -0.089 0.222  0.410  -7.425  1.764   1  A_G1:C26_A  A 1  ? A 26 ? 19 1 
1 A C 2  1_555 A G 25 4_555 0.304  -0.368 -0.038 6.751  -17.178 -0.895  2  A_C2:G25_A  A 2  ? A 25 ? 19 1 
1 A U 3  1_555 A U 24 4_555 -1.867 -1.752 0.142  3.400  -14.277 6.023   3  A_U3:U24_A  A 3  ? A 24 ? 16 1 
1 A G 4  1_555 A C 23 4_555 -0.341 -0.202 -0.061 -4.837 -11.492 -0.920  4  A_G4:C23_A  A 4  ? A 23 ? 19 1 
1 A C 5  1_555 A G 22 4_555 0.287  -0.136 -0.030 -3.960 -10.321 1.412   5  A_C5:G22_A  A 5  ? A 22 ? 19 1 
1 A U 6  1_555 A U 21 4_555 -2.698 -1.215 -0.141 -2.266 -9.700  -29.310 6  A_U6:U21_A  A 6  ? A 21 ? ?  ? 
1 A G 7  1_555 A C 20 4_555 -0.110 -0.135 0.019  -4.479 -8.565  -2.082  7  A_G7:C20_A  A 7  ? A 20 ? 19 1 
1 A C 8  1_555 A G 19 4_555 0.197  -0.131 0.030  0.427  -10.288 1.352   8  A_C8:G19_A  A 8  ? A 19 ? 19 1 
1 A U 9  1_555 A U 18 4_555 -2.866 -1.324 -0.269 0.957  -12.070 -26.262 9  A_U9:U18_A  A 9  ? A 18 ? ?  ? 
1 A G 10 1_555 A C 17 4_555 -0.309 -0.112 0.008  -2.032 -9.570  -2.309  10 A_G10:C17_A A 10 ? A 17 ? 19 1 
1 A C 11 1_555 A G 16 4_555 0.151  -0.142 0.136  -2.707 -8.033  0.215   11 A_C11:G16_A A 11 ? A 16 ? 19 1 
1 A U 12 1_555 A U 15 4_555 -3.104 -1.371 -0.345 -5.248 -10.630 -30.021 12 A_U12:U15_A A 12 ? A 15 ? 12 1 
1 A G 13 1_555 A C 14 4_555 -0.128 -0.119 0.073  -0.611 -4.134  -0.465  13 A_G13:C14_A A 13 ? A 14 ? 19 1 
1 A C 14 1_555 A G 13 4_555 0.128  -0.119 0.073  0.611  -4.134  -0.465  14 A_C14:G13_A A 14 ? A 13 ? 19 1 
1 A U 15 1_555 A U 12 4_555 3.104  -1.371 -0.345 5.248  -10.630 -30.021 15 A_U15:U12_A A 15 ? A 12 ? 12 1 
1 A G 16 1_555 A C 11 4_555 -0.151 -0.142 0.136  2.707  -8.033  0.215   16 A_G16:C11_A A 16 ? A 11 ? 19 1 
1 A C 17 1_555 A G 10 4_555 0.309  -0.112 0.008  2.032  -9.570  -2.309  17 A_C17:G10_A A 17 ? A 10 ? 19 1 
1 A U 18 1_555 A U 9  4_555 2.866  -1.324 -0.269 -0.957 -12.070 -26.262 18 A_U18:U9_A  A 18 ? A 9  ? ?  ? 
1 A G 19 1_555 A C 8  4_555 -0.197 -0.131 0.030  -0.427 -10.288 1.352   19 A_G19:C8_A  A 19 ? A 8  ? 19 1 
1 A C 20 1_555 A G 7  4_555 0.110  -0.135 0.019  4.479  -8.565  -2.082  20 A_C20:G7_A  A 20 ? A 7  ? 19 1 
1 A U 21 1_555 A U 6  4_555 2.698  -1.215 -0.141 2.266  -9.700  -29.310 21 A_U21:U6_A  A 21 ? A 6  ? ?  ? 
1 A G 22 1_555 A C 5  4_555 -0.287 -0.136 -0.030 3.960  -10.321 1.412   22 A_G22:C5_A  A 22 ? A 5  ? 19 1 
1 A C 23 1_555 A G 4  4_555 0.341  -0.202 -0.061 4.837  -11.492 -0.920  23 A_C23:G4_A  A 23 ? A 4  ? 19 1 
1 A U 24 1_555 A U 3  4_555 1.867  -1.752 0.142  -3.400 -14.277 6.023   24 A_U24:U3_A  A 24 ? A 3  ? 16 1 
1 A G 25 1_555 A C 2  4_555 -0.304 -0.368 -0.038 -6.751 -17.178 -0.895  25 A_G25:C2_A  A 25 ? A 2  ? 19 1 
1 A C 26 1_555 A G 1  4_555 0.228  -0.089 0.222  -0.410 -7.425  1.764   26 A_C26:G1_A  A 26 ? A 1  ? 19 1 
# 
loop_
_ndb_struct_na_base_pair_step.model_number 
_ndb_struct_na_base_pair_step.i_label_asym_id_1 
_ndb_struct_na_base_pair_step.i_label_comp_id_1 
_ndb_struct_na_base_pair_step.i_label_seq_id_1 
_ndb_struct_na_base_pair_step.i_symmetry_1 
_ndb_struct_na_base_pair_step.j_label_asym_id_1 
_ndb_struct_na_base_pair_step.j_label_comp_id_1 
_ndb_struct_na_base_pair_step.j_label_seq_id_1 
_ndb_struct_na_base_pair_step.j_symmetry_1 
_ndb_struct_na_base_pair_step.i_label_asym_id_2 
_ndb_struct_na_base_pair_step.i_label_comp_id_2 
_ndb_struct_na_base_pair_step.i_label_seq_id_2 
_ndb_struct_na_base_pair_step.i_symmetry_2 
_ndb_struct_na_base_pair_step.j_label_asym_id_2 
_ndb_struct_na_base_pair_step.j_label_comp_id_2 
_ndb_struct_na_base_pair_step.j_label_seq_id_2 
_ndb_struct_na_base_pair_step.j_symmetry_2 
_ndb_struct_na_base_pair_step.shift 
_ndb_struct_na_base_pair_step.slide 
_ndb_struct_na_base_pair_step.rise 
_ndb_struct_na_base_pair_step.tilt 
_ndb_struct_na_base_pair_step.roll 
_ndb_struct_na_base_pair_step.twist 
_ndb_struct_na_base_pair_step.x_displacement 
_ndb_struct_na_base_pair_step.y_displacement 
_ndb_struct_na_base_pair_step.helical_rise 
_ndb_struct_na_base_pair_step.inclination 
_ndb_struct_na_base_pair_step.tip 
_ndb_struct_na_base_pair_step.helical_twist 
_ndb_struct_na_base_pair_step.step_number 
_ndb_struct_na_base_pair_step.step_name 
_ndb_struct_na_base_pair_step.i_auth_asym_id_1 
_ndb_struct_na_base_pair_step.i_auth_seq_id_1 
_ndb_struct_na_base_pair_step.i_PDB_ins_code_1 
_ndb_struct_na_base_pair_step.j_auth_asym_id_1 
_ndb_struct_na_base_pair_step.j_auth_seq_id_1 
_ndb_struct_na_base_pair_step.j_PDB_ins_code_1 
_ndb_struct_na_base_pair_step.i_auth_asym_id_2 
_ndb_struct_na_base_pair_step.i_auth_seq_id_2 
_ndb_struct_na_base_pair_step.i_PDB_ins_code_2 
_ndb_struct_na_base_pair_step.j_auth_asym_id_2 
_ndb_struct_na_base_pair_step.j_auth_seq_id_2 
_ndb_struct_na_base_pair_step.j_PDB_ins_code_2 
1 A G 1  1_555 A C 26 4_555 A C 2  1_555 A G 25 4_555 -0.774 -1.670 3.038 -0.588 3.497  35.296 -3.206  1.193  2.877 5.750  0.968   
35.468 1  AA_G1C2:G25C26_AA   A 1  ? A 26 ? A 2  ? A 25 ? 
1 A C 2  1_555 A G 25 4_555 A U 3  1_555 A U 24 4_555 0.214  -1.307 3.112 -6.659 17.139 26.058 -5.002  -1.407 1.825 33.253 12.921  
31.800 2  AA_C2U3:U24G25_AA   A 2  ? A 25 ? A 3  ? A 24 ? 
1 A U 3  1_555 A U 24 4_555 A G 4  1_555 A C 23 4_555 -0.841 -0.935 3.535 -3.504 10.306 42.105 -2.324  0.777  3.285 14.064 4.782   
43.427 3  AA_U3G4:C23U24_AA   A 3  ? A 24 ? A 4  ? A 23 ? 
1 A G 4  1_555 A C 23 4_555 A C 5  1_555 A G 22 4_555 0.062  -1.353 3.337 1.671  9.210  33.240 -3.663  0.146  2.871 15.716 -2.851  
34.497 4  AA_G4C5:G22C23_AA   A 4  ? A 23 ? A 5  ? A 22 ? 
1 A C 5  1_555 A G 22 4_555 A U 6  1_555 A U 21 4_555 -1.008 -2.093 3.177 -1.258 14.344 19.705 -8.456  2.082  1.408 36.297 3.183   
24.364 5  AA_C5U6:U21G22_AA   A 5  ? A 22 ? A 6  ? A 21 ? 
1 A U 6  1_555 A U 21 4_555 A G 7  1_555 A C 20 4_555 1.805  -1.800 3.348 0.206  8.028  45.009 -3.005  -2.307 3.009 10.389 -0.267  
45.683 6  AA_U6G7:C20U21_AA   A 6  ? A 21 ? A 7  ? A 20 ? 
1 A G 7  1_555 A C 20 4_555 A C 8  1_555 A G 19 4_555 0.398  -1.645 3.221 1.458  3.237  32.112 -3.509  -0.467 3.059 5.829  -2.625  
32.302 7  AA_G7C8:G19C20_AA   A 7  ? A 20 ? A 8  ? A 19 ? 
1 A C 8  1_555 A G 19 4_555 A U 9  1_555 A U 18 4_555 -1.019 -2.556 3.086 -1.421 10.448 18.020 -10.411 2.359  1.469 30.229 4.113   
20.857 8  AA_C8U9:U18G19_AA   A 8  ? A 19 ? A 9  ? A 18 ? 
1 A U 9  1_555 A U 18 4_555 A G 10 1_555 A C 17 4_555 0.832  -1.739 3.386 -4.724 7.876  46.070 -2.822  -1.428 2.972 9.948  5.966   
46.928 9  AA_U9G10:C17U18_AA  A 9  ? A 18 ? A 10 ? A 17 ? 
1 A G 10 1_555 A C 17 4_555 A C 11 1_555 A G 16 4_555 0.220  -1.769 3.322 -0.781 6.617  33.185 -4.069  -0.499 2.919 11.442 1.351   
33.829 10 AA_G10C11:G16C17_AA A 10 ? A 17 ? A 11 ? A 16 ? 
1 A C 11 1_555 A G 16 4_555 A U 12 1_555 A U 15 4_555 -1.133 -2.368 3.260 0.762  14.199 17.035 -10.115 3.159  0.968 40.045 -2.149  
22.156 11 AA_C11U12:U15G16_AA A 11 ? A 16 ? A 12 ? A 15 ? 
1 A U 12 1_555 A U 15 4_555 A G 13 1_555 A C 14 4_555 2.052  -1.934 3.159 -1.794 5.307  45.135 -2.934  -2.801 2.847 6.883  2.327   
45.463 12 AA_U12G13:C14U15_AA A 12 ? A 15 ? A 13 ? A 14 ? 
1 A G 13 1_555 A C 14 4_555 A C 14 1_555 A G 13 4_555 0.000  -2.128 3.319 0.000  1.058  31.756 -4.081  0.000  3.248 1.932  0.000   
31.773 13 AA_G13C14:G13C14_AA A 13 ? A 14 ? A 14 ? A 13 ? 
1 A C 14 1_555 A G 13 4_555 A U 15 1_555 A U 12 4_555 -2.052 -1.934 3.159 1.794  5.307  45.135 -2.934  2.801  2.847 6.883  -2.327  
45.463 14 AA_C14U15:U12G13_AA A 14 ? A 13 ? A 15 ? A 12 ? 
1 A U 15 1_555 A U 12 4_555 A G 16 1_555 A C 11 4_555 1.133  -2.368 3.260 -0.762 14.199 17.035 -10.115 -3.159 0.968 40.045 2.149   
22.156 15 AA_U15G16:C11U12_AA A 15 ? A 12 ? A 16 ? A 11 ? 
1 A G 16 1_555 A C 11 4_555 A C 17 1_555 A G 10 4_555 -0.220 -1.769 3.322 0.781  6.617  33.185 -4.069  0.499  2.919 11.442 -1.351  
33.829 16 AA_G16C17:G10C11_AA A 16 ? A 11 ? A 17 ? A 10 ? 
1 A C 17 1_555 A G 10 4_555 A U 18 1_555 A U 9  4_555 -0.832 -1.739 3.386 4.724  7.876  46.070 -2.822  1.428  2.972 9.948  -5.966  
46.928 17 AA_C17U18:U9G10_AA  A 17 ? A 10 ? A 18 ? A 9  ? 
1 A U 18 1_555 A U 9  4_555 A G 19 1_555 A C 8  4_555 1.019  -2.556 3.086 1.421  10.448 18.020 -10.411 -2.359 1.469 30.229 -4.113  
20.857 18 AA_U18G19:C8U9_AA   A 18 ? A 9  ? A 19 ? A 8  ? 
1 A G 19 1_555 A C 8  4_555 A C 20 1_555 A G 7  4_555 -0.398 -1.645 3.221 -1.458 3.237  32.112 -3.509  0.467  3.059 5.829  2.625   
32.302 19 AA_G19C20:G7C8_AA   A 19 ? A 8  ? A 20 ? A 7  ? 
1 A C 20 1_555 A G 7  4_555 A U 21 1_555 A U 6  4_555 -1.805 -1.800 3.348 -0.206 8.028  45.009 -3.005  2.307  3.009 10.389 0.267   
45.683 20 AA_C20U21:U6G7_AA   A 20 ? A 7  ? A 21 ? A 6  ? 
1 A U 21 1_555 A U 6  4_555 A G 22 1_555 A C 5  4_555 1.008  -2.093 3.177 1.258  14.344 19.705 -8.456  -2.082 1.408 36.297 -3.183  
24.364 21 AA_U21G22:C5U6_AA   A 21 ? A 6  ? A 22 ? A 5  ? 
1 A G 22 1_555 A C 5  4_555 A C 23 1_555 A G 4  4_555 -0.062 -1.353 3.337 -1.671 9.210  33.240 -3.663  -0.146 2.871 15.716 2.851   
34.497 22 AA_G22C23:G4C5_AA   A 22 ? A 5  ? A 23 ? A 4  ? 
1 A C 23 1_555 A G 4  4_555 A U 24 1_555 A U 3  4_555 0.841  -0.935 3.535 3.504  10.306 42.105 -2.324  -0.777 3.285 14.064 -4.782  
43.427 23 AA_C23U24:U3G4_AA   A 23 ? A 4  ? A 24 ? A 3  ? 
1 A U 24 1_555 A U 3  4_555 A G 25 1_555 A C 2  4_555 -0.214 -1.307 3.112 6.659  17.139 26.058 -5.002  1.407  1.825 33.253 -12.921 
31.800 24 AA_U24G25:C2U3_AA   A 24 ? A 3  ? A 25 ? A 2  ? 
1 A G 25 1_555 A C 2  4_555 A C 26 1_555 A G 1  4_555 0.774  -1.670 3.038 0.588  3.497  35.296 -3.206  -1.193 2.877 5.750  -0.968  
35.468 25 AA_G25C26:G1C2_AA   A 25 ? A 2  ? A 26 ? A 1  ? 
# 
loop_
_pdbx_audit_support.funding_organization 
_pdbx_audit_support.country 
_pdbx_audit_support.grant_number 
_pdbx_audit_support.ordinal 
'National Science Centre'                  Poland UMO-2011/01/B/NZ1/04429 1 
'Ministry of Science and Higher Education' Poland 0450/IP1/2013/72        2 
# 
_pdbx_initial_refinement_model.id               1 
_pdbx_initial_refinement_model.entity_id_list   ? 
_pdbx_initial_refinement_model.type             'experimental model' 
_pdbx_initial_refinement_model.source_name      PDB 
_pdbx_initial_refinement_model.accession_code   4E48 
_pdbx_initial_refinement_model.details          ? 
# 
_atom_sites.entry_id                    5MWI 
_atom_sites.fract_transf_matrix[1][1]   -0.00420657 
_atom_sites.fract_transf_matrix[1][2]   0.02609489 
_atom_sites.fract_transf_matrix[1][3]   0.00235107 
_atom_sites.fract_transf_matrix[2][1]   -0.02033285 
_atom_sites.fract_transf_matrix[2][2]   0.01136018 
_atom_sites.fract_transf_matrix[2][3]   -0.01271537 
_atom_sites.fract_transf_matrix[3][1]   -0.00296771 
_atom_sites.fract_transf_matrix[3][2]   -0.00083848 
_atom_sites.fract_transf_matrix[3][3]   0.00399649 
_atom_sites.fract_transf_vector[1]      0.448437 
_atom_sites.fract_transf_vector[2]      0.467682 
_atom_sites.fract_transf_vector[3]      -0.006505 
# 
loop_
_atom_type.symbol 
C 
N 
O 
P 
S 
# 
loop_
_atom_site.group_PDB 
_atom_site.id 
_atom_site.type_symbol 
_atom_site.label_atom_id 
_atom_site.label_alt_id 
_atom_site.label_comp_id 
_atom_site.label_asym_id 
_atom_site.label_entity_id 
_atom_site.label_seq_id 
_atom_site.pdbx_PDB_ins_code 
_atom_site.Cartn_x 
_atom_site.Cartn_y 
_atom_site.Cartn_z 
_atom_site.occupancy 
_atom_site.B_iso_or_equiv 
_atom_site.pdbx_formal_charge 
_atom_site.auth_seq_id 
_atom_site.auth_comp_id 
_atom_site.auth_asym_id 
_atom_site.auth_atom_id 
_atom_site.pdbx_PDB_model_num 
ATOM   1   O "O5'" . G   A 1 1  ? -15.500 -12.373 21.714  1.00 52.49 ? 1   G   A "O5'" 1 
ATOM   2   C "C5'" . G   A 1 1  ? -16.294 -13.013 20.705  1.00 55.49 ? 1   G   A "C5'" 1 
ATOM   3   C "C4'" . G   A 1 1  ? -17.727 -12.575 20.821  1.00 47.41 ? 1   G   A "C4'" 1 
ATOM   4   O "O4'" . G   A 1 1  ? -18.193 -12.772 22.194  1.00 51.40 ? 1   G   A "O4'" 1 
ATOM   5   C "C3'" . G   A 1 1  ? -18.025 -11.111 20.548  1.00 38.73 ? 1   G   A "C3'" 1 
ATOM   6   O "O3'" . G   A 1 1  ? -18.162 -10.924 19.129  1.00 43.58 ? 1   G   A "O3'" 1 
ATOM   7   C "C2'" . G   A 1 1  ? -19.376 -10.955 21.246  1.00 35.87 ? 1   G   A "C2'" 1 
ATOM   8   O "O2'" . G   A 1 1  ? -20.477 -11.459 20.528  1.00 44.30 ? 1   G   A "O2'" 1 
ATOM   9   C "C1'" . G   A 1 1  ? -19.153 -11.779 22.516  1.00 42.66 ? 1   G   A "C1'" 1 
ATOM   10  N N9    . G   A 1 1  ? -18.657 -11.010 23.655  1.00 35.11 ? 1   G   A N9    1 
ATOM   11  C C8    . G   A 1 1  ? -17.479 -11.201 24.340  1.00 29.53 ? 1   G   A C8    1 
ATOM   12  N N7    . G   A 1 1  ? -17.274 -10.308 25.263  1.00 33.32 ? 1   G   A N7    1 
ATOM   13  C C5    . G   A 1 1  ? -18.454 -9.576  25.291  1.00 36.20 ? 1   G   A C5    1 
ATOM   14  C C6    . G   A 1 1  ? -18.846 -8.511  26.131  1.00 33.85 ? 1   G   A C6    1 
ATOM   15  O O6    . G   A 1 1  ? -18.248 -8.036  27.117  1.00 37.41 ? 1   G   A O6    1 
ATOM   16  N N1    . G   A 1 1  ? -20.066 -7.979  25.738  1.00 33.51 ? 1   G   A N1    1 
ATOM   17  C C2    . G   A 1 1  ? -20.852 -8.467  24.716  1.00 38.95 ? 1   G   A C2    1 
ATOM   18  N N2    . G   A 1 1  ? -22.027 -7.847  24.513  1.00 42.50 ? 1   G   A N2    1 
ATOM   19  N N3    . G   A 1 1  ? -20.491 -9.461  23.921  1.00 33.35 ? 1   G   A N3    1 
ATOM   20  C C4    . G   A 1 1  ? -19.299 -9.973  24.275  1.00 36.17 ? 1   G   A C4    1 
ATOM   21  P P     . C   A 1 2  ? -17.733 -9.584  18.353  1.00 47.45 ? 2   C   A P     1 
ATOM   22  O OP1   . C   A 1 2  ? -17.691 -9.925  16.911  1.00 61.94 ? 2   C   A OP1   1 
ATOM   23  O OP2   . C   A 1 2  ? -16.546 -8.985  19.044  1.00 43.34 ? 2   C   A OP2   1 
ATOM   24  O "O5'" . C   A 1 2  ? -18.958 -8.597  18.622  1.00 51.06 ? 2   C   A "O5'" 1 
ATOM   25  C "C5'" . C   A 1 2  ? -20.277 -8.826  18.091  1.00 50.77 ? 2   C   A "C5'" 1 
ATOM   26  C "C4'" . C   A 1 2  ? -21.213 -7.850  18.751  1.00 40.66 ? 2   C   A "C4'" 1 
ATOM   27  O "O4'" . C   A 1 2  ? -21.189 -8.064  20.200  1.00 40.49 ? 2   C   A "O4'" 1 
ATOM   28  C "C3'" . C   A 1 2  ? -20.821 -6.381  18.623  1.00 41.40 ? 2   C   A "C3'" 1 
ATOM   29  O "O3'" . C   A 1 2  ? -21.238 -5.752  17.435  1.00 54.76 ? 2   C   A "O3'" 1 
ATOM   30  C "C2'" . C   A 1 2  ? -21.573 -5.757  19.779  1.00 43.45 ? 2   C   A "C2'" 1 
ATOM   31  O "O2'" . C   A 1 2  ? -22.967 -5.650  19.554  1.00 48.02 ? 2   C   A "O2'" 1 
ATOM   32  C "C1'" . C   A 1 2  ? -21.352 -6.816  20.850  1.00 46.64 ? 2   C   A "C1'" 1 
ATOM   33  N N1    . C   A 1 2  ? -20.225 -6.578  21.770  1.00 42.38 ? 2   C   A N1    1 
ATOM   34  C C2    . C   A 1 2  ? -20.418 -5.645  22.791  1.00 39.31 ? 2   C   A C2    1 
ATOM   35  O O2    . C   A 1 2  ? -21.503 -5.045  22.856  1.00 39.82 ? 2   C   A O2    1 
ATOM   36  N N3    . C   A 1 2  ? -19.468 -5.498  23.739  1.00 38.02 ? 2   C   A N3    1 
ATOM   37  C C4    . C   A 1 2  ? -18.330 -6.186  23.653  1.00 34.44 ? 2   C   A C4    1 
ATOM   38  N N4    . C   A 1 2  ? -17.406 -5.976  24.585  1.00 32.80 ? 2   C   A N4    1 
ATOM   39  C C5    . C   A 1 2  ? -18.099 -7.132  22.612  1.00 35.31 ? 2   C   A C5    1 
ATOM   40  C C6    . C   A 1 2  ? -19.062 -7.295  21.702  1.00 39.29 ? 2   C   A C6    1 
ATOM   41  P P     . U   A 1 3  ? -20.365 -4.608  16.817  1.00 40.57 ? 3   U   A P     1 
ATOM   42  O OP1   . U   A 1 3  ? -21.039 -4.257  15.578  1.00 38.63 ? 3   U   A OP1   1 
ATOM   43  O OP2   . U   A 1 3  ? -18.976 -5.000  16.869  1.00 39.70 ? 3   U   A OP2   1 
ATOM   44  O "O5'" . U   A 1 3  ? -20.524 -3.359  17.809  1.00 44.07 ? 3   U   A "O5'" 1 
ATOM   45  C "C5'" . U   A 1 3  ? -21.796 -2.648  17.855  1.00 48.53 ? 3   U   A "C5'" 1 
ATOM   46  C "C4'" . U   A 1 3  ? -21.743 -1.455  18.776  1.00 39.16 ? 3   U   A "C4'" 1 
ATOM   47  O "O4'" . U   A 1 3  ? -21.472 -1.913  20.126  1.00 42.56 ? 3   U   A "O4'" 1 
ATOM   48  C "C3'" . U   A 1 3  ? -20.628 -0.453  18.533  1.00 37.35 ? 3   U   A "C3'" 1 
ATOM   49  O "O3'" . U   A 1 3  ? -20.761 0.457   17.465  1.00 54.69 ? 3   U   A "O3'" 1 
ATOM   50  C "C2'" . U   A 1 3  ? -20.566 0.261   19.884  1.00 46.06 ? 3   U   A "C2'" 1 
ATOM   51  O "O2'" . U   A 1 3  ? -21.623 1.107   20.297  1.00 43.50 ? 3   U   A "O2'" 1 
ATOM   52  C "C1'" . U   A 1 3  ? -20.748 -0.912  20.827  1.00 41.19 ? 3   U   A "C1'" 1 
ATOM   53  N N1    . U   A 1 3  ? -19.577 -1.509  21.490  1.00 38.42 ? 3   U   A N1    1 
ATOM   54  C C2    . U   A 1 3  ? -19.120 -0.863  22.628  1.00 40.18 ? 3   U   A C2    1 
ATOM   55  O O2    . U   A 1 3  ? -19.582 0.199   23.022  1.00 41.79 ? 3   U   A O2    1 
ATOM   56  N N3    . U   A 1 3  ? -18.080 -1.490  23.270  1.00 36.90 ? 3   U   A N3    1 
ATOM   57  C C4    . U   A 1 3  ? -17.517 -2.710  22.959  1.00 38.36 ? 3   U   A C4    1 
ATOM   58  O O4    . U   A 1 3  ? -16.601 -3.153  23.663  1.00 54.80 ? 3   U   A O4    1 
ATOM   59  C C5    . U   A 1 3  ? -18.042 -3.323  21.771  1.00 41.25 ? 3   U   A C5    1 
ATOM   60  C C6    . U   A 1 3  ? -19.044 -2.729  21.104  1.00 38.56 ? 3   U   A C6    1 
ATOM   61  P P     . G   A 1 4  ? -19.451 0.895   16.674  1.00 44.46 ? 4   G   A P     1 
ATOM   62  O OP1   . G   A 1 4  ? -19.852 1.586   15.453  1.00 53.74 ? 4   G   A OP1   1 
ATOM   63  O OP2   . G   A 1 4  ? -18.554 -0.261  16.592  1.00 39.42 ? 4   G   A OP2   1 
ATOM   64  O "O5'" . G   A 1 4  ? -18.813 2.062   17.550  1.00 40.51 ? 4   G   A "O5'" 1 
ATOM   65  C "C5'" . G   A 1 4  ? -19.407 3.364   17.655  1.00 39.67 ? 4   G   A "C5'" 1 
ATOM   66  C "C4'" . G   A 1 4  ? -18.723 4.120   18.769  1.00 35.18 ? 4   G   A "C4'" 1 
ATOM   67  O "O4'" . G   A 1 4  ? -18.884 3.361   20.009  1.00 37.12 ? 4   G   A "O4'" 1 
ATOM   68  C "C3'" . G   A 1 4  ? -17.219 4.277   18.647  1.00 33.88 ? 4   G   A "C3'" 1 
ATOM   69  O "O3'" . G   A 1 4  ? -16.982 5.290   17.635  1.00 37.15 ? 4   G   A "O3'" 1 
ATOM   70  C "C2'" . G   A 1 4  ? -16.835 4.556   20.092  1.00 35.88 ? 4   G   A "C2'" 1 
ATOM   71  O "O2'" . G   A 1 4  ? -17.129 5.848   20.585  1.00 36.36 ? 4   G   A "O2'" 1 
ATOM   72  C "C1'" . G   A 1 4  ? -17.708 3.515   20.797  1.00 36.86 ? 4   G   A "C1'" 1 
ATOM   73  N N9    . G   A 1 4  ? -17.049 2.218   20.910  1.00 29.25 ? 4   G   A N9    1 
ATOM   74  C C8    . G   A 1 4  ? -17.259 1.081   20.166  1.00 31.13 ? 4   G   A C8    1 
ATOM   75  N N7    . G   A 1 4  ? -16.486 0.087   20.520  1.00 30.09 ? 4   G   A N7    1 
ATOM   76  C C5    . G   A 1 4  ? -15.749 0.588   21.581  1.00 25.91 ? 4   G   A C5    1 
ATOM   77  C C6    . G   A 1 4  ? -14.825 -0.061  22.439  1.00 29.28 ? 4   G   A C6    1 
ATOM   78  O O6    . G   A 1 4  ? -14.398 -1.243  22.372  1.00 28.71 ? 4   G   A O6    1 
ATOM   79  N N1    . G   A 1 4  ? -14.297 0.828   23.381  1.00 25.28 ? 4   G   A N1    1 
ATOM   80  C C2    . G   A 1 4  ? -14.696 2.140   23.542  1.00 30.70 ? 4   G   A C2    1 
ATOM   81  N N2    . G   A 1 4  ? -14.102 2.833   24.524  1.00 30.92 ? 4   G   A N2    1 
ATOM   82  N N3    . G   A 1 4  ? -15.613 2.730   22.786  1.00 28.40 ? 4   G   A N3    1 
ATOM   83  C C4    . G   A 1 4  ? -16.111 1.895   21.855  1.00 28.78 ? 4   G   A C4    1 
ATOM   84  P P     . C   A 1 5  ? -15.653 5.324   16.786  1.00 38.02 ? 5   C   A P     1 
ATOM   85  O OP1   . C   A 1 5  ? -15.748 6.517   15.917  1.00 40.83 ? 5   C   A OP1   1 
ATOM   86  O OP2   . C   A 1 5  ? -15.412 3.958   16.233  1.00 37.21 ? 5   C   A OP2   1 
ATOM   87  O "O5'" . C   A 1 5  ? -14.529 5.510   17.901  1.00 33.96 ? 5   C   A "O5'" 1 
ATOM   88  C "C5'" . C   A 1 5  ? -14.370 6.724   18.617  1.00 28.17 ? 5   C   A "C5'" 1 
ATOM   89  C "C4'" . C   A 1 5  ? -13.248 6.595   19.605  1.00 29.46 ? 5   C   A "C4'" 1 
ATOM   90  O "O4'" . C   A 1 5  ? -13.550 5.646   20.686  1.00 32.30 ? 5   C   A "O4'" 1 
ATOM   91  C "C3'" . C   A 1 5  ? -11.906 6.126   19.074  1.00 26.27 ? 5   C   A "C3'" 1 
ATOM   92  O "O3'" . C   A 1 5  ? -11.312 7.220   18.342  1.00 29.17 ? 5   C   A "O3'" 1 
ATOM   93  C "C2'" . C   A 1 5  ? -11.195 5.721   20.354  1.00 24.63 ? 5   C   A "C2'" 1 
ATOM   94  O "O2'" . C   A 1 5  ? -10.702 6.837   21.094  1.00 25.42 ? 5   C   A "O2'" 1 
ATOM   95  C "C1'" . C   A 1 5  ? -12.345 5.012   21.077  1.00 26.83 ? 5   C   A "C1'" 1 
ATOM   96  N N1    . C   A 1 5  ? -12.405 3.596   20.726  1.00 26.49 ? 5   C   A N1    1 
ATOM   97  C C2    . C   A 1 5  ? -11.613 2.706   21.461  1.00 22.89 ? 5   C   A C2    1 
ATOM   98  O O2    . C   A 1 5  ? -10.854 3.152   22.340  1.00 30.19 ? 5   C   A O2    1 
ATOM   99  N N3    . C   A 1 5  ? -11.646 1.392   21.157  1.00 24.00 ? 5   C   A N3    1 
ATOM   100 C C4    . C   A 1 5  ? -12.452 0.948   20.198  1.00 26.46 ? 5   C   A C4    1 
ATOM   101 N N4    . C   A 1 5  ? -12.458 -0.363  19.959  1.00 23.15 ? 5   C   A N4    1 
ATOM   102 C C5    . C   A 1 5  ? -13.234 1.834   19.398  1.00 24.44 ? 5   C   A C5    1 
ATOM   103 C C6    . C   A 1 5  ? -13.215 3.136   19.725  1.00 25.94 ? 5   C   A C6    1 
ATOM   104 P P     . U   A 1 6  ? -10.111 6.897   17.314  1.00 28.91 ? 6   U   A P     1 
ATOM   105 O OP1   . U   A 1 6  ? -9.896  8.219   16.592  1.00 33.89 ? 6   U   A OP1   1 
ATOM   106 O OP2   . U   A 1 6  ? -10.416 5.670   16.526  1.00 27.54 ? 6   U   A OP2   1 
ATOM   107 O "O5'" . U   A 1 6  ? -8.905  6.549   18.269  1.00 29.48 ? 6   U   A "O5'" 1 
ATOM   108 C "C5'" . U   A 1 6  ? -7.959  5.563   17.959  1.00 29.65 ? 6   U   A "C5'" 1 
ATOM   109 C "C4'" . U   A 1 6  ? -6.963  5.510   19.109  1.00 38.20 ? 6   U   A "C4'" 1 
ATOM   110 O "O4'" . U   A 1 6  ? -7.600  4.892   20.250  1.00 34.10 ? 6   U   A "O4'" 1 
ATOM   111 C "C3'" . U   A 1 6  ? -5.772  4.617   18.837  1.00 35.22 ? 6   U   A "C3'" 1 
ATOM   112 O "O3'" . U   A 1 6  ? -4.860  5.375   18.105  1.00 34.94 ? 6   U   A "O3'" 1 
ATOM   113 C "C2'" . U   A 1 6  ? -5.358  4.195   20.242  1.00 32.96 ? 6   U   A "C2'" 1 
ATOM   114 O "O2'" . U   A 1 6  ? -4.628  5.110   21.011  1.00 46.10 ? 6   U   A "O2'" 1 
ATOM   115 C "C1'" . U   A 1 6  ? -6.726  3.987   20.865  1.00 34.26 ? 6   U   A "C1'" 1 
ATOM   116 N N1    . U   A 1 6  ? -7.139  2.616   20.582  1.00 28.61 ? 6   U   A N1    1 
ATOM   117 C C2    . U   A 1 6  ? -6.383  1.649   21.224  1.00 35.45 ? 6   U   A C2    1 
ATOM   118 O O2    . U   A 1 6  ? -5.445  1.915   21.951  1.00 39.75 ? 6   U   A O2    1 
ATOM   119 N N3    . U   A 1 6  ? -6.772  0.367   20.985  1.00 27.72 ? 6   U   A N3    1 
ATOM   120 C C4    . U   A 1 6  ? -7.798  -0.058  20.151  1.00 30.81 ? 6   U   A C4    1 
ATOM   121 O O4    . U   A 1 6  ? -7.997  -1.266  20.007  1.00 40.10 ? 6   U   A O4    1 
ATOM   122 C C5    . U   A 1 6  ? -8.570  0.997   19.564  1.00 32.20 ? 6   U   A C5    1 
ATOM   123 C C6    . U   A 1 6  ? -8.205  2.273   19.779  1.00 32.58 ? 6   U   A C6    1 
ATOM   124 P P     . G   A 1 7  ? -4.182  4.786   16.773  1.00 32.70 ? 7   G   A P     1 
ATOM   125 O OP1   . G   A 1 7  ? -3.149  5.835   16.450  1.00 37.83 ? 7   G   A OP1   1 
ATOM   126 O OP2   . G   A 1 7  ? -5.212  4.441   15.788  1.00 32.68 ? 7   G   A OP2   1 
ATOM   127 O "O5'" . G   A 1 7  ? -3.475  3.476   17.246  1.00 26.54 ? 7   G   A "O5'" 1 
ATOM   128 C "C5'" . G   A 1 7  ? -2.424  3.587   18.156  1.00 26.09 ? 7   G   A "C5'" 1 
ATOM   129 C "C4'" . G   A 1 7  ? -2.036  2.214   18.570  1.00 25.39 ? 7   G   A "C4'" 1 
ATOM   130 O "O4'" . G   A 1 7  ? -3.093  1.606   19.417  1.00 26.35 ? 7   G   A "O4'" 1 
ATOM   131 C "C3'" . G   A 1 7  ? -1.816  1.187   17.464  1.00 25.92 ? 7   G   A "C3'" 1 
ATOM   132 O "O3'" . G   A 1 7  ? -0.533  1.401   16.903  1.00 25.34 ? 7   G   A "O3'" 1 
ATOM   133 C "C2'" . G   A 1 7  ? -1.916  -0.099  18.269  1.00 25.35 ? 7   G   A "C2'" 1 
ATOM   134 O "O2'" . G   A 1 7  ? -0.776  -0.368  19.050  1.00 29.35 ? 7   G   A "O2'" 1 
ATOM   135 C "C1'" . G   A 1 7  ? -3.139  0.222   19.157  1.00 25.01 ? 7   G   A "C1'" 1 
ATOM   136 N N9    . G   A 1 7  ? -4.372  -0.087  18.450  1.00 22.78 ? 7   G   A N9    1 
ATOM   137 C C8    . G   A 1 7  ? -5.246  0.760   17.807  1.00 23.06 ? 7   G   A C8    1 
ATOM   138 N N7    . G   A 1 7  ? -6.274  0.140   17.294  1.00 23.24 ? 7   G   A N7    1 
ATOM   139 C C5    . G   A 1 7  ? -6.039  -1.199  17.569  1.00 20.47 ? 7   G   A C5    1 
ATOM   140 C C6    . G   A 1 7  ? -6.790  -2.358  17.220  1.00 26.05 ? 7   G   A C6    1 
ATOM   141 O O6    . G   A 1 7  ? -7.856  -2.425  16.594  1.00 24.53 ? 7   G   A O6    1 
ATOM   142 N N1    . G   A 1 7  ? -6.173  -3.523  17.677  1.00 21.42 ? 7   G   A N1    1 
ATOM   143 C C2    . G   A 1 7  ? -4.981  -3.567  18.374  1.00 22.60 ? 7   G   A C2    1 
ATOM   144 N N2    . G   A 1 7  ? -4.528  -4.789  18.707  1.00 23.77 ? 7   G   A N2    1 
ATOM   145 N N3    . G   A 1 7  ? -4.282  -2.495  18.710  1.00 20.10 ? 7   G   A N3    1 
ATOM   146 C C4    . G   A 1 7  ? -4.875  -1.354  18.296  1.00 20.75 ? 7   G   A C4    1 
ATOM   147 P P     . C   A 1 8  ? -0.207  0.999   15.334  1.00 26.52 ? 8   C   A P     1 
ATOM   148 O OP1   . C   A 1 8  ? 1.141   1.547   15.073  1.00 26.70 ? 8   C   A OP1   1 
ATOM   149 O OP2   . C   A 1 8  ? -1.329  1.393   14.546  1.00 24.31 ? 8   C   A OP2   1 
ATOM   150 O "O5'" . C   A 1 8  ? -0.172  -0.559  15.263  1.00 27.42 ? 8   C   A "O5'" 1 
ATOM   151 C "C5'" . C   A 1 8  ? 0.703   -1.275  16.125  1.00 31.03 ? 8   C   A "C5'" 1 
ATOM   152 C "C4'" . C   A 1 8  ? 0.358   -2.737  16.085  1.00 28.67 ? 8   C   A "C4'" 1 
ATOM   153 O "O4'" . C   A 1 8  ? -0.916  -2.953  16.766  1.00 29.06 ? 8   C   A "O4'" 1 
ATOM   154 C "C3'" . C   A 1 8  ? 0.156   -3.327  14.696  1.00 35.32 ? 8   C   A "C3'" 1 
ATOM   155 O "O3'" . C   A 1 8  ? 1.455   -3.507  14.083  1.00 39.01 ? 8   C   A "O3'" 1 
ATOM   156 C "C2'" . C   A 1 8  ? -0.664  -4.565  15.036  1.00 27.69 ? 8   C   A "C2'" 1 
ATOM   157 O "O2'" . C   A 1 8  ? 0.111   -5.577  15.612  1.00 32.64 ? 8   C   A "O2'" 1 
ATOM   158 C "C1'" . C   A 1 8  ? -1.619  -3.999  16.104  1.00 29.05 ? 8   C   A "C1'" 1 
ATOM   159 N N1    . C   A 1 8  ? -2.874  -3.502  15.472  1.00 27.17 ? 8   C   A N1    1 
ATOM   160 C C2    . C   A 1 8  ? -3.873  -4.437  15.190  1.00 21.19 ? 8   C   A C2    1 
ATOM   161 O O2    . C   A 1 8  ? -3.626  -5.650  15.359  1.00 29.67 ? 8   C   A O2    1 
ATOM   162 N N3    . C   A 1 8  ? -4.986  -4.024  14.546  1.00 22.25 ? 8   C   A N3    1 
ATOM   163 C C4    . C   A 1 8  ? -5.176  -2.722  14.302  1.00 23.62 ? 8   C   A C4    1 
ATOM   164 N N4    . C   A 1 8  ? -6.302  -2.361  13.692  1.00 24.54 ? 8   C   A N4    1 
ATOM   165 C C5    . C   A 1 8  ? -4.172  -1.755  14.572  1.00 21.22 ? 8   C   A C5    1 
ATOM   166 C C6    . C   A 1 8  ? -3.070  -2.178  15.189  1.00 24.14 ? 8   C   A C6    1 
ATOM   167 P P     . U   A 1 9  ? 1.566   -3.874  12.550  1.00 34.44 ? 9   U   A P     1 
ATOM   168 O OP1   . U   A 1 9  ? 3.005   -3.958  12.191  1.00 41.63 ? 9   U   A OP1   1 
ATOM   169 O OP2   . U   A 1 9  ? 0.706   -2.929  11.785  1.00 38.31 ? 9   U   A OP2   1 
ATOM   170 O "O5'" . U   A 1 9  ? 0.905   -5.299  12.573  1.00 31.82 ? 9   U   A "O5'" 1 
ATOM   171 C "C5'" . U   A 1 9  ? 0.383   -5.860  11.412  1.00 35.22 ? 9   U   A "C5'" 1 
ATOM   172 C "C4'" . U   A 1 9  ? -0.069  -7.223  11.805  1.00 30.31 ? 9   U   A "C4'" 1 
ATOM   173 O "O4'" . U   A 1 9  ? -1.275  -7.131  12.673  1.00 30.58 ? 9   U   A "O4'" 1 
ATOM   174 C "C3'" . U   A 1 9  ? -0.496  -7.988  10.585  1.00 33.10 ? 9   U   A "C3'" 1 
ATOM   175 O "O3'" . U   A 1 9  ? 0.603   -8.564  9.851   1.00 29.60 ? 9   U   A "O3'" 1 
ATOM   176 C "C2'" . U   A 1 9  ? -1.516  -8.963  11.142  1.00 26.78 ? 9   U   A "C2'" 1 
ATOM   177 O "O2'" . U   A 1 9  ? -0.848  -10.101 11.582  1.00 28.71 ? 9   U   A "O2'" 1 
ATOM   178 C "C1'" . U   A 1 9  ? -2.202  -8.116  12.233  1.00 28.96 ? 9   U   A "C1'" 1 
ATOM   179 N N1    . U   A 1 9  ? -3.450  -7.471  11.754  1.00 29.39 ? 9   U   A N1    1 
ATOM   180 C C2    . U   A 1 9  ? -4.500  -8.317  11.404  1.00 25.97 ? 9   U   A C2    1 
ATOM   181 O O2    . U   A 1 9  ? -4.416  -9.533  11.444  1.00 34.14 ? 9   U   A O2    1 
ATOM   182 N N3    . U   A 1 9  ? -5.624  -7.689  10.938  1.00 26.72 ? 9   U   A N3    1 
ATOM   183 C C4    . U   A 1 9  ? -5.873  -6.328  10.892  1.00 27.81 ? 9   U   A C4    1 
ATOM   184 O O4    . U   A 1 9  ? -6.973  -5.917  10.445  1.00 24.49 ? 9   U   A O4    1 
ATOM   185 C C5    . U   A 1 9  ? -4.743  -5.513  11.277  1.00 20.67 ? 9   U   A C5    1 
ATOM   186 C C6    . U   A 1 9  ? -3.613  -6.103  11.724  1.00 24.41 ? 9   U   A C6    1 
ATOM   187 P P     . G   A 1 10 ? 0.536   -8.508  8.221   1.00 29.78 ? 10  G   A P     1 
ATOM   188 O OP1   . G   A 1 10 ? 1.726   -9.244  7.756   1.00 34.63 ? 10  G   A OP1   1 
ATOM   189 O OP2   . G   A 1 10 ? 0.326   -7.133  7.926   1.00 29.29 ? 10  G   A OP2   1 
ATOM   190 O "O5'" . G   A 1 10 ? -0.795  -9.312  7.897   1.00 26.74 ? 10  G   A "O5'" 1 
ATOM   191 C "C5'" . G   A 1 10 ? -0.909  -10.743 7.905   1.00 27.81 ? 10  G   A "C5'" 1 
ATOM   192 C "C4'" . G   A 1 10 ? -2.270  -11.132 7.410   1.00 21.68 ? 10  G   A "C4'" 1 
ATOM   193 O "O4'" . G   A 1 10 ? -3.314  -10.597 8.263   1.00 26.42 ? 10  G   A "O4'" 1 
ATOM   194 C "C3'" . G   A 1 10 ? -2.683  -10.572 6.033   1.00 24.24 ? 10  G   A "C3'" 1 
ATOM   195 O "O3'" . G   A 1 10 ? -2.090  -11.380 5.071   1.00 31.81 ? 10  G   A "O3'" 1 
ATOM   196 C "C2'" . G   A 1 10 ? -4.198  -10.748 6.056   1.00 26.10 ? 10  G   A "C2'" 1 
ATOM   197 O "O2'" . G   A 1 10 ? -4.641  -12.100 5.962   1.00 32.02 ? 10  G   A "O2'" 1 
ATOM   198 C "C1'" . G   A 1 10 ? -4.449  -10.290 7.482   1.00 29.69 ? 10  G   A "C1'" 1 
ATOM   199 N N9    . G   A 1 10 ? -4.668  -8.863  7.580   1.00 25.66 ? 10  G   A N9    1 
ATOM   200 C C8    . G   A 1 10 ? -3.783  -7.907  8.003   1.00 21.39 ? 10  G   A C8    1 
ATOM   201 N N7    . G   A 1 10 ? -4.305  -6.711  8.028   1.00 27.18 ? 10  G   A N7    1 
ATOM   202 C C5    . G   A 1 10 ? -5.583  -6.881  7.490   1.00 23.22 ? 10  G   A C5    1 
ATOM   203 C C6    . G   A 1 10 ? -6.609  -5.930  7.233   1.00 22.87 ? 10  G   A C6    1 
ATOM   204 O O6    . G   A 1 10 ? -6.606  -4.700  7.490   1.00 24.46 ? 10  G   A O6    1 
ATOM   205 N N1    . G   A 1 10 ? -7.705  -6.514  6.581   1.00 19.70 ? 10  G   A N1    1 
ATOM   206 C C2    . G   A 1 10 ? -7.835  -7.865  6.312   1.00 21.57 ? 10  G   A C2    1 
ATOM   207 N N2    . G   A 1 10 ? -9.010  -8.283  5.757   1.00 25.17 ? 10  G   A N2    1 
ATOM   208 N N3    . G   A 1 10 ? -6.898  -8.763  6.604   1.00 23.95 ? 10  G   A N3    1 
ATOM   209 C C4    . G   A 1 10 ? -5.800  -8.196  7.161   1.00 21.97 ? 10  G   A C4    1 
ATOM   210 P P     . C   A 1 11 ? -1.644  -10.699 3.623   1.00 27.85 ? 11  C   A P     1 
ATOM   211 O OP1   . C   A 1 11 ? -1.013  -11.776 2.836   1.00 33.27 ? 11  C   A OP1   1 
ATOM   212 O OP2   . C   A 1 11 ? -1.029  -9.375  3.878   1.00 24.23 ? 11  C   A OP2   1 
ATOM   213 O "O5'" . C   A 1 11 ? -3.050  -10.281 2.991   1.00 23.88 ? 11  C   A "O5'" 1 
ATOM   214 C "C5'" . C   A 1 11 ? -3.938  -11.297 2.525   1.00 22.43 ? 11  C   A "C5'" 1 
ATOM   215 C "C4'" . C   A 1 11 ? -5.171  -10.686 1.955   1.00 25.27 ? 11  C   A "C4'" 1 
ATOM   216 O "O4'" . C   A 1 11 ? -5.920  -10.030 3.013   1.00 22.09 ? 11  C   A "O4'" 1 
ATOM   217 C "C3'" . C   A 1 11 ? -4.982  -9.541  0.967   1.00 20.46 ? 11  C   A "C3'" 1 
ATOM   218 O "O3'" . C   A 1 11 ? -4.633  -10.157 -0.262  1.00 22.25 ? 11  C   A "O3'" 1 
ATOM   219 C "C2'" . C   A 1 11 ? -6.363  -8.925  0.985   1.00 19.92 ? 11  C   A "C2'" 1 
ATOM   220 O "O2'" . C   A 1 11 ? -7.315  -9.698  0.332   1.00 20.19 ? 11  C   A "O2'" 1 
ATOM   221 C "C1'" . C   A 1 11 ? -6.637  -8.923  2.494   1.00 19.89 ? 11  C   A "C1'" 1 
ATOM   222 N N1    . C   A 1 11 ? -6.170  -7.642  3.127   1.00 19.83 ? 11  C   A N1    1 
ATOM   223 C C2    . C   A 1 11 ? -6.971  -6.498  2.974   1.00 18.89 ? 11  C   A C2    1 
ATOM   224 O O2    . C   A 1 11 ? -8.023  -6.586  2.347   1.00 22.29 ? 11  C   A O2    1 
ATOM   225 N N3    . C   A 1 11 ? -6.599  -5.342  3.566   1.00 18.48 ? 11  C   A N3    1 
ATOM   226 C C4    . C   A 1 11 ? -5.403  -5.253  4.155   1.00 18.43 ? 11  C   A C4    1 
ATOM   227 N N4    . C   A 1 11 ? -5.065  -4.074  4.689   1.00 20.91 ? 11  C   A N4    1 
ATOM   228 C C5    . C   A 1 11 ? -4.541  -6.388  4.292   1.00 17.18 ? 11  C   A C5    1 
ATOM   229 C C6    . C   A 1 11 ? -4.949  -7.548  3.736   1.00 18.38 ? 11  C   A C6    1 
ATOM   230 P P     A U   A 1 12 ? -3.857  -9.212  -1.388  0.50 22.78 ? 12  U   A P     1 
ATOM   231 P P     B U   A 1 12 ? -3.810  -9.263  -1.392  0.50 23.42 ? 12  U   A P     1 
ATOM   232 O OP1   A U   A 1 12 ? -3.438  -10.134 -2.518  0.50 24.44 ? 12  U   A OP1   1 
ATOM   233 O OP1   B U   A 1 12 ? -3.198  -10.255 -2.359  0.50 24.05 ? 12  U   A OP1   1 
ATOM   234 O OP2   A U   A 1 12 ? -2.835  -8.360  -0.708  0.50 21.70 ? 12  U   A OP2   1 
ATOM   235 O OP2   B U   A 1 12 ? -2.941  -8.254  -0.719  0.50 22.39 ? 12  U   A OP2   1 
ATOM   236 O "O5'" A U   A 1 12 ? -5.028  -8.239  -1.782  0.50 24.38 ? 12  U   A "O5'" 1 
ATOM   237 O "O5'" B U   A 1 12 ? -4.956  -8.462  -2.126  0.50 25.11 ? 12  U   A "O5'" 1 
ATOM   238 C "C5'" A U   A 1 12 ? -5.002  -7.287  -2.751  0.50 21.46 ? 12  U   A "C5'" 1 
ATOM   239 C "C5'" B U   A 1 12 ? -5.065  -7.083  -1.930  0.50 28.68 ? 12  U   A "C5'" 1 
ATOM   240 C "C4'" A U   A 1 12 ? -6.393  -6.731  -2.919  0.50 26.27 ? 12  U   A "C4'" 1 
ATOM   241 C "C4'" B U   A 1 12 ? -6.362  -6.635  -2.532  0.50 32.00 ? 12  U   A "C4'" 1 
ATOM   242 O "O4'" A U   A 1 12 ? -7.065  -6.455  -1.643  0.50 24.87 ? 12  U   A "O4'" 1 
ATOM   243 O "O4'" B U   A 1 12 ? -7.328  -6.412  -1.461  0.50 27.59 ? 12  U   A "O4'" 1 
ATOM   244 C "C3'" A U   A 1 12 ? -6.383  -5.371  -3.541  0.50 25.40 ? 12  U   A "C3'" 1 
ATOM   245 C "C3'" B U   A 1 12 ? -6.216  -5.324  -3.282  0.50 25.30 ? 12  U   A "C3'" 1 
ATOM   246 O "O3'" A U   A 1 12 ? -5.975  -5.630  -4.859  0.50 28.47 ? 12  U   A "O3'" 1 
ATOM   247 O "O3'" B U   A 1 12 ? -6.006  -5.564  -4.698  0.50 30.84 ? 12  U   A "O3'" 1 
ATOM   248 C "C2'" A U   A 1 12 ? -7.813  -4.943  -3.287  0.50 29.36 ? 12  U   A "C2'" 1 
ATOM   249 C "C2'" B U   A 1 12 ? -7.459  -4.549  -2.839  0.50 29.24 ? 12  U   A "C2'" 1 
ATOM   250 O "O2'" A U   A 1 12 ? -8.726  -5.585  -4.150  0.50 29.91 ? 12  U   A "O2'" 1 
ATOM   251 O "O2'" B U   A 1 12 ? -8.624  -4.875  -3.571  0.50 27.35 ? 12  U   A "O2'" 1 
ATOM   252 C "C1'" A U   A 1 12 ? -7.959  -5.358  -1.823  0.50 27.76 ? 12  U   A "C1'" 1 
ATOM   253 C "C1'" B U   A 1 12 ? -7.642  -5.042  -1.402  0.50 28.32 ? 12  U   A "C1'" 1 
ATOM   254 N N1    A U   A 1 12 ? -7.564  -4.224  -0.970  0.50 20.55 ? 12  U   A N1    1 
ATOM   255 N N1    B U   A 1 12 ? -6.777  -4.375  -0.408  0.50 22.50 ? 12  U   A N1    1 
ATOM   256 C C2    A U   A 1 12 ? -8.320  -3.071  -1.079  0.50 20.78 ? 12  U   A C2    1 
ATOM   257 C C2    B U   A 1 12 ? -7.118  -3.084  -0.049  0.50 20.92 ? 12  U   A C2    1 
ATOM   258 O O2    A U   A 1 12 ? -9.290  -2.985  -1.826  0.50 22.23 ? 12  U   A O2    1 
ATOM   259 O O2    B U   A 1 12 ? -8.096  -2.507  -0.504  0.50 27.47 ? 12  U   A O2    1 
ATOM   260 N N3    A U   A 1 12 ? -7.897  -2.026  -0.288  0.50 19.82 ? 12  U   A N3    1 
ATOM   261 N N3    B U   A 1 12 ? -6.264  -2.489  0.852   0.50 23.44 ? 12  U   A N3    1 
ATOM   262 C C4    A U   A 1 12 ? -6.824  -2.019  0.594   0.50 21.15 ? 12  U   A C4    1 
ATOM   263 C C4    B U   A 1 12 ? -5.136  -3.048  1.430   0.50 20.90 ? 12  U   A C4    1 
ATOM   264 O O4    A U   A 1 12 ? -6.542  -0.981  1.217   0.50 23.91 ? 12  U   A O4    1 
ATOM   265 O O4    B U   A 1 12 ? -4.453  -2.376  2.205   0.50 25.72 ? 12  U   A O4    1 
ATOM   266 C C5    A U   A 1 12 ? -6.091  -3.260  0.645   0.50 20.55 ? 12  U   A C5    1 
ATOM   267 C C5    B U   A 1 12 ? -4.854  -4.379  1.008   0.50 20.41 ? 12  U   A C5    1 
ATOM   268 C C6    A U   A 1 12 ? -6.486  -4.293  -0.109  0.50 19.28 ? 12  U   A C6    1 
ATOM   269 C C6    B U   A 1 12 ? -5.668  -4.990  0.133   0.50 20.30 ? 12  U   A C6    1 
ATOM   270 P P     . G   A 1 13 ? -4.817  -4.714  -5.495  1.00 25.96 ? 13  G   A P     1 
ATOM   271 O OP1   . G   A 1 13 ? -4.783  -5.108  -6.982  1.00 29.61 ? 13  G   A OP1   1 
ATOM   272 O OP2   . G   A 1 13 ? -3.630  -4.762  -4.709  1.00 29.36 ? 13  G   A OP2   1 
ATOM   273 O "O5'" . G   A 1 13 ? -5.248  -3.213  -5.326  1.00 20.20 ? 13  G   A "O5'" 1 
ATOM   274 C "C5'" . G   A 1 13 ? -6.330  -2.729  -6.105  1.00 19.33 ? 13  G   A "C5'" 1 
ATOM   275 C "C4'" . G   A 1 13 ? -6.741  -1.366  -5.684  1.00 17.90 ? 13  G   A "C4'" 1 
ATOM   276 O "O4'" . G   A 1 13 ? -7.211  -1.402  -4.271  1.00 18.56 ? 13  G   A "O4'" 1 
ATOM   277 C "C3'" . G   A 1 13 ? -5.664  -0.297  -5.601  1.00 19.99 ? 13  G   A "C3'" 1 
ATOM   278 O "O3'" . G   A 1 13 ? -5.550  0.149   -6.933  1.00 20.87 ? 13  G   A "O3'" 1 
ATOM   279 C "C2'" . G   A 1 13 ? -6.365  0.752   -4.743  1.00 18.00 ? 13  G   A "C2'" 1 
ATOM   280 O "O2'" . G   A 1 13 ? -7.503  1.321   -5.328  1.00 20.57 ? 13  G   A "O2'" 1 
ATOM   281 C "C1'" . G   A 1 13 ? -6.874  -0.185  -3.647  1.00 17.87 ? 13  G   A "C1'" 1 
ATOM   282 N N9    . G   A 1 13 ? -5.847  -0.407  -2.614  1.00 18.00 ? 13  G   A N9    1 
ATOM   283 C C8    . G   A 1 13 ? -5.083  -1.523  -2.370  1.00 18.84 ? 13  G   A C8    1 
ATOM   284 N N7    . G   A 1 13 ? -4.229  -1.356  -1.395  1.00 17.44 ? 13  G   A N7    1 
ATOM   285 C C5    . G   A 1 13 ? -4.515  -0.095  -0.910  1.00 17.19 ? 13  G   A C5    1 
ATOM   286 C C6    . G   A 1 13 ? -3.881  0.654   0.123   1.00 17.57 ? 13  G   A C6    1 
ATOM   287 O O6    . G   A 1 13 ? -3.012  0.274   0.909   1.00 20.53 ? 13  G   A O6    1 
ATOM   288 N N1    . G   A 1 13 ? -4.377  1.968   0.191   1.00 19.37 ? 13  G   A N1    1 
ATOM   289 C C2    . G   A 1 13 ? -5.359  2.490   -0.639  1.00 16.24 ? 13  G   A C2    1 
ATOM   290 N N2    . G   A 1 13 ? -5.744  3.775   -0.425  1.00 19.04 ? 13  G   A N2    1 
ATOM   291 N N3    . G   A 1 13 ? -5.983  1.770   -1.585  1.00 16.88 ? 13  G   A N3    1 
ATOM   292 C C4    . G   A 1 13 ? -5.480  0.522   -1.685  1.00 16.91 ? 13  G   A C4    1 
ATOM   293 P P     . C   A 1 14 ? -4.138  0.850   -7.375  1.00 21.05 ? 14  C   A P     1 
ATOM   294 O OP1   . C   A 1 14 ? -4.206  1.067   -8.851  1.00 24.26 ? 14  C   A OP1   1 
ATOM   295 O OP2   . C   A 1 14 ? -2.999  0.083   -6.801  1.00 23.14 ? 14  C   A OP2   1 
ATOM   296 O "O5'" . C   A 1 14 ? -4.142  2.250   -6.639  1.00 19.05 ? 14  C   A "O5'" 1 
ATOM   297 C "C5'" . C   A 1 14 ? -5.122  3.257   -6.946  1.00 22.97 ? 14  C   A "C5'" 1 
ATOM   298 C "C4'" . C   A 1 14 ? -4.980  4.458   -6.026  1.00 24.29 ? 14  C   A "C4'" 1 
ATOM   299 O "O4'" . C   A 1 14 ? -5.212  4.015   -4.667  1.00 21.32 ? 14  C   A "O4'" 1 
ATOM   300 C "C3'" . C   A 1 14 ? -3.581  5.080   -5.925  1.00 23.14 ? 14  C   A "C3'" 1 
ATOM   301 O "O3'" . C   A 1 14 ? -3.464  5.907   -7.090  1.00 28.35 ? 14  C   A "O3'" 1 
ATOM   302 C "C2'" . C   A 1 14 ? -3.724  5.871   -4.667  1.00 21.92 ? 14  C   A "C2'" 1 
ATOM   303 O "O2'" . C   A 1 14 ? -4.591  7.004   -4.788  1.00 27.69 ? 14  C   A "O2'" 1 
ATOM   304 C "C1'" . C   A 1 14 ? -4.400  4.784   -3.790  1.00 20.29 ? 14  C   A "C1'" 1 
ATOM   305 N N1    . C   A 1 14 ? -3.425  3.904   -3.099  1.00 20.40 ? 14  C   A N1    1 
ATOM   306 C C2    . C   A 1 14 ? -2.702  4.440   -2.014  1.00 17.01 ? 14  C   A C2    1 
ATOM   307 O O2    . C   A 1 14 ? -2.958  5.595   -1.644  1.00 22.53 ? 14  C   A O2    1 
ATOM   308 N N3    . C   A 1 14 ? -1.809  3.659   -1.365  1.00 18.49 ? 14  C   A N3    1 
ATOM   309 C C4    . C   A 1 14 ? -1.597  2.400   -1.784  1.00 17.42 ? 14  C   A C4    1 
ATOM   310 N N4    . C   A 1 14 ? -0.731  1.647   -1.117  1.00 19.90 ? 14  C   A N4    1 
ATOM   311 C C5    . C   A 1 14 ? -2.283  1.852   -2.901  1.00 17.07 ? 14  C   A C5    1 
ATOM   312 C C6    . C   A 1 14 ? -3.169  2.634   -3.531  1.00 17.04 ? 14  C   A C6    1 
ATOM   313 P P     A U   A 1 15 ? -2.025  6.414   -7.597  0.50 27.63 ? 15  U   A P     1 
ATOM   314 P P     B U   A 1 15 ? -1.992  6.207   -7.669  0.50 28.70 ? 15  U   A P     1 
ATOM   315 O OP1   A U   A 1 15 ? -2.257  7.337   -8.735  0.50 29.79 ? 15  U   A OP1   1 
ATOM   316 O OP1   B U   A 1 15 ? -2.167  6.704   -9.044  0.50 34.29 ? 15  U   A OP1   1 
ATOM   317 O OP2   A U   A 1 15 ? -1.169  5.214   -7.735  0.50 25.10 ? 15  U   A OP2   1 
ATOM   318 O OP2   B U   A 1 15 ? -1.115  5.039   -7.428  0.50 28.35 ? 15  U   A OP2   1 
ATOM   319 O "O5'" A U   A 1 15 ? -1.457  7.256   -6.369  0.50 26.53 ? 15  U   A "O5'" 1 
ATOM   320 O "O5'" B U   A 1 15 ? -1.448  7.297   -6.648  0.50 24.77 ? 15  U   A "O5'" 1 
ATOM   321 C "C5'" A U   A 1 15 ? -1.938  8.576   -6.130  0.50 26.96 ? 15  U   A "C5'" 1 
ATOM   322 C "C5'" B U   A 1 15 ? -2.167  8.496   -6.395  0.50 28.89 ? 15  U   A "C5'" 1 
ATOM   323 C "C4'" A U   A 1 15 ? -1.237  9.165   -4.934  0.50 23.54 ? 15  U   A "C4'" 1 
ATOM   324 C "C4'" B U   A 1 15 ? -1.517  9.232   -5.257  0.50 27.38 ? 15  U   A "C4'" 1 
ATOM   325 O "O4'" A U   A 1 15 ? -1.460  8.345   -3.741  0.50 23.32 ? 15  U   A "O4'" 1 
ATOM   326 O "O4'" B U   A 1 15 ? -1.741  8.554   -3.977  0.50 26.96 ? 15  U   A "O4'" 1 
ATOM   327 C "C3'" A U   A 1 15 ? 0.275   9.289   -5.013  0.50 22.73 ? 15  U   A "C3'" 1 
ATOM   328 C "C3'" B U   A 1 15 ? -0.002  9.377   -5.264  0.50 28.81 ? 15  U   A "C3'" 1 
ATOM   329 O "O3'" A U   A 1 15 ? 0.587   10.372  -5.918  0.50 24.21 ? 15  U   A "O3'" 1 
ATOM   330 O "O3'" B U   A 1 15 ? 0.516   10.441  -6.048  0.50 26.64 ? 15  U   A "O3'" 1 
ATOM   331 C "C2'" A U   A 1 15 ? 0.604   9.512   -3.542  0.50 18.50 ? 15  U   A "C2'" 1 
ATOM   332 C "C2'" B U   A 1 15 ? 0.202   9.911   -3.862  0.50 22.83 ? 15  U   A "C2'" 1 
ATOM   333 O "O2'" A U   A 1 15 ? 0.212   10.767  -3.066  0.50 20.36 ? 15  U   A "O2'" 1 
ATOM   334 O "O2'" B U   A 1 15 ? -0.220  11.251  -3.834  0.50 25.68 ? 15  U   A "O2'" 1 
ATOM   335 C "C1'" A U   A 1 15 ? -0.337  8.493   -2.890  0.50 20.17 ? 15  U   A "C1'" 1 
ATOM   336 C "C1'" B U   A 1 15 ? -0.729  8.983   -3.082  0.50 23.17 ? 15  U   A "C1'" 1 
ATOM   337 N N1    A U   A 1 15 ? 0.271   7.172   -2.715  0.50 18.90 ? 15  U   A N1    1 
ATOM   338 N N1    B U   A 1 15 ? 0.062   7.838   -2.608  0.50 22.62 ? 15  U   A N1    1 
ATOM   339 C C2    A U   A 1 15 ? 1.059   6.962   -1.596  0.50 17.32 ? 15  U   A C2    1 
ATOM   340 C C2    B U   A 1 15 ? 0.913   8.089   -1.542  0.50 23.04 ? 15  U   A C2    1 
ATOM   341 O O2    A U   A 1 15 ? 1.356   7.859   -0.811  0.50 20.67 ? 15  U   A O2    1 
ATOM   342 O O2    B U   A 1 15 ? 0.987   9.190   -1.024  0.50 24.11 ? 15  U   A O2    1 
ATOM   343 N N3    A U   A 1 15 ? 1.550   5.695   -1.474  0.50 18.85 ? 15  U   A N3    1 
ATOM   344 N N3    B U   A 1 15 ? 1.670   7.009   -1.121  0.50 23.49 ? 15  U   A N3    1 
ATOM   345 C C4    A U   A 1 15 ? 1.325   4.622   -2.329  0.50 17.66 ? 15  U   A C4    1 
ATOM   346 C C4    B U   A 1 15 ? 1.668   5.736   -1.651  0.50 26.79 ? 15  U   A C4    1 
ATOM   347 O O4    A U   A 1 15 ? 1.841   3.531   -2.085  0.50 21.32 ? 15  U   A O4    1 
ATOM   348 O O4    B U   A 1 15 ? 2.433   4.874   -1.186  0.50 34.96 ? 15  U   A O4    1 
ATOM   349 C C5    A U   A 1 15 ? 0.489   4.925   -3.458  0.50 19.75 ? 15  U   A C5    1 
ATOM   350 C C5    B U   A 1 15 ? 0.802   5.573   -2.785  0.50 23.07 ? 15  U   A C5    1 
ATOM   351 C C6    A U   A 1 15 ? -0.038  6.142   -3.577  0.50 16.87 ? 15  U   A C6    1 
ATOM   352 C C6    B U   A 1 15 ? 0.040   6.599   -3.207  0.50 21.59 ? 15  U   A C6    1 
ATOM   353 P P     . G   A 1 16 ? 1.974   10.324  -6.713  1.00 27.20 ? 16  G   A P     1 
ATOM   354 O OP1   . G   A 1 16 ? 2.104   11.513  -7.600  1.00 29.95 ? 16  G   A OP1   1 
ATOM   355 O OP2   . G   A 1 16 ? 2.195   8.973   -7.228  1.00 29.58 ? 16  G   A OP2   1 
ATOM   356 O "O5'" . G   A 1 16 ? 3.040   10.535  -5.542  1.00 24.15 ? 16  G   A "O5'" 1 
ATOM   357 C "C5'" . G   A 1 16 ? 3.189   11.798  -4.902  1.00 23.56 ? 16  G   A "C5'" 1 
ATOM   358 C "C4'" . G   A 1 16 ? 4.181   11.688  -3.777  1.00 22.22 ? 16  G   A "C4'" 1 
ATOM   359 O "O4'" . G   A 1 16 ? 3.724   10.744  -2.766  1.00 20.57 ? 16  G   A "O4'" 1 
ATOM   360 C "C3'" . G   A 1 16 ? 5.554   11.125  -4.137  1.00 24.62 ? 16  G   A "C3'" 1 
ATOM   361 O "O3'" . G   A 1 16 ? 6.242   12.199  -4.738  1.00 23.62 ? 16  G   A "O3'" 1 
ATOM   362 C "C2'" . G   A 1 16 ? 6.107   10.730  -2.778  1.00 22.75 ? 16  G   A "C2'" 1 
ATOM   363 O "O2'" . G   A 1 16 ? 6.428   11.894  -2.028  1.00 23.57 ? 16  G   A "O2'" 1 
ATOM   364 C "C1'" . G   A 1 16 ? 4.851   10.063  -2.212  1.00 20.63 ? 16  G   A "C1'" 1 
ATOM   365 N N9    . G   A 1 16 ? 4.740   8.652   -2.510  1.00 20.36 ? 16  G   A N9    1 
ATOM   366 C C8    . G   A 1 16 ? 3.868   8.046   -3.381  1.00 25.25 ? 16  G   A C8    1 
ATOM   367 N N7    . G   A 1 16 ? 4.022   6.751   -3.433  1.00 22.05 ? 16  G   A N7    1 
ATOM   368 C C5    . G   A 1 16 ? 4.993   6.480   -2.475  1.00 18.99 ? 16  G   A C5    1 
ATOM   369 C C6    . G   A 1 16 ? 5.466   5.230   -1.957  1.00 18.34 ? 16  G   A C6    1 
ATOM   370 O O6    . G   A 1 16 ? 5.187   4.087   -2.329  1.00 20.74 ? 16  G   A O6    1 
ATOM   371 N N1    . G   A 1 16 ? 6.452   5.419   -1.008  1.00 18.83 ? 16  G   A N1    1 
ATOM   372 C C2    . G   A 1 16 ? 6.859   6.635   -0.527  1.00 22.27 ? 16  G   A C2    1 
ATOM   373 N N2    . G   A 1 16 ? 7.823   6.612   0.404   1.00 24.81 ? 16  G   A N2    1 
ATOM   374 N N3    . G   A 1 16 ? 6.364   7.793   -0.930  1.00 20.23 ? 16  G   A N3    1 
ATOM   375 C C4    . G   A 1 16 ? 5.441   7.642   -1.896  1.00 17.76 ? 16  G   A C4    1 
ATOM   376 P P     . C   A 1 17 ? 7.334   11.818  -5.928  1.00 26.70 ? 17  C   A P     1 
ATOM   377 O OP1   . C   A 1 17 ? 7.803   13.102  -6.547  1.00 29.33 ? 17  C   A OP1   1 
ATOM   378 O OP2   . C   A 1 17 ? 6.844   10.773  -6.765  1.00 28.26 ? 17  C   A OP2   1 
ATOM   379 O "O5'" . C   A 1 17 ? 8.463   11.026  -5.168  1.00 22.49 ? 17  C   A "O5'" 1 
ATOM   380 C "C5'" . C   A 1 17 ? 9.312   11.712  -4.275  1.00 22.33 ? 17  C   A "C5'" 1 
ATOM   381 C "C4'" . C   A 1 17 ? 10.201  10.739  -3.579  1.00 19.77 ? 17  C   A "C4'" 1 
ATOM   382 O "O4'" . C   A 1 17 ? 9.401   9.785   -2.806  1.00 23.44 ? 17  C   A "O4'" 1 
ATOM   383 C "C3'" . C   A 1 17 ? 11.040  9.782   -4.408  1.00 23.19 ? 17  C   A "C3'" 1 
ATOM   384 O "O3'" . C   A 1 17 ? 12.135  10.517  -4.904  1.00 25.55 ? 17  C   A "O3'" 1 
ATOM   385 C "C2'" . C   A 1 17 ? 11.489  8.790   -3.343  1.00 19.98 ? 17  C   A "C2'" 1 
ATOM   386 O "O2'" . C   A 1 17 ? 12.387  9.287   -2.434  1.00 24.09 ? 17  C   A "O2'" 1 
ATOM   387 C "C1'" . C   A 1 17 ? 10.176  8.656   -2.568  1.00 20.83 ? 17  C   A "C1'" 1 
ATOM   388 N N1    . C   A 1 17 ? 9.447   7.576   -3.121  1.00 22.58 ? 17  C   A N1    1 
ATOM   389 C C2    . C   A 1 17 ? 9.743   6.236   -2.720  1.00 21.01 ? 17  C   A C2    1 
ATOM   390 O O2    . C   A 1 17 ? 10.718  6.021   -1.954  1.00 23.70 ? 17  C   A O2    1 
ATOM   391 N N3    . C   A 1 17 ? 9.078   5.232   -3.303  1.00 18.42 ? 17  C   A N3    1 
ATOM   392 C C4    . C   A 1 17 ? 8.059   5.497   -4.139  1.00 19.23 ? 17  C   A C4    1 
ATOM   393 N N4    . C   A 1 17 ? 7.419   4.468   -4.686  1.00 24.66 ? 17  C   A N4    1 
ATOM   394 C C5    . C   A 1 17 ? 7.734   6.832   -4.547  1.00 23.95 ? 17  C   A C5    1 
ATOM   395 C C6    . C   A 1 17 ? 8.423   7.834   -3.990  1.00 19.97 ? 17  C   A C6    1 
ATOM   396 P P     . U   A 1 18 ? 12.803  9.995   -6.357  1.00 24.10 ? 18  U   A P     1 
ATOM   397 O OP1   . U   A 1 18 ? 13.845  11.005  -6.797  1.00 26.53 ? 18  U   A OP1   1 
ATOM   398 O OP2   . U   A 1 18 ? 11.744  9.580   -7.217  1.00 24.70 ? 18  U   A OP2   1 
ATOM   399 O "O5'" . U   A 1 18 ? 13.430  8.564   -6.046  1.00 22.23 ? 18  U   A "O5'" 1 
ATOM   400 C "C5'" . U   A 1 18 ? 14.616  8.458   -5.256  1.00 22.21 ? 18  U   A "C5'" 1 
ATOM   401 C "C4'" . U   A 1 18 ? 14.964  7.021   -5.013  1.00 22.57 ? 18  U   A "C4'" 1 
ATOM   402 O "O4'" . U   A 1 18 ? 13.852  6.443   -4.214  1.00 23.51 ? 18  U   A "O4'" 1 
ATOM   403 C "C3'" . U   A 1 18 ? 15.103  6.018   -6.135  1.00 25.29 ? 18  U   A "C3'" 1 
ATOM   404 O "O3'" . U   A 1 18 ? 16.453  6.074   -6.606  1.00 25.57 ? 18  U   A "O3'" 1 
ATOM   405 C "C2'" . U   A 1 18 ? 15.004  4.727   -5.350  1.00 20.94 ? 18  U   A "C2'" 1 
ATOM   406 O "O2'" . U   A 1 18 ? 16.121  4.498   -4.511  1.00 23.32 ? 18  U   A "O2'" 1 
ATOM   407 C "C1'" . U   A 1 18 ? 13.812  5.064   -4.420  1.00 21.39 ? 18  U   A "C1'" 1 
ATOM   408 N N1    . U   A 1 18 ? 12.549  4.778   -5.092  1.00 25.55 ? 18  U   A N1    1 
ATOM   409 C C2    . U   A 1 18 ? 12.169  3.460   -5.150  1.00 28.19 ? 18  U   A C2    1 
ATOM   410 O O2    . U   A 1 18 ? 12.845  2.553   -4.643  1.00 27.53 ? 18  U   A O2    1 
ATOM   411 N N3    . U   A 1 18 ? 10.975  3.236   -5.814  1.00 24.81 ? 18  U   A N3    1 
ATOM   412 C C4    . U   A 1 18 ? 10.203  4.164   -6.506  1.00 25.74 ? 18  U   A C4    1 
ATOM   413 O O4    . U   A 1 18 ? 9.235   3.785   -7.190  1.00 27.04 ? 18  U   A O4    1 
ATOM   414 C C5    . U   A 1 18 ? 10.691  5.506   -6.430  1.00 29.05 ? 18  U   A C5    1 
ATOM   415 C C6    . U   A 1 18 ? 11.829  5.761   -5.764  1.00 26.58 ? 18  U   A C6    1 
ATOM   416 P P     . G   A 1 19 ? 16.826  5.541   -8.117  1.00 27.02 ? 19  G   A P     1 
ATOM   417 O OP1   . G   A 1 19 ? 18.204  6.010   -8.394  1.00 31.11 ? 19  G   A OP1   1 
ATOM   418 O OP2   . G   A 1 19 ? 15.740  5.894   -9.056  1.00 30.26 ? 19  G   A OP2   1 
ATOM   419 O "O5'" . G   A 1 19 ? 16.843  3.958   -8.038  1.00 26.78 ? 19  G   A "O5'" 1 
ATOM   420 C "C5'" . G   A 1 19 ? 17.769  3.270   -7.172  1.00 29.39 ? 19  G   A "C5'" 1 
ATOM   421 C "C4'" . G   A 1 19 ? 17.492  1.805   -7.211  1.00 27.74 ? 19  G   A "C4'" 1 
ATOM   422 O "O4'" . G   A 1 19 ? 16.212  1.571   -6.526  1.00 31.79 ? 19  G   A "O4'" 1 
ATOM   423 C "C3'" . G   A 1 19 ? 17.254  1.180   -8.559  1.00 31.55 ? 19  G   A "C3'" 1 
ATOM   424 O "O3'" . G   A 1 19 ? 18.495  0.807   -9.079  1.00 33.25 ? 19  G   A "O3'" 1 
ATOM   425 C "C2'" . G   A 1 19 ? 16.528  -0.082  -8.183  1.00 27.78 ? 19  G   A "C2'" 1 
ATOM   426 O "O2'" . G   A 1 19 ? 17.303  -1.088  -7.516  1.00 30.92 ? 19  G   A "O2'" 1 
ATOM   427 C "C1'" . G   A 1 19 ? 15.504  0.517   -7.199  1.00 27.17 ? 19  G   A "C1'" 1 
ATOM   428 N N9    . G   A 1 19 ? 14.283  1.058   -7.802  1.00 25.52 ? 19  G   A N9    1 
ATOM   429 C C8    . G   A 1 19 ? 13.916  2.370   -8.004  1.00 24.66 ? 19  G   A C8    1 
ATOM   430 N N7    . G   A 1 19 ? 12.724  2.501   -8.534  1.00 29.30 ? 19  G   A N7    1 
ATOM   431 C C5    . G   A 1 19 ? 12.243  1.200   -8.611  1.00 26.17 ? 19  G   A C5    1 
ATOM   432 C C6    . G   A 1 19 ? 10.983  0.705   -9.061  1.00 22.51 ? 19  G   A C6    1 
ATOM   433 O O6    . G   A 1 19 ? 10.011  1.344   -9.508  1.00 27.41 ? 19  G   A O6    1 
ATOM   434 N N1    . G   A 1 19 ? 10.961  -0.691  -9.068  1.00 23.21 ? 19  G   A N1    1 
ATOM   435 C C2    . G   A 1 19 ? 11.965  -1.502  -8.570  1.00 22.50 ? 19  G   A C2    1 
ATOM   436 N N2    . G   A 1 19 ? 11.757  -2.811  -8.634  1.00 26.26 ? 19  G   A N2    1 
ATOM   437 N N3    . G   A 1 19 ? 13.130  -1.050  -8.119  1.00 24.66 ? 19  G   A N3    1 
ATOM   438 C C4    . G   A 1 19 ? 13.197  0.297   -8.163  1.00 22.77 ? 19  G   A C4    1 
ATOM   439 P P     . C   A 1 20 ? 18.690  0.677   -10.695 1.00 32.18 ? 20  C   A P     1 
ATOM   440 O OP1   . C   A 1 20 ? 20.186  0.524   -10.960 1.00 36.50 ? 20  C   A OP1   1 
ATOM   441 O OP2   . C   A 1 20 ? 17.919  1.715   -11.381 1.00 33.57 ? 20  C   A OP2   1 
ATOM   442 O "O5'" . C   A 1 20 ? 17.905  -0.651  -11.074 1.00 30.56 ? 20  C   A "O5'" 1 
ATOM   443 C "C5'" . C   A 1 20 ? 18.378  -1.912  -10.665 1.00 31.79 ? 20  C   A "C5'" 1 
ATOM   444 C "C4'" . C   A 1 20 ? 17.372  -2.962  -11.040 1.00 30.55 ? 20  C   A "C4'" 1 
ATOM   445 O "O4'" . C   A 1 20 ? 16.099  -2.705  -10.354 1.00 30.06 ? 20  C   A "O4'" 1 
ATOM   446 C "C3'" . C   A 1 20 ? 16.973  -3.071  -12.508 1.00 27.73 ? 20  C   A "C3'" 1 
ATOM   447 O "O3'" . C   A 1 20 ? 17.821  -3.888  -13.267 1.00 36.27 ? 20  C   A "O3'" 1 
ATOM   448 C "C2'" . C   A 1 20 ? 15.681  -3.865  -12.378 1.00 31.56 ? 20  C   A "C2'" 1 
ATOM   449 O "O2'" . C   A 1 20 ? 15.852  -5.228  -12.024 1.00 30.73 ? 20  C   A "O2'" 1 
ATOM   450 C "C1'" . C   A 1 20 ? 15.044  -3.150  -11.193 1.00 29.17 ? 20  C   A "C1'" 1 
ATOM   451 N N1    . C   A 1 20 ? 14.169  -2.011  -11.573 1.00 23.97 ? 20  C   A N1    1 
ATOM   452 C C2    . C   A 1 20 ? 12.865  -2.309  -11.971 1.00 26.89 ? 20  C   A C2    1 
ATOM   453 O O2    . C   A 1 20 ? 12.545  -3.497  -12.089 1.00 27.77 ? 20  C   A O2    1 
ATOM   454 N N3    . C   A 1 20 ? 12.012  -1.287  -12.278 1.00 24.94 ? 20  C   A N3    1 
ATOM   455 C C4    . C   A 1 20 ? 12.398  -0.027  -12.085 1.00 22.00 ? 20  C   A C4    1 
ATOM   456 N N4    . C   A 1 20 ? 11.522  0.954   -12.366 1.00 23.63 ? 20  C   A N4    1 
ATOM   457 C C5    . C   A 1 20 ? 13.747  0.298   -11.734 1.00 23.02 ? 20  C   A C5    1 
ATOM   458 C C6    . C   A 1 20 ? 14.570  -0.714  -11.449 1.00 23.01 ? 20  C   A C6    1 
ATOM   459 P P     . U   A 1 21 ? 18.019  -3.575  -14.875 1.00 32.07 ? 21  U   A P     1 
ATOM   460 O OP1   . U   A 1 21 ? 19.130  -4.345  -15.365 1.00 39.86 ? 21  U   A OP1   1 
ATOM   461 O OP2   . U   A 1 21 ? 17.833  -2.147  -15.140 1.00 33.02 ? 21  U   A OP2   1 
ATOM   462 O "O5'" . U   A 1 21 ? 16.730  -4.177  -15.600 1.00 35.18 ? 21  U   A "O5'" 1 
ATOM   463 C "C5'" . U   A 1 21 ? 16.477  -5.586  -15.646 1.00 34.01 ? 21  U   A "C5'" 1 
ATOM   464 C "C4'" . U   A 1 21 ? 15.083  -5.880  -16.150 1.00 36.46 ? 21  U   A "C4'" 1 
ATOM   465 O "O4'" . U   A 1 21 ? 14.110  -5.222  -15.286 1.00 31.03 ? 21  U   A "O4'" 1 
ATOM   466 C "C3'" . U   A 1 21 ? 14.696  -5.357  -17.526 1.00 34.63 ? 21  U   A "C3'" 1 
ATOM   467 O "O3'" . U   A 1 21 ? 15.382  -6.071  -18.594 1.00 35.64 ? 21  U   A "O3'" 1 
ATOM   468 C "C2'" . U   A 1 21 ? 13.181  -5.482  -17.443 1.00 35.45 ? 21  U   A "C2'" 1 
ATOM   469 O "O2'" . U   A 1 21 ? 12.803  -6.827  -17.520 1.00 42.10 ? 21  U   A "O2'" 1 
ATOM   470 C "C1'" . U   A 1 21 ? 12.914  -4.966  -16.014 1.00 34.97 ? 21  U   A "C1'" 1 
ATOM   471 N N1    . U   A 1 21 ? 12.606  -3.530  -15.885 1.00 28.29 ? 21  U   A N1    1 
ATOM   472 C C2    . U   A 1 21 ? 11.327  -3.079  -16.201 1.00 29.10 ? 21  U   A C2    1 
ATOM   473 O O2    . U   A 1 21 ? 10.451  -3.813  -16.637 1.00 31.10 ? 21  U   A O2    1 
ATOM   474 N N3    . U   A 1 21 ? 11.148  -1.719  -16.075 1.00 30.74 ? 21  U   A N3    1 
ATOM   475 C C4    . U   A 1 21 ? 12.059  -0.795  -15.599 1.00 33.18 ? 21  U   A C4    1 
ATOM   476 O O4    . U   A 1 21 ? 11.728  0.394   -15.508 1.00 36.43 ? 21  U   A O4    1 
ATOM   477 C C5    . U   A 1 21 ? 13.342  -1.344  -15.264 1.00 34.57 ? 21  U   A C5    1 
ATOM   478 C C6    . U   A 1 21 ? 13.573  -2.656  -15.442 1.00 27.36 ? 21  U   A C6    1 
ATOM   479 P P     . G   A 1 22 ? 15.666  -5.329  -19.969 1.00 36.25 ? 22  G   A P     1 
ATOM   480 O OP1   . G   A 1 22 ? 16.466  -6.239  -20.823 1.00 36.89 ? 22  G   A OP1   1 
ATOM   481 O OP2   . G   A 1 22 ? 16.199  -3.994  -19.688 1.00 36.01 ? 22  G   A OP2   1 
ATOM   482 O "O5'" . G   A 1 22 ? 14.235  -5.182  -20.640 1.00 30.44 ? 22  G   A "O5'" 1 
ATOM   483 C "C5'" . G   A 1 22 ? 13.472  -6.316  -21.067 1.00 26.91 ? 22  G   A "C5'" 1 
ATOM   484 C "C4'" . G   A 1 22 ? 12.175  -5.842  -21.670 1.00 28.17 ? 22  G   A "C4'" 1 
ATOM   485 O "O4'" . G   A 1 22 ? 11.330  -5.287  -20.608 1.00 27.86 ? 22  G   A "O4'" 1 
ATOM   486 C "C3'" . G   A 1 22 ? 12.248  -4.711  -22.691 1.00 28.84 ? 22  G   A "C3'" 1 
ATOM   487 O "O3'" . G   A 1 22 ? 12.560  -5.273  -23.950 1.00 29.98 ? 22  G   A "O3'" 1 
ATOM   488 C "C2'" . G   A 1 22 ? 10.833  -4.173  -22.645 1.00 27.60 ? 22  G   A "C2'" 1 
ATOM   489 O "O2'" . G   A 1 22 ? 9.909   -4.961  -23.389 1.00 26.90 ? 22  G   A "O2'" 1 
ATOM   490 C "C1'" . G   A 1 22 ? 10.571  -4.226  -21.125 1.00 26.28 ? 22  G   A "C1'" 1 
ATOM   491 N N9    . G   A 1 22 ? 11.006  -3.010  -20.456 1.00 24.38 ? 22  G   A N9    1 
ATOM   492 C C8    . G   A 1 22 ? 12.165  -2.812  -19.750 1.00 21.91 ? 22  G   A C8    1 
ATOM   493 N N7    . G   A 1 22 ? 12.243  -1.617  -19.226 1.00 26.11 ? 22  G   A N7    1 
ATOM   494 C C5    . G   A 1 22 ? 11.042  -1.009  -19.563 1.00 21.82 ? 22  G   A C5    1 
ATOM   495 C C6    . G   A 1 22 ? 10.521  0.276   -19.206 1.00 22.96 ? 22  G   A C6    1 
ATOM   496 O O6    . G   A 1 22 ? 11.091  1.190   -18.602 1.00 24.48 ? 22  G   A O6    1 
ATOM   497 N N1    . G   A 1 22 ? 9.310   0.529   -19.846 1.00 24.63 ? 22  G   A N1    1 
ATOM   498 C C2    . G   A 1 22 ? 8.601   -0.397  -20.572 1.00 24.94 ? 22  G   A C2    1 
ATOM   499 N N2    . G   A 1 22 ? 7.439   0.007   -21.065 1.00 30.30 ? 22  G   A N2    1 
ATOM   500 N N3    . G   A 1 22 ? 9.035   -1.621  -20.836 1.00 26.37 ? 22  G   A N3    1 
ATOM   501 C C4    . G   A 1 22 ? 10.260  -1.854  -20.309 1.00 26.24 ? 22  G   A C4    1 
ATOM   502 P P     . C   A 1 23 ? 13.488  -4.392  -24.980 1.00 32.81 ? 23  C   A P     1 
ATOM   503 O OP1   . C   A 1 23 ? 13.853  -5.297  -26.116 1.00 35.87 ? 23  C   A OP1   1 
ATOM   504 O OP2   . C   A 1 23 ? 14.547  -3.748  -24.187 1.00 33.18 ? 23  C   A OP2   1 
ATOM   505 O "O5'" . C   A 1 23 ? 12.481  -3.261  -25.431 1.00 29.64 ? 23  C   A "O5'" 1 
ATOM   506 C "C5'" . C   A 1 23 ? 11.319  -3.602  -26.177 1.00 35.82 ? 23  C   A "C5'" 1 
ATOM   507 C "C4'" . C   A 1 23 ? 10.460  -2.395  -26.317 1.00 34.33 ? 23  C   A "C4'" 1 
ATOM   508 O "O4'" . C   A 1 23 ? 9.943   -2.021  -25.008 1.00 36.75 ? 23  C   A "O4'" 1 
ATOM   509 C "C3'" . C   A 1 23 ? 11.177  -1.133  -26.789 1.00 32.51 ? 23  C   A "C3'" 1 
ATOM   510 O "O3'" . C   A 1 23 ? 11.313  -1.105  -28.211 1.00 37.68 ? 23  C   A "O3'" 1 
ATOM   511 C "C2'" . C   A 1 23 ? 10.231  -0.050  -26.315 1.00 29.69 ? 23  C   A "C2'" 1 
ATOM   512 O "O2'" . C   A 1 23 ? 9.024   -0.015  -26.991 1.00 33.68 ? 23  C   A "O2'" 1 
ATOM   513 C "C1'" . C   A 1 23 ? 9.799   -0.616  -24.969 1.00 26.60 ? 23  C   A "C1'" 1 
ATOM   514 N N1    . C   A 1 23 ? 10.652  -0.054  -23.938 1.00 27.17 ? 23  C   A N1    1 
ATOM   515 C C2    . C   A 1 23 ? 10.317  1.213   -23.449 1.00 27.52 ? 23  C   A C2    1 
ATOM   516 O O2    . C   A 1 23 ? 9.332   1.805   -23.935 1.00 34.38 ? 23  C   A O2    1 
ATOM   517 N N3    . C   A 1 23 ? 11.129  1.799   -22.540 1.00 26.51 ? 23  C   A N3    1 
ATOM   518 C C4    . C   A 1 23 ? 12.177  1.130   -22.053 1.00 25.76 ? 23  C   A C4    1 
ATOM   519 N N4    . C   A 1 23 ? 12.921  1.723   -21.118 1.00 27.38 ? 23  C   A N4    1 
ATOM   520 C C5    . C   A 1 23 ? 12.541  -0.155  -22.540 1.00 29.99 ? 23  C   A C5    1 
ATOM   521 C C6    . C   A 1 23 ? 11.752  -0.712  -23.463 1.00 26.11 ? 23  C   A C6    1 
ATOM   522 P P     . U   A 1 24 ? 12.562  -0.314  -28.884 1.00 35.00 ? 24  U   A P     1 
ATOM   523 O OP1   . U   A 1 24 ? 12.462  -0.517  -30.327 1.00 39.22 ? 24  U   A OP1   1 
ATOM   524 O OP2   . U   A 1 24 ? 13.806  -0.651  -28.156 1.00 36.17 ? 24  U   A OP2   1 
ATOM   525 O "O5'" . U   A 1 24 ? 12.335  1.239   -28.570 1.00 34.32 ? 24  U   A "O5'" 1 
ATOM   526 C "C5'" . U   A 1 24 ? 11.227  1.968   -29.110 1.00 34.84 ? 24  U   A "C5'" 1 
ATOM   527 C "C4'" . U   A 1 24 ? 11.105  3.348   -28.513 1.00 32.01 ? 24  U   A "C4'" 1 
ATOM   528 O "O4'" . U   A 1 24 ? 10.803  3.311   -27.058 1.00 32.73 ? 24  U   A "O4'" 1 
ATOM   529 C "C3'" . U   A 1 24 ? 12.342  4.193   -28.621 1.00 35.36 ? 24  U   A "C3'" 1 
ATOM   530 O "O3'" . U   A 1 24 ? 12.397  4.609   -30.000 1.00 39.14 ? 24  U   A "O3'" 1 
ATOM   531 C "C2'" . U   A 1 24 ? 12.067  5.229   -27.535 1.00 32.78 ? 24  U   A "C2'" 1 
ATOM   532 O "O2'" . U   A 1 24 ? 11.147  6.143   -28.088 1.00 39.51 ? 24  U   A "O2'" 1 
ATOM   533 C "C1'" . U   A 1 24 ? 11.482  4.373   -26.395 1.00 33.16 ? 24  U   A "C1'" 1 
ATOM   534 N N1    . U   A 1 24 ? 12.549  3.826   -25.520 1.00 30.57 ? 24  U   A N1    1 
ATOM   535 C C2    . U   A 1 24 ? 12.992  4.622   -24.459 1.00 31.34 ? 24  U   A C2    1 
ATOM   536 O O2    . U   A 1 24 ? 12.586  5.754   -24.273 1.00 44.52 ? 24  U   A O2    1 
ATOM   537 N N3    . U   A 1 24 ? 13.973  4.044   -23.669 1.00 31.76 ? 24  U   A N3    1 
ATOM   538 C C4    . U   A 1 24 ? 14.573  2.794   -23.853 1.00 38.81 ? 24  U   A C4    1 
ATOM   539 O O4    . U   A 1 24 ? 15.456  2.405   -23.060 1.00 46.41 ? 24  U   A O4    1 
ATOM   540 C C5    . U   A 1 24 ? 14.038  2.037   -24.947 1.00 38.36 ? 24  U   A C5    1 
ATOM   541 C C6    . U   A 1 24 ? 13.029  2.543   -25.683 1.00 29.86 ? 24  U   A C6    1 
ATOM   542 P P     . G   A 1 25 ? 13.869  4.727   -30.811 1.00 37.88 ? 25  G   A P     1 
ATOM   543 O OP1   . G   A 1 25 ? 13.630  4.800   -32.231 1.00 44.56 ? 25  G   A OP1   1 
ATOM   544 O OP2   . G   A 1 25 ? 14.749  3.726   -30.309 1.00 39.72 ? 25  G   A OP2   1 
ATOM   545 O "O5'" . G   A 1 25 ? 14.421  6.119   -30.319 1.00 44.62 ? 25  G   A "O5'" 1 
ATOM   546 C "C5'" . G   A 1 25 ? 13.954  7.326   -30.923 1.00 55.08 ? 25  G   A "C5'" 1 
ATOM   547 C "C4'" . G   A 1 25 ? 14.195  8.452   -29.964 1.00 53.95 ? 25  G   A "C4'" 1 
ATOM   548 O "O4'" . G   A 1 25 ? 13.660  8.081   -28.658 1.00 51.57 ? 25  G   A "O4'" 1 
ATOM   549 C "C3'" . G   A 1 25 ? 15.656  8.756   -29.694 1.00 51.48 ? 25  G   A "C3'" 1 
ATOM   550 O "O3'" . G   A 1 25 ? 16.239  9.554   -30.736 1.00 61.52 ? 25  G   A "O3'" 1 
ATOM   551 C "C2'" . G   A 1 25 ? 15.562  9.449   -28.346 1.00 47.78 ? 25  G   A "C2'" 1 
ATOM   552 O "O2'" . G   A 1 25 ? 15.096  10.782  -28.347 1.00 51.93 ? 25  G   A "O2'" 1 
ATOM   553 C "C1'" . G   A 1 25 ? 14.523  8.568   -27.647 1.00 44.95 ? 25  G   A "C1'" 1 
ATOM   554 N N9    . G   A 1 25 ? 15.135  7.441   -26.955 1.00 42.02 ? 25  G   A N9    1 
ATOM   555 C C8    . G   A 1 25 ? 15.292  6.142   -27.375 1.00 41.91 ? 25  G   A C8    1 
ATOM   556 N N7    . G   A 1 25 ? 15.917  5.395   -26.504 1.00 43.42 ? 25  G   A N7    1 
ATOM   557 C C5    . G   A 1 25 ? 16.204  6.258   -25.455 1.00 39.96 ? 25  G   A C5    1 
ATOM   558 C C6    . G   A 1 25 ? 16.901  6.030   -24.244 1.00 34.23 ? 25  G   A C6    1 
ATOM   559 O O6    . G   A 1 25 ? 17.361  4.954   -23.797 1.00 37.03 ? 25  G   A O6    1 
ATOM   560 N N1    . G   A 1 25 ? 17.051  7.208   -23.518 1.00 36.95 ? 25  G   A N1    1 
ATOM   561 C C2    . G   A 1 25 ? 16.562  8.444   -23.897 1.00 34.98 ? 25  G   A C2    1 
ATOM   562 N N2    . G   A 1 25 ? 16.763  9.467   -23.050 1.00 43.79 ? 25  G   A N2    1 
ATOM   563 N N3    . G   A 1 25 ? 15.902  8.659   -25.013 1.00 41.20 ? 25  G   A N3    1 
ATOM   564 C C4    . G   A 1 25 ? 15.762  7.532   -25.739 1.00 42.94 ? 25  G   A C4    1 
ATOM   565 P P     . C   A 1 26 ? 17.765  9.335   -31.151 1.00 59.00 ? 26  C   A P     1 
ATOM   566 O OP1   . C   A 1 26 ? 18.005  10.145  -32.334 1.00 52.91 ? 26  C   A OP1   1 
ATOM   567 O OP2   . C   A 1 26 ? 18.013  7.872   -31.272 1.00 53.80 ? 26  C   A OP2   1 
ATOM   568 O "O5'" . C   A 1 26 ? 18.562  9.864   -29.869 1.00 49.06 ? 26  C   A "O5'" 1 
ATOM   569 C "C5'" . C   A 1 26 ? 18.496  11.221  -29.420 1.00 47.95 ? 26  C   A "C5'" 1 
ATOM   570 C "C4'" . C   A 1 26 ? 19.211  11.367  -28.093 1.00 53.81 ? 26  C   A "C4'" 1 
ATOM   571 O "O4'" . C   A 1 26 ? 18.517  10.617  -27.042 1.00 46.69 ? 26  C   A "O4'" 1 
ATOM   572 C "C3'" . C   A 1 26 ? 20.640  10.853  -27.991 1.00 56.81 ? 26  C   A "C3'" 1 
ATOM   573 O "O3'" . C   A 1 26 ? 21.649  11.677  -28.599 1.00 52.58 ? 26  C   A "O3'" 1 
ATOM   574 C "C2'" . C   A 1 26 ? 20.807  10.823  -26.479 1.00 52.43 ? 26  C   A "C2'" 1 
ATOM   575 O "O2'" . C   A 1 26 ? 21.075  12.124  -25.978 1.00 48.52 ? 26  C   A "O2'" 1 
ATOM   576 C "C1'" . C   A 1 26 ? 19.456  10.235  -26.044 1.00 49.32 ? 26  C   A "C1'" 1 
ATOM   577 N N1    . C   A 1 26 ? 19.514  8.753   -25.952 1.00 43.18 ? 26  C   A N1    1 
ATOM   578 C C2    . C   A 1 26 ? 20.065  8.169   -24.790 1.00 38.95 ? 26  C   A C2    1 
ATOM   579 O O2    . C   A 1 26 ? 20.411  8.900   -23.851 1.00 39.16 ? 26  C   A O2    1 
ATOM   580 N N3    . C   A 1 26 ? 20.194  6.820   -24.721 1.00 39.06 ? 26  C   A N3    1 
ATOM   581 C C4    . C   A 1 26 ? 19.752  6.061   -25.725 1.00 33.00 ? 26  C   A C4    1 
ATOM   582 N N4    . C   A 1 26 ? 19.931  4.744   -25.630 1.00 36.65 ? 26  C   A N4    1 
ATOM   583 C C5    . C   A 1 26 ? 19.300  6.633   -26.959 1.00 39.28 ? 26  C   A C5    1 
ATOM   584 C C6    . C   A 1 26 ? 19.159  7.966   -27.013 1.00 35.66 ? 26  C   A C6    1 
HETATM 585 S S     . SO4 B 2 .  ? -13.405 -4.838  20.474  0.50 33.31 ? 101 SO4 A S     1 
HETATM 586 O O1    . SO4 B 2 .  ? -12.821 -5.305  19.177  0.50 40.14 ? 101 SO4 A O1    1 
HETATM 587 O O2    . SO4 B 2 .  ? -14.157 -3.496  20.264  0.50 30.53 ? 101 SO4 A O2    1 
HETATM 588 O O3    . SO4 B 2 .  ? -14.335 -5.902  20.938  0.50 30.06 ? 101 SO4 A O3    1 
HETATM 589 O O4    . SO4 B 2 .  ? -12.305 -4.571  21.540  0.50 23.57 ? 101 SO4 A O4    1 
HETATM 590 S S     . SO4 C 2 .  ? -14.459 -7.036  29.407  0.50 31.74 ? 102 SO4 A S     1 
HETATM 591 O O1    . SO4 C 2 .  ? -14.367 -6.326  28.058  0.50 38.76 ? 102 SO4 A O1    1 
HETATM 592 O O2    . SO4 C 2 .  ? -13.404 -8.126  29.449  0.50 37.91 ? 102 SO4 A O2    1 
HETATM 593 O O3    . SO4 C 2 .  ? -15.758 -7.696  29.768  0.50 45.00 ? 102 SO4 A O3    1 
HETATM 594 O O4    . SO4 C 2 .  ? -14.054 -6.064  30.504  0.50 34.89 ? 102 SO4 A O4    1 
HETATM 595 O O     . HOH D 3 .  ? -13.660 -5.809  27.953  0.50 34.21 ? 201 HOH A O     1 
HETATM 596 O O     . HOH D 3 .  ? -15.143 -4.767  22.715  1.00 42.59 ? 202 HOH A O     1 
HETATM 597 O O     . HOH D 3 .  ? -2.652  -5.203  8.444   1.00 40.50 ? 203 HOH A O     1 
HETATM 598 O O     . HOH D 3 .  ? 8.044   5.193   -8.581  1.00 42.38 ? 204 HOH A O     1 
HETATM 599 O O     . HOH D 3 .  ? -0.308  13.396  -4.756  1.00 39.65 ? 205 HOH A O     1 
HETATM 600 O O     . HOH D 3 .  ? -11.043 10.242  16.829  1.00 46.06 ? 206 HOH A O     1 
HETATM 601 O O     . HOH D 3 .  ? -9.691  -9.193  -0.194  1.00 44.67 ? 207 HOH A O     1 
HETATM 602 O O     . HOH D 3 .  ? -9.138  0.211   -0.796  1.00 21.17 ? 208 HOH A O     1 
HETATM 603 O O     . HOH D 3 .  ? 9.745   3.572   -10.840 1.00 37.78 ? 209 HOH A O     1 
HETATM 604 O O     . HOH D 3 .  ? -9.888  -1.317  18.177  1.00 35.57 ? 210 HOH A O     1 
HETATM 605 O O     . HOH D 3 .  ? 12.612  7.761   -8.913  1.00 42.75 ? 211 HOH A O     1 
HETATM 606 O O     . HOH D 3 .  ? -0.829  -1.210  0.944   1.00 28.80 ? 212 HOH A O     1 
HETATM 607 O O     . HOH D 3 .  ? 4.035   -5.044  10.015  1.00 44.28 ? 213 HOH A O     1 
HETATM 608 O O     . HOH D 3 .  ? -9.060  -0.731  14.951  1.00 37.38 ? 214 HOH A O     1 
HETATM 609 O O     . HOH D 3 .  ? -2.186  -3.726  2.430   1.00 34.08 ? 215 HOH A O     1 
HETATM 610 O O     . HOH D 3 .  ? -15.311 -10.263 27.055  1.00 49.39 ? 216 HOH A O     1 
HETATM 611 O O     . HOH D 3 .  ? 17.837  2.546   -24.896 1.00 42.60 ? 217 HOH A O     1 
HETATM 612 O O     . HOH D 3 .  ? -1.282  -7.166  5.402   1.00 35.80 ? 218 HOH A O     1 
HETATM 613 O O     . HOH D 3 .  ? -0.856  -7.228  -2.155  1.00 31.56 ? 219 HOH A O     1 
HETATM 614 O O     . HOH D 3 .  ? -7.467  -9.575  10.307  1.00 27.94 ? 220 HOH A O     1 
HETATM 615 O O     . HOH D 3 .  ? -4.515  7.818   -1.689  1.00 42.72 ? 221 HOH A O     1 
HETATM 616 O O     . HOH D 3 .  ? 1.719   0.693   19.216  1.00 39.75 ? 222 HOH A O     1 
HETATM 617 O O     . HOH D 3 .  ? 15.451  -2.151  -22.164 1.00 33.77 ? 223 HOH A O     1 
HETATM 618 O O     . HOH D 3 .  ? -9.999  8.758   13.890  1.00 38.85 ? 224 HOH A O     1 
HETATM 619 O O     . HOH D 3 .  ? -0.532  -10.437 -3.051  1.00 34.56 ? 225 HOH A O     1 
HETATM 620 O O     . HOH D 3 .  ? -7.837  -11.081 7.854   1.00 32.40 ? 226 HOH A O     1 
HETATM 621 O O     . HOH D 3 .  ? -8.172  1.578   15.829  1.00 40.84 ? 227 HOH A O     1 
HETATM 622 O O     . HOH D 3 .  ? 15.337  0.629   -20.218 1.00 40.33 ? 228 HOH A O     1 
HETATM 623 O O     . HOH D 3 .  ? -0.823  6.632   17.796  0.33 42.04 ? 229 HOH A O     1 
HETATM 624 O O     A HOH D 3 .  ? -3.741  -1.735  2.724   0.50 22.95 ? 230 HOH A O     1 
HETATM 625 O O     . HOH D 3 .  ? -4.111  1.853   14.488  1.00 40.47 ? 231 HOH A O     1 
HETATM 626 O O     . HOH D 3 .  ? -2.203  -3.241  -0.848  1.00 32.52 ? 232 HOH A O     1 
HETATM 627 O O     . HOH D 3 .  ? 14.578  11.015  -2.903  0.33 29.27 ? 233 HOH A O     1 
HETATM 628 O O     . HOH D 3 .  ? -7.115  -3.090  10.331  1.00 37.43 ? 234 HOH A O     1 
HETATM 629 O O     . HOH D 3 .  ? 3.119   5.123   -5.574  1.00 41.66 ? 235 HOH A O     1 
HETATM 630 O O     . HOH D 3 .  ? 7.745   -3.928  -17.491 1.00 29.63 ? 236 HOH A O     1 
HETATM 631 O O     . HOH D 3 .  ? 2.545   2.384   17.432  1.00 43.73 ? 237 HOH A O     1 
HETATM 632 O O     . HOH D 3 .  ? -2.093  -1.505  -4.584  1.00 36.28 ? 238 HOH A O     1 
HETATM 633 O O     . HOH D 3 .  ? -7.169  -4.798  -8.556  0.33 28.51 ? 239 HOH A O     1 
HETATM 634 O O     . HOH D 3 .  ? 14.944  -1.173  -18.344 1.00 37.86 ? 240 HOH A O     1 
HETATM 635 O O     . HOH D 3 .  ? -14.782 -7.185  24.686  1.00 43.28 ? 241 HOH A O     1 
HETATM 636 O O     . HOH D 3 .  ? 5.564   5.172   -6.792  1.00 36.24 ? 242 HOH A O     1 
HETATM 637 O O     . HOH D 3 .  ? -2.382  -3.792  5.771   1.00 32.89 ? 243 HOH A O     1 
HETATM 638 O O     . HOH D 3 .  ? 18.768  5.700   -4.231  1.00 29.16 ? 244 HOH A O     1 
HETATM 639 O O     . HOH D 3 .  ? -22.754 -10.395 22.017  1.00 48.64 ? 245 HOH A O     1 
HETATM 640 O O     . HOH D 3 .  ? 5.164   8.372   -6.925  1.00 35.80 ? 246 HOH A O     1 
HETATM 641 O O     . HOH D 3 .  ? -6.496  0.523   13.137  1.00 36.96 ? 247 HOH A O     1 
HETATM 642 O O     . HOH D 3 .  ? -8.210  4.106   -2.016  1.00 37.61 ? 248 HOH A O     1 
HETATM 643 O O     . HOH D 3 .  ? 12.645  3.697   -12.264 1.00 37.36 ? 249 HOH A O     1 
HETATM 644 O O     . HOH D 3 .  ? -0.529  -1.178  -2.172  1.00 35.52 ? 250 HOH A O     1 
HETATM 645 O O     . HOH D 3 .  ? 17.377  -4.817  -24.160 1.00 59.48 ? 251 HOH A O     1 
HETATM 646 O O     . HOH D 3 .  ? -2.164  -7.359  -5.265  1.00 25.81 ? 252 HOH A O     1 
HETATM 647 O O     . HOH D 3 .  ? -10.812 -7.998  2.571   1.00 29.32 ? 253 HOH A O     1 
HETATM 648 O O     . HOH D 3 .  ? -16.184 2.822   13.399  1.00 58.07 ? 254 HOH A O     1 
HETATM 649 O O     . HOH D 3 .  ? 13.922  -5.095  -7.855  1.00 39.36 ? 255 HOH A O     1 
HETATM 650 O O     . HOH D 3 .  ? 6.113   2.350   -23.817 1.00 40.33 ? 256 HOH A O     1 
HETATM 651 O O     . HOH D 3 .  ? -2.614  -3.578  11.693  1.00 44.21 ? 257 HOH A O     1 
HETATM 652 O O     . HOH D 3 .  ? -0.306  -14.412 5.750   1.00 46.07 ? 258 HOH A O     1 
HETATM 653 O O     . HOH D 3 .  ? -4.156  -1.276  10.962  1.00 41.13 ? 259 HOH A O     1 
HETATM 654 O O     . HOH D 3 .  ? 2.198   -0.734  -0.913  1.00 60.60 ? 260 HOH A O     1 
HETATM 655 O O     . HOH D 3 .  ? -6.232  -0.750  6.929   0.50 25.06 ? 261 HOH A O     1 
HETATM 656 O O     . HOH D 3 .  ? 9.307   5.911   -10.628 1.00 46.67 ? 262 HOH A O     1 
HETATM 657 O O     . HOH D 3 .  ? -0.587  -13.889 8.351   1.00 56.72 ? 263 HOH A O     1 
HETATM 658 O O     . HOH D 3 .  ? 0.957   -8.777  -2.648  1.00 43.05 ? 264 HOH A O     1 
HETATM 659 O O     . HOH D 3 .  ? -0.366  -3.104  1.040   1.00 30.04 ? 265 HOH A O     1 
HETATM 660 O O     . HOH D 3 .  ? -4.657  -0.719  7.651   0.50 29.78 ? 266 HOH A O     1 
HETATM 661 O O     . HOH D 3 .  ? -15.017 -3.979  15.040  1.00 42.89 ? 267 HOH A O     1 
HETATM 662 O O     . HOH D 3 .  ? -0.042  -7.644  -4.472  1.00 34.47 ? 268 HOH A O     1 
HETATM 663 O O     . HOH D 3 .  ? -2.556  -0.641  8.355   1.00 43.80 ? 269 HOH A O     1 
HETATM 664 O O     . HOH D 3 .  ? 1.640   -2.799  2.259   0.50 43.00 ? 270 HOH A O     1 
HETATM 665 O O     . HOH D 3 .  ? -14.570 -6.871  1.469   0.33 80.85 ? 271 HOH A O     1 
# 
loop_
_atom_site_anisotrop.id 
_atom_site_anisotrop.type_symbol 
_atom_site_anisotrop.pdbx_label_atom_id 
_atom_site_anisotrop.pdbx_label_alt_id 
_atom_site_anisotrop.pdbx_label_comp_id 
_atom_site_anisotrop.pdbx_label_asym_id 
_atom_site_anisotrop.pdbx_label_seq_id 
_atom_site_anisotrop.pdbx_PDB_ins_code 
_atom_site_anisotrop.U[1][1] 
_atom_site_anisotrop.U[2][2] 
_atom_site_anisotrop.U[3][3] 
_atom_site_anisotrop.U[1][2] 
_atom_site_anisotrop.U[1][3] 
_atom_site_anisotrop.U[2][3] 
_atom_site_anisotrop.pdbx_auth_seq_id 
_atom_site_anisotrop.pdbx_auth_comp_id 
_atom_site_anisotrop.pdbx_auth_asym_id 
_atom_site_anisotrop.pdbx_auth_atom_id 
1   O "O5'" . G   A 1  ? 0.4622 1.1921 0.3400 0.1609  0.1256  -0.0096 1   G   A "O5'" 
2   C "C5'" . G   A 1  ? 0.6778 0.8359 0.5944 0.0749  0.0883  -0.1691 1   G   A "C5'" 
3   C "C4'" . G   A 1  ? 0.5665 0.7188 0.5160 0.0107  0.0938  -0.0187 1   G   A "C4'" 
4   O "O4'" . G   A 1  ? 0.8135 0.6316 0.5078 -0.0729 0.0862  -0.0229 1   G   A "O4'" 
5   C "C3'" . G   A 1  ? 0.5825 0.6861 0.2029 -0.1610 0.2999  0.0129  1   G   A "C3'" 
6   O "O3'" . G   A 1  ? 0.6500 0.7554 0.2505 -0.0405 0.0958  0.0746  1   G   A "O3'" 
7   C "C2'" . G   A 1  ? 0.4300 0.6381 0.2947 -0.1026 0.1757  0.0801  1   G   A "C2'" 
8   O "O2'" . G   A 1  ? 0.6185 0.7698 0.2949 -0.2384 0.1149  0.1094  1   G   A "O2'" 
9   C "C1'" . G   A 1  ? 0.6474 0.5755 0.3979 -0.1464 0.0463  0.1027  1   G   A "C1'" 
10  N N9    . G   A 1  ? 0.4052 0.5565 0.3725 -0.0826 0.0957  0.0656  1   G   A N9    
11  C C8    . G   A 1  ? 0.3261 0.5341 0.2616 -0.0562 0.1921  -0.0754 1   G   A C8    
12  N N7    . G   A 1  ? 0.5198 0.4573 0.2889 -0.0538 0.1459  -0.0039 1   G   A N7    
13  C C5    . G   A 1  ? 0.4898 0.5977 0.2876 0.0482  0.0375  0.0774  1   G   A C5    
14  C C6    . G   A 1  ? 0.3727 0.5289 0.3846 -0.0788 0.1358  0.1224  1   G   A C6    
15  O O6    . G   A 1  ? 0.3789 0.6494 0.3932 -0.0823 0.2266  0.1043  1   G   A O6    
16  N N1    . G   A 1  ? 0.3945 0.7161 0.1623 -0.0336 0.1503  0.0615  1   G   A N1    
17  C C2    . G   A 1  ? 0.5518 0.6978 0.2303 -0.0379 0.0740  0.0290  1   G   A C2    
18  N N2    . G   A 1  ? 0.4474 0.7211 0.4460 -0.0186 0.1593  0.0086  1   G   A N2    
19  N N3    . G   A 1  ? 0.3730 0.5983 0.2958 -0.0683 0.1596  0.0786  1   G   A N3    
20  C C4    . G   A 1  ? 0.3784 0.5663 0.4293 -0.0401 0.0561  0.0782  1   G   A C4    
21  P P     . C   A 2  ? 0.7270 0.8458 0.2300 0.0144  0.1273  0.1191  2   C   A P     
22  O OP1   . C   A 2  ? 0.9861 1.0120 0.3552 -0.1279 0.0219  -0.1218 2   C   A OP1   
23  O OP2   . C   A 2  ? 0.5384 0.8909 0.2174 0.1464  0.1493  0.0472  2   C   A OP2   
24  O "O5'" . C   A 2  ? 0.5802 1.0077 0.3519 0.0297  0.0155  0.1214  2   C   A "O5'" 
25  C "C5'" . C   A 2  ? 0.5929 0.7273 0.6089 0.0378  -0.0089 0.0191  2   C   A "C5'" 
26  C "C4'" . C   A 2  ? 0.5242 0.5943 0.4261 0.0079  0.0794  0.2063  2   C   A "C4'" 
27  O "O4'" . C   A 2  ? 0.3943 0.7414 0.4024 0.0186  0.1091  0.1044  2   C   A "O4'" 
28  C "C3'" . C   A 2  ? 0.5602 0.6049 0.4078 -0.0143 -0.0193 0.0582  2   C   A "C3'" 
29  O "O3'" . C   A 2  ? 0.7386 0.6565 0.6854 -0.1770 -0.2303 0.1900  2   C   A "O3'" 
30  C "C2'" . C   A 2  ? 0.4573 0.6648 0.5284 -0.0373 -0.0472 0.0404  2   C   A "C2'" 
31  O "O2'" . C   A 2  ? 0.4392 0.8056 0.5797 -0.2322 -0.0961 0.3093  2   C   A "O2'" 
32  C "C1'" . C   A 2  ? 0.5446 0.7904 0.4369 -0.0622 0.0178  0.0800  2   C   A "C1'" 
33  N N1    . C   A 2  ? 0.4054 0.8278 0.3766 0.0037  0.0902  0.1395  2   C   A N1    
34  C C2    . C   A 2  ? 0.2846 0.6581 0.5508 -0.0455 0.0944  0.1146  2   C   A C2    
35  O O2    . C   A 2  ? 0.2849 0.6829 0.5449 0.0195  0.1234  0.0543  2   C   A O2    
36  N N3    . C   A 2  ? 0.4001 0.7172 0.3271 -0.0154 0.1365  0.1926  2   C   A N3    
37  C C4    . C   A 2  ? 0.3782 0.4876 0.4425 -0.0841 0.1434  0.1180  2   C   A C4    
38  N N4    . C   A 2  ? 0.3484 0.4971 0.4005 -0.0427 0.1346  0.1268  2   C   A N4    
39  C C5    . C   A 2  ? 0.2812 0.6481 0.4120 0.0163  0.1350  0.0514  2   C   A C5    
40  C C6    . C   A 2  ? 0.2745 0.6509 0.5671 -0.1645 0.0670  -0.0439 2   C   A C6    
41  P P     . U   A 3  ? 0.5529 0.5938 0.3945 0.0150  -0.0221 0.0719  3   U   A P     
42  O OP1   . U   A 3  ? 0.4964 0.6330 0.3382 -0.1296 0.0036  0.1123  3   U   A OP1   
43  O OP2   . U   A 3  ? 0.5500 0.7361 0.2220 0.1603  0.0979  0.0329  3   U   A OP2   
44  O "O5'" . U   A 3  ? 0.4806 0.6164 0.5772 -0.0824 0.0144  0.0158  3   U   A "O5'" 
45  C "C5'" . U   A 3  ? 0.5296 0.6680 0.6463 0.0147  -0.0879 -0.0423 3   U   A "C5'" 
46  C "C4'" . U   A 3  ? 0.3840 0.4972 0.6064 -0.0632 -0.0571 0.0583  3   U   A "C4'" 
47  O "O4'" . U   A 3  ? 0.2970 0.8303 0.4895 -0.0730 0.0962  -0.1188 3   U   A "O4'" 
48  C "C3'" . U   A 3  ? 0.3127 0.7162 0.3902 -0.0718 0.1100  0.0956  3   U   A "C3'" 
49  O "O3'" . U   A 3  ? 0.6321 0.7801 0.6656 0.0726  -0.2162 0.2046  3   U   A "O3'" 
50  C "C2'" . U   A 3  ? 0.5227 0.5778 0.6491 0.0726  0.0425  -0.0664 3   U   A "C2'" 
51  O "O2'" . U   A 3  ? 0.5345 0.6140 0.5041 0.0421  0.1626  -0.0982 3   U   A "O2'" 
52  C "C1'" . U   A 3  ? 0.3009 0.7068 0.5574 -0.1011 0.1133  -0.0110 3   U   A "C1'" 
53  N N1    . U   A 3  ? 0.3920 0.6007 0.4670 -0.0742 0.0995  0.0231  3   U   A N1    
54  C C2    . U   A 3  ? 0.4520 0.5163 0.5581 -0.0540 0.0485  0.0172  3   U   A C2    
55  O O2    . U   A 3  ? 0.3963 0.6956 0.4957 0.0479  0.1618  0.0175  3   U   A O2    
56  N N3    . U   A 3  ? 0.4999 0.5822 0.3198 0.0377  0.1665  0.0464  3   U   A N3    
57  C C4    . U   A 3  ? 0.4687 0.5798 0.4089 -0.0117 0.3244  0.0500  3   U   A C4    
58  O O4    . U   A 3  ? 0.4682 0.8366 0.7770 -0.0090 0.3363  0.3928  3   U   A O4    
59  C C5    . U   A 3  ? 0.2941 0.6039 0.6694 -0.1403 -0.0085 0.2208  3   U   A C5    
60  C C6    . U   A 3  ? 0.4544 0.4875 0.5231 -0.0249 -0.0477 0.1807  3   U   A C6    
61  P P     . G   A 4  ? 0.6493 0.5279 0.5120 0.0458  -0.1289 0.0206  4   G   A P     
62  O OP1   . G   A 4  ? 0.7627 0.5531 0.7259 0.0729  -0.3092 0.0632  4   G   A OP1   
63  O OP2   . G   A 4  ? 0.6589 0.5085 0.3299 0.0514  0.0849  0.1722  4   G   A OP2   
64  O "O5'" . G   A 4  ? 0.6086 0.4978 0.4323 0.1135  -0.0598 0.0204  4   G   A "O5'" 
65  C "C5'" . G   A 4  ? 0.4720 0.4496 0.5857 0.0101  -0.1418 -0.0621 4   G   A "C5'" 
66  C "C4'" . G   A 4  ? 0.4639 0.4267 0.4458 -0.0383 -0.1123 0.0817  4   G   A "C4'" 
67  O "O4'" . G   A 4  ? 0.4219 0.6565 0.3316 0.0081  0.0375  0.0299  4   G   A "O4'" 
68  C "C3'" . G   A 4  ? 0.4615 0.5134 0.3122 0.0169  -0.0106 0.1334  4   G   A "C3'" 
69  O "O3'" . G   A 4  ? 0.3886 0.5770 0.4455 -0.0828 -0.0977 0.1898  4   G   A "O3'" 
70  C "C2'" . G   A 4  ? 0.4937 0.4702 0.3992 -0.0309 0.0176  -0.0250 4   G   A "C2'" 
71  O "O2'" . G   A 4  ? 0.4261 0.4833 0.4718 -0.0078 0.0114  -0.0548 4   G   A "O2'" 
72  C "C1'" . G   A 4  ? 0.4504 0.5160 0.4341 -0.0140 -0.0121 0.0026  4   G   A "C1'" 
73  N N9    . G   A 4  ? 0.2653 0.5243 0.3215 -0.0351 0.1377  0.0235  4   G   A N9    
74  C C8    . G   A 4  ? 0.4250 0.4676 0.2900 -0.1361 0.1337  0.0397  4   G   A C8    
75  N N7    . G   A 4  ? 0.2940 0.5578 0.2913 -0.1431 0.1720  0.0502  4   G   A N7    
76  C C5    . G   A 4  ? 0.1942 0.4678 0.3225 -0.0765 0.1429  0.1085  4   G   A C5    
77  C C6    . G   A 4  ? 0.2303 0.5544 0.3277 -0.0115 0.1342  0.0360  4   G   A C6    
78  O O6    . G   A 4  ? 0.3650 0.4999 0.2255 -0.0356 0.1785  0.1029  4   G   A O6    
79  N N1    . G   A 4  ? 0.2862 0.4453 0.2289 -0.0476 0.1232  0.0843  4   G   A N1    
80  C C2    . G   A 4  ? 0.3964 0.4883 0.2814 -0.0399 0.0178  0.0304  4   G   A C2    
81  N N2    . G   A 4  ? 0.4172 0.5347 0.2227 -0.0667 0.0818  0.0033  4   G   A N2    
82  N N3    . G   A 4  ? 0.1802 0.5860 0.3128 -0.0664 0.1395  0.0454  4   G   A N3    
83  C C4    . G   A 4  ? 0.2134 0.4723 0.4077 -0.0881 0.1008  0.0810  4   G   A C4    
84  P P     . C   A 5  ? 0.5059 0.5148 0.4238 -0.0665 -0.0385 0.1288  5   C   A P     
85  O OP1   . C   A 5  ? 0.5738 0.5442 0.4332 0.0574  0.0156  0.1299  5   C   A OP1   
86  O OP2   . C   A 5  ? 0.5775 0.3987 0.4374 -0.0108 0.0630  0.1502  5   C   A OP2   
87  O "O5'" . C   A 5  ? 0.4145 0.4813 0.3945 -0.0328 0.0544  0.0190  5   C   A "O5'" 
88  C "C5'" . C   A 5  ? 0.3667 0.3567 0.3468 -0.0127 0.0637  0.0981  5   C   A "C5'" 
89  C "C4'" . C   A 5  ? 0.3538 0.3905 0.3749 -0.0021 0.0583  0.0755  5   C   A "C4'" 
90  O "O4'" . C   A 5  ? 0.3992 0.4239 0.4041 -0.0565 -0.0426 0.1277  5   C   A "O4'" 
91  C "C3'" . C   A 5  ? 0.3386 0.3569 0.3024 -0.0052 0.0791  0.0999  5   C   A "C3'" 
92  O "O3'" . C   A 5  ? 0.3837 0.4169 0.3075 -0.0018 0.1931  0.0911  5   C   A "O3'" 
93  C "C2'" . C   A 5  ? 0.3519 0.2389 0.3448 -0.0634 0.1009  0.1293  5   C   A "C2'" 
94  O "O2'" . C   A 5  ? 0.2991 0.3259 0.3405 -0.0547 0.1453  0.0804  5   C   A "O2'" 
95  C "C1'" . C   A 5  ? 0.3395 0.3937 0.2859 -0.0901 0.0605  0.1457  5   C   A "C1'" 
96  N N1    . C   A 5  ? 0.2880 0.4275 0.2909 -0.0270 0.0803  0.0496  5   C   A N1    
97  C C2    . C   A 5  ? 0.2886 0.4131 0.1678 -0.0015 0.1812  0.0821  5   C   A C2    
98  O O2    . C   A 5  ? 0.3535 0.4780 0.3155 0.0224  0.0473  0.0251  5   C   A O2    
99  N N3    . C   A 5  ? 0.2948 0.4019 0.2149 -0.0192 0.1638  0.0400  5   C   A N3    
100 C C4    . C   A 5  ? 0.2895 0.3724 0.3434 -0.0322 0.1116  0.0729  5   C   A C4    
101 N N4    . C   A 5  ? 0.3382 0.3789 0.1625 -0.0441 0.1333  0.1068  5   C   A N4    
102 C C5    . C   A 5  ? 0.2465 0.3921 0.2899 -0.0487 0.1248  0.0531  5   C   A C5    
103 C C6    . C   A 5  ? 0.3053 0.3990 0.2811 -0.0671 0.1064  0.0571  5   C   A C6    
104 P P     . U   A 6  ? 0.3288 0.4175 0.3519 -0.0010 0.1088  0.0459  6   U   A P     
105 O OP1   . U   A 6  ? 0.4212 0.4878 0.3784 -0.0257 0.0646  0.1166  6   U   A OP1   
106 O OP2   . U   A 6  ? 0.4211 0.3647 0.2604 -0.0707 0.1037  0.0928  6   U   A OP2   
107 O "O5'" . U   A 6  ? 0.3705 0.4428 0.3065 0.0314  0.1612  0.0672  6   U   A "O5'" 
108 C "C5'" . U   A 6  ? 0.3945 0.3248 0.4071 -0.0121 0.0569  0.0311  6   U   A "C5'" 
109 C "C4'" . U   A 6  ? 0.5312 0.5091 0.4111 0.0626  0.0107  0.0073  6   U   A "C4'" 
110 O "O4'" . U   A 6  ? 0.4790 0.5048 0.3117 0.1005  -0.0309 -0.0035 6   U   A "O4'" 
111 C "C3'" . U   A 6  ? 0.5481 0.5383 0.2518 0.0560  0.1781  -0.0121 6   U   A "C3'" 
112 O "O3'" . U   A 6  ? 0.3669 0.3783 0.5821 0.0269  0.0997  0.0056  6   U   A "O3'" 
113 C "C2'" . U   A 6  ? 0.4198 0.4602 0.3723 -0.0139 0.0885  -0.0020 6   U   A "C2'" 
114 O "O2'" . U   A 6  ? 0.3260 0.8639 0.5615 0.0360  -0.0056 -0.2054 6   U   A "O2'" 
115 C "C1'" . U   A 6  ? 0.4342 0.4621 0.4053 0.0025  0.0581  0.0870  6   U   A "C1'" 
116 N N1    . U   A 6  ? 0.2958 0.5336 0.2576 0.0274  0.2027  0.0446  6   U   A N1    
117 C C2    . U   A 6  ? 0.4813 0.4632 0.4023 0.0520  0.0408  0.0343  6   U   A C2    
118 O O2    . U   A 6  ? 0.5442 0.6336 0.3325 0.0696  0.0661  0.0728  6   U   A O2    
119 N N3    . U   A 6  ? 0.4650 0.4091 0.1787 0.0090  0.1604  0.1055  6   U   A N3    
120 C C4    . U   A 6  ? 0.4339 0.5744 0.1622 0.0431  0.1682  -0.0677 6   U   A C4    
121 O O4    . U   A 6  ? 0.5087 0.6615 0.3532 -0.1255 0.3013  -0.1522 6   U   A O4    
122 C C5    . U   A 6  ? 0.3827 0.4907 0.3498 -0.0027 0.3405  0.0088  6   U   A C5    
123 C C6    . U   A 6  ? 0.4024 0.5132 0.3223 -0.0903 0.1680  -0.0721 6   U   A C6    
124 P P     . G   A 7  ? 0.4183 0.4077 0.4163 -0.0217 0.1147  0.0665  7   G   A P     
125 O OP1   . G   A 7  ? 0.4586 0.3851 0.5938 -0.0068 0.2976  0.1021  7   G   A OP1   
126 O OP2   . G   A 7  ? 0.3631 0.4890 0.3894 -0.0358 0.1134  0.1487  7   G   A OP2   
127 O "O5'" . G   A 7  ? 0.3440 0.3955 0.2687 -0.0332 0.1407  0.0315  7   G   A "O5'" 
128 C "C5'" . G   A 7  ? 0.3054 0.3651 0.3206 -0.0088 0.1507  0.0056  7   G   A "C5'" 
129 C "C4'" . G   A 7  ? 0.3669 0.3278 0.2700 -0.0459 0.1077  0.0058  7   G   A "C4'" 
130 O "O4'" . G   A 7  ? 0.3615 0.3673 0.2720 0.0349  0.2047  0.0012  7   G   A "O4'" 
131 C "C3'" . G   A 7  ? 0.3184 0.3062 0.3601 -0.0276 0.0897  -0.0488 7   G   A "C3'" 
132 O "O3'" . G   A 7  ? 0.3263 0.3677 0.2689 -0.0642 0.0588  0.0029  7   G   A "O3'" 
133 C "C2'" . G   A 7  ? 0.3326 0.3151 0.3154 0.0490  0.1097  -0.0722 7   G   A "C2'" 
134 O "O2'" . G   A 7  ? 0.3725 0.4840 0.2586 0.0728  0.1077  -0.0718 7   G   A "O2'" 
135 C "C1'" . G   A 7  ? 0.3233 0.3614 0.2655 0.0542  0.0835  -0.0532 7   G   A "C1'" 
136 N N9    . G   A 7  ? 0.2891 0.3757 0.2007 0.0020  0.1581  0.0291  7   G   A N9    
137 C C8    . G   A 7  ? 0.2525 0.3934 0.2302 -0.0096 0.1157  -0.0235 7   G   A C8    
138 N N7    . G   A 7  ? 0.3384 0.3424 0.2020 -0.0032 0.1417  -0.0108 7   G   A N7    
139 C C5    . G   A 7  ? 0.3267 0.3336 0.1175 0.0331  0.1406  0.0063  7   G   A C5    
140 C C6    . G   A 7  ? 0.3975 0.3788 0.2133 -0.0025 0.0436  0.0368  7   G   A C6    
141 O O6    . G   A 7  ? 0.3681 0.3957 0.1678 0.0162  0.1128  0.0116  7   G   A O6    
142 N N1    . G   A 7  ? 0.3359 0.3645 0.1134 -0.0071 0.1133  0.0058  7   G   A N1    
143 C C2    . G   A 7  ? 0.3543 0.3146 0.1896 -0.0225 0.0431  0.0172  7   G   A C2    
144 N N2    . G   A 7  ? 0.3581 0.3576 0.1874 -0.0309 0.1179  0.0298  7   G   A N2    
145 N N3    . G   A 7  ? 0.2967 0.3136 0.1531 -0.0136 0.1275  0.0052  7   G   A N3    
146 C C4    . G   A 7  ? 0.2888 0.3362 0.1633 0.0172  0.1447  0.0118  7   G   A C4    
147 P P     . C   A 8  ? 0.3338 0.4178 0.2559 -0.0165 0.1077  -0.0065 8   C   A P     
148 O OP1   . C   A 8  ? 0.3101 0.4189 0.2855 -0.0777 0.1406  -0.0238 8   C   A OP1   
149 O OP2   . C   A 8  ? 0.2935 0.4410 0.1893 -0.0576 0.1743  0.0275  8   C   A OP2   
150 O "O5'" . C   A 8  ? 0.3277 0.4298 0.2844 -0.0427 0.1612  -0.0430 8   C   A "O5'" 
151 C "C5'" . C   A 8  ? 0.2983 0.4339 0.4468 0.0158  0.0587  -0.0960 8   C   A "C5'" 
152 C "C4'" . C   A 8  ? 0.2451 0.4212 0.4228 -0.0276 0.0616  -0.0797 8   C   A "C4'" 
153 O "O4'" . C   A 8  ? 0.2901 0.5250 0.2889 0.0622  0.1136  -0.1298 8   C   A "O4'" 
154 C "C3'" . C   A 8  ? 0.3916 0.4605 0.4898 -0.0302 0.0359  -0.0952 8   C   A "C3'" 
155 O "O3'" . C   A 8  ? 0.4409 0.4913 0.5499 -0.0840 0.0773  -0.2566 8   C   A "O3'" 
156 C "C2'" . C   A 8  ? 0.3071 0.4291 0.3155 -0.0135 0.1020  -0.1345 8   C   A "C2'" 
157 O "O2'" . C   A 8  ? 0.3884 0.4033 0.4484 0.0007  0.1065  -0.1275 8   C   A "O2'" 
158 C "C1'" . C   A 8  ? 0.4842 0.4564 0.1630 0.0381  0.0817  -0.0881 8   C   A "C1'" 
159 N N1    . C   A 8  ? 0.3736 0.3928 0.2656 -0.0520 0.0902  -0.0754 8   C   A N1    
160 C C2    . C   A 8  ? 0.3081 0.4064 0.0905 -0.0422 0.1353  -0.0336 8   C   A C2    
161 O O2    . C   A 8  ? 0.3894 0.4160 0.3220 -0.0320 0.0758  -0.0445 8   C   A O2    
162 N N3    . C   A 8  ? 0.3083 0.3721 0.1648 -0.0673 0.1276  -0.0297 8   C   A N3    
163 C C4    . C   A 8  ? 0.3048 0.3444 0.2480 -0.0664 0.1148  -0.0243 8   C   A C4    
164 N N4    . C   A 8  ? 0.3317 0.3895 0.2111 -0.0489 0.1191  -0.0041 8   C   A N4    
165 C C5    . C   A 8  ? 0.2891 0.3185 0.1985 -0.0398 0.1021  0.0540  8   C   A C5    
166 C C6    . C   A 8  ? 0.2516 0.4129 0.2527 -0.0497 0.0753  -0.0340 8   C   A C6    
167 P P     . U   A 9  ? 0.2928 0.4958 0.5197 -0.0199 0.1635  -0.1057 9   U   A P     
168 O OP1   . U   A 9  ? 0.3497 0.5809 0.6509 0.0231  0.2358  -0.1993 9   U   A OP1   
169 O OP2   . U   A 9  ? 0.2194 0.6380 0.5981 0.0030  0.1855  -0.0862 9   U   A OP2   
170 O "O5'" . U   A 9  ? 0.3064 0.5786 0.3238 -0.0674 0.1452  -0.1091 9   U   A "O5'" 
171 C "C5'" . U   A 9  ? 0.3964 0.5388 0.4028 -0.0586 0.0105  0.0112  9   U   A "C5'" 
172 C "C4'" . U   A 9  ? 0.3324 0.4177 0.4012 0.0367  0.1440  -0.0342 9   U   A "C4'" 
173 O "O4'" . U   A 9  ? 0.3703 0.5349 0.2567 -0.0119 0.1527  -0.1256 9   U   A "O4'" 
174 C "C3'" . U   A 9  ? 0.3893 0.4606 0.4075 0.0587  0.1200  -0.0405 9   U   A "C3'" 
175 O "O3'" . U   A 9  ? 0.3465 0.3958 0.3823 0.0643  0.0709  -0.0159 9   U   A "O3'" 
176 C "C2'" . U   A 9  ? 0.2823 0.4294 0.3055 0.0555  0.0508  0.0130  9   U   A "C2'" 
177 O "O2'" . U   A 9  ? 0.4262 0.4002 0.2643 0.0089  0.0636  0.0284  9   U   A "O2'" 
178 C "C1'" . U   A 9  ? 0.3772 0.4365 0.2866 0.0101  0.0854  -0.0040 9   U   A "C1'" 
179 N N1    . U   A 9  ? 0.4505 0.4642 0.2021 0.0730  0.1353  -0.0428 9   U   A N1    
180 C C2    . U   A 9  ? 0.3511 0.5325 0.1029 0.0521  0.1158  -0.0096 9   U   A C2    
181 O O2    . U   A 9  ? 0.4243 0.5105 0.3622 -0.0843 0.0973  0.0917  9   U   A O2    
182 N N3    . U   A 9  ? 0.2797 0.5144 0.2208 -0.0323 0.2085  0.0659  9   U   A N3    
183 C C4    . U   A 9  ? 0.3848 0.4449 0.2266 -0.0598 0.1444  0.0828  9   U   A C4    
184 O O4    . U   A 9  ? 0.3335 0.4718 0.1248 -0.0455 0.1706  0.0221  9   U   A O4    
185 C C5    . U   A 9  ? 0.2772 0.4038 0.1042 -0.0082 0.1101  0.0315  9   U   A C5    
186 C C6    . U   A 9  ? 0.4200 0.4205 0.0868 0.0268  0.1543  0.0313  9   U   A C6    
187 P P     . G   A 10 ? 0.3540 0.4318 0.3455 0.0245  0.0985  -0.0017 10  G   A P     
188 O OP1   . G   A 10 ? 0.3767 0.4462 0.4928 0.1382  0.0852  0.0066  10  G   A OP1   
189 O OP2   . G   A 10 ? 0.4166 0.3951 0.3012 0.0556  0.1847  -0.0128 10  G   A OP2   
190 O "O5'" . G   A 10 ? 0.3063 0.4800 0.2293 0.0702  0.1189  -0.0678 10  G   A "O5'" 
191 C "C5'" . G   A 10 ? 0.4054 0.4761 0.1752 0.0271  -0.0122 -0.0462 10  G   A "C5'" 
192 C "C4'" . G   A 10 ? 0.2888 0.3572 0.1776 0.0663  0.0479  0.0137  10  G   A "C4'" 
193 O "O4'" . G   A 10 ? 0.3285 0.4627 0.2125 0.0856  0.1047  0.0189  10  G   A "O4'" 
194 C "C3'" . G   A 10 ? 0.3332 0.4199 0.1676 0.0110  -0.0438 -0.0007 10  G   A "C3'" 
195 O "O3'" . G   A 10 ? 0.4256 0.6043 0.1785 0.0891  0.0830  -0.0035 10  G   A "O3'" 
196 C "C2'" . G   A 10 ? 0.3248 0.4070 0.2594 0.0724  -0.0352 0.0038  10  G   A "C2'" 
197 O "O2'" . G   A 10 ? 0.4260 0.5002 0.2902 -0.0530 0.1328  0.0488  10  G   A "O2'" 
198 C "C1'" . G   A 10 ? 0.3637 0.4483 0.3161 0.0688  0.0450  0.0173  10  G   A "C1'" 
199 N N9    . G   A 10 ? 0.3414 0.4144 0.2193 -0.0011 0.0320  0.0020  10  G   A N9    
200 C C8    . G   A 10 ? 0.2220 0.4973 0.0933 -0.0201 0.1140  0.0188  10  G   A C8    
201 N N7    . G   A 10 ? 0.3801 0.5249 0.1275 0.0251  0.1405  0.0505  10  G   A N7    
202 C C5    . G   A 10 ? 0.3620 0.3514 0.1688 0.0122  0.0816  0.0284  10  G   A C5    
203 C C6    . G   A 10 ? 0.3321 0.4099 0.1268 -0.0190 0.1461  0.0704  10  G   A C6    
204 O O6    . G   A 10 ? 0.3396 0.4154 0.1740 0.0316  0.2000  0.0792  10  G   A O6    
205 N N1    . G   A 10 ? 0.2711 0.3384 0.1388 -0.0204 0.1560  0.0541  10  G   A N1    
206 C C2    . G   A 10 ? 0.3299 0.4106 0.0789 -0.0351 0.1120  0.0282  10  G   A C2    
207 N N2    . G   A 10 ? 0.3187 0.5046 0.1331 -0.0087 0.0835  0.0343  10  G   A N2    
208 N N3    . G   A 10 ? 0.2529 0.5347 0.1222 -0.0157 0.0905  0.0547  10  G   A N3    
209 C C4    . G   A 10 ? 0.3185 0.4414 0.0746 -0.0499 0.1088  0.0420  10  G   A C4    
210 P P     . C   A 11 ? 0.3590 0.5045 0.1944 0.0216  0.0638  -0.0263 11  C   A P     
211 O OP1   . C   A 11 ? 0.3837 0.5682 0.3120 0.1222  0.0519  -0.0631 11  C   A OP1   
212 O OP2   . C   A 11 ? 0.3107 0.4951 0.1146 -0.0163 0.1164  -0.0482 11  C   A OP2   
213 O "O5'" . C   A 11 ? 0.3506 0.4521 0.1043 -0.0343 0.1243  0.0547  11  C   A "O5'" 
214 C "C5'" . C   A 11 ? 0.3126 0.3776 0.1617 0.0331  0.1179  0.0080  11  C   A "C5'" 
215 C "C4'" . C   A 11 ? 0.3601 0.2963 0.3035 0.0460  0.0711  0.0531  11  C   A "C4'" 
216 O "O4'" . C   A 11 ? 0.2919 0.3313 0.2161 0.0060  0.0910  0.0363  11  C   A "O4'" 
217 C "C3'" . C   A 11 ? 0.2540 0.2715 0.2514 -0.0258 0.0918  0.0068  11  C   A "C3'" 
218 O "O3'" . C   A 11 ? 0.2903 0.3384 0.2165 -0.0311 0.0930  0.0453  11  C   A "O3'" 
219 C "C2'" . C   A 11 ? 0.3163 0.3361 0.1045 0.0217  0.0218  0.0143  11  C   A "C2'" 
220 O "O2'" . C   A 11 ? 0.2842 0.3427 0.1401 -0.0085 0.0756  -0.0023 11  C   A "O2'" 
221 C "C1'" . C   A 11 ? 0.2907 0.3414 0.1235 0.0135  0.0612  0.0340  11  C   A "C1'" 
222 N N1    . C   A 11 ? 0.3039 0.3357 0.1138 0.0054  0.1047  0.0189  11  C   A N1    
223 C C2    . C   A 11 ? 0.3070 0.3151 0.0957 -0.0345 0.0861  0.0540  11  C   A C2    
224 O O2    . C   A 11 ? 0.2837 0.3354 0.2276 -0.0273 0.0571  0.0598  11  C   A O2    
225 N N3    . C   A 11 ? 0.2268 0.3627 0.1125 -0.0602 0.1038  0.0728  11  C   A N3    
226 C C4    . C   A 11 ? 0.2680 0.3380 0.0939 -0.0320 0.0924  0.0761  11  C   A C4    
227 N N4    . C   A 11 ? 0.3106 0.3504 0.1332 -0.0347 0.1149  0.0457  11  C   A N4    
228 C C5    . C   A 11 ? 0.2440 0.3004 0.1082 -0.0304 0.0999  0.0742  11  C   A C5    
229 C C6    . C   A 11 ? 0.3184 0.2856 0.0943 0.0068  0.0709  0.0390  11  C   A C6    
230 P P     A U   A 12 ? 0.3080 0.3595 0.1981 -0.0535 0.1013  0.0365  12  U   A P     
231 P P     B U   A 12 ? 0.3215 0.3651 0.2032 -0.0564 0.1076  0.0364  12  U   A P     
232 O OP1   A U   A 12 ? 0.3269 0.3754 0.2262 -0.0496 0.0850  -0.0072 12  U   A OP1   
233 O OP1   B U   A 12 ? 0.4039 0.3446 0.1652 -0.0263 0.1045  0.0422  12  U   A OP1   
234 O OP2   A U   A 12 ? 0.3101 0.3760 0.1383 -0.0602 0.1669  0.0365  12  U   A OP2   
235 O OP2   B U   A 12 ? 0.3510 0.3617 0.1378 -0.0582 0.1804  0.0318  12  U   A OP2   
236 O "O5'" A U   A 12 ? 0.4010 0.3358 0.1894 0.0232  0.2119  0.0708  12  U   A "O5'" 
237 O "O5'" B U   A 12 ? 0.3602 0.3756 0.2180 0.0614  0.2540  0.0454  12  U   A "O5'" 
238 C "C5'" A U   A 12 ? 0.3508 0.1895 0.2749 0.0201  0.0821  0.0364  12  U   A "C5'" 
239 C "C5'" B U   A 12 ? 0.3536 0.3726 0.3633 -0.0066 0.0433  -0.0029 12  U   A "C5'" 
240 C "C4'" A U   A 12 ? 0.3983 0.3537 0.2458 0.0529  -0.0056 -0.0047 12  U   A "C4'" 
241 C "C4'" B U   A 12 ? 0.4458 0.3665 0.4035 0.0346  0.0081  0.0195  12  U   A "C4'" 
242 O "O4'" A U   A 12 ? 0.2777 0.3366 0.3306 0.0009  0.0820  0.0565  12  U   A "O4'" 
243 O "O4'" B U   A 12 ? 0.3650 0.3626 0.3206 0.0264  -0.0282 0.0739  12  U   A "O4'" 
244 C "C3'" A U   A 12 ? 0.2949 0.3471 0.3226 -0.0735 0.0655  0.0228  12  U   A "C3'" 
245 C "C3'" B U   A 12 ? 0.3293 0.3930 0.2387 -0.0372 -0.0018 0.0302  12  U   A "C3'" 
246 O "O3'" A U   A 12 ? 0.5261 0.2381 0.3174 -0.0293 0.0418  0.0167  12  U   A "O3'" 
247 O "O3'" B U   A 12 ? 0.5633 0.3515 0.2568 -0.0572 0.0607  0.0809  12  U   A "O3'" 
248 C "C2'" A U   A 12 ? 0.3232 0.3880 0.4041 -0.0022 0.0469  -0.0252 12  U   A "C2'" 
249 C "C2'" B U   A 12 ? 0.3765 0.3523 0.3821 -0.0053 0.0364  0.0134  12  U   A "C2'" 
250 O "O2'" A U   A 12 ? 0.3433 0.4352 0.3578 0.0210  -0.0064 0.0595  12  U   A "O2'" 
251 O "O2'" B U   A 12 ? 0.3620 0.3957 0.2812 -0.1000 0.1168  0.0898  12  U   A "O2'" 
252 C "C1'" A U   A 12 ? 0.2973 0.3329 0.4243 0.0075  -0.0066 0.0184  12  U   A "C1'" 
253 C "C1'" B U   A 12 ? 0.3082 0.3629 0.4048 0.0109  0.0228  0.0266  12  U   A "C1'" 
254 N N1    A U   A 12 ? 0.2502 0.3216 0.2089 -0.0512 0.1778  0.0703  12  U   A N1    
255 N N1    B U   A 12 ? 0.1968 0.3769 0.2809 -0.0281 0.1661  0.0686  12  U   A N1    
256 C C2    A U   A 12 ? 0.2442 0.3170 0.2282 -0.0453 0.1197  0.0449  12  U   A C2    
257 C C2    B U   A 12 ? 0.2560 0.3272 0.2117 -0.0546 0.1495  0.1148  12  U   A C2    
258 O O2    A U   A 12 ? 0.3485 0.2909 0.2051 0.0604  0.1015  0.0071  12  U   A O2    
259 O O2    B U   A 12 ? 0.3206 0.3888 0.3340 0.0375  0.1318  0.0736  12  U   A O2    
260 N N3    A U   A 12 ? 0.2623 0.2727 0.2181 0.0426  0.0998  0.0399  12  U   A N3    
261 N N3    B U   A 12 ? 0.2822 0.4016 0.2067 -0.0608 0.1418  0.1326  12  U   A N3    
262 C C4    A U   A 12 ? 0.2049 0.4263 0.1722 -0.0217 0.1495  0.0765  12  U   A C4    
263 C C4    B U   A 12 ? 0.2945 0.3775 0.1219 -0.0353 0.1310  0.0882  12  U   A C4    
264 O O4    A U   A 12 ? 0.2805 0.4384 0.1893 -0.1390 0.1225  0.1215  12  U   A O4    
265 O O4    B U   A 12 ? 0.2005 0.5125 0.2640 -0.0271 0.1035  0.0290  12  U   A O4    
266 C C5    A U   A 12 ? 0.2849 0.3060 0.1896 -0.1152 0.1533  0.0504  12  U   A C5    
267 C C5    B U   A 12 ? 0.2693 0.3550 0.1511 -0.0155 0.1610  0.0700  12  U   A C5    
268 C C6    A U   A 12 ? 0.2565 0.2828 0.1931 -0.0261 0.1628  0.0425  12  U   A C6    
269 C C6    B U   A 12 ? 0.2263 0.3279 0.2168 -0.0454 0.1675  0.0854  12  U   A C6    
270 P P     . G   A 13 ? 0.3706 0.3582 0.2575 0.0263  0.1249  -0.0145 13  G   A P     
271 O OP1   . G   A 13 ? 0.4715 0.3735 0.2798 0.0207  0.2166  -0.0488 13  G   A OP1   
272 O OP2   . G   A 13 ? 0.3721 0.4612 0.2819 0.0928  0.0565  -0.0855 13  G   A OP2   
273 O "O5'" . G   A 13 ? 0.2494 0.3039 0.2141 -0.0358 0.1328  0.0090  13  G   A "O5'" 
274 C "C5'" . G   A 13 ? 0.3144 0.2412 0.1787 -0.0441 0.1351  0.0600  13  G   A "C5'" 
275 C "C4'" . G   A 13 ? 0.2788 0.2636 0.1375 -0.0073 0.0700  -0.0056 13  G   A "C4'" 
276 O "O4'" . G   A 13 ? 0.2731 0.2729 0.1590 -0.0699 0.1322  0.0294  13  G   A "O4'" 
277 C "C3'" . G   A 13 ? 0.3092 0.1932 0.2569 -0.0020 0.0280  0.0271  13  G   A "C3'" 
278 O "O3'" . G   A 13 ? 0.2595 0.2698 0.2633 -0.0589 0.0447  0.0393  13  G   A "O3'" 
279 C "C2'" . G   A 13 ? 0.2080 0.2695 0.2063 -0.0569 0.1144  0.0614  13  G   A "C2'" 
280 O "O2'" . G   A 13 ? 0.2252 0.3107 0.2453 -0.0333 0.1210  0.0340  13  G   A "O2'" 
281 C "C1'" . G   A 13 ? 0.2386 0.2383 0.2018 -0.0460 0.1240  0.0363  13  G   A "C1'" 
282 N N9    . G   A 13 ? 0.1758 0.2699 0.2380 -0.0602 0.1415  0.0422  13  G   A N9    
283 C C8    . G   A 13 ? 0.1977 0.2787 0.2393 -0.0597 0.1044  0.0507  13  G   A C8    
284 N N7    . G   A 13 ? 0.2171 0.2533 0.1920 -0.0709 0.1434  0.0565  13  G   A N7    
285 C C5    . G   A 13 ? 0.1743 0.2129 0.2657 -0.0425 0.1376  0.0351  13  G   A C5    
286 C C6    . G   A 13 ? 0.1358 0.3136 0.2178 -0.0496 0.1258  0.0581  13  G   A C6    
287 O O6    . G   A 13 ? 0.2456 0.3433 0.1911 0.0038  0.0805  0.0046  13  G   A O6    
288 N N1    . G   A 13 ? 0.1915 0.3236 0.2208 -0.0004 0.1002  -0.0288 13  G   A N1    
289 C C2    . G   A 13 ? 0.1563 0.2774 0.1833 -0.0432 0.1229  -0.0053 13  G   A C2    
290 N N2    . G   A 13 ? 0.2308 0.2911 0.2012 0.0026  0.0665  0.0062  13  G   A N2    
291 N N3    . G   A 13 ? 0.1674 0.2701 0.2038 -0.0792 0.1149  0.0251  13  G   A N3    
292 C C4    . G   A 13 ? 0.2028 0.2590 0.1806 -0.0766 0.1286  0.0562  13  G   A C4    
293 P P     . C   A 14 ? 0.2790 0.3208 0.1998 -0.0520 0.1034  0.0855  14  C   A P     
294 O OP1   . C   A 14 ? 0.3480 0.3824 0.1910 -0.0333 0.0566  0.0878  14  C   A OP1   
295 O OP2   . C   A 14 ? 0.2421 0.4460 0.1907 -0.0227 0.1728  0.0895  14  C   A OP2   
296 O "O5'" . C   A 14 ? 0.2120 0.2976 0.2140 -0.0852 0.1071  0.0969  14  C   A "O5'" 
297 C "C5'" . C   A 14 ? 0.2832 0.2905 0.2991 -0.0738 0.0123  0.0718  14  C   A "C5'" 
298 C "C4'" . C   A 14 ? 0.3563 0.3402 0.2264 -0.0861 -0.0301 0.0785  14  C   A "C4'" 
299 O "O4'" . C   A 14 ? 0.2910 0.2876 0.2313 -0.0751 0.0300  0.0916  14  C   A "O4'" 
300 C "C3'" . C   A 14 ? 0.3273 0.3531 0.1984 -0.0636 -0.0319 0.0491  14  C   A "C3'" 
301 O "O3'" . C   A 14 ? 0.3650 0.4455 0.2663 -0.1311 -0.0307 0.1047  14  C   A "O3'" 
302 C "C2'" . C   A 14 ? 0.2827 0.3081 0.2420 -0.0862 0.0218  0.0870  14  C   A "C2'" 
303 O "O2'" . C   A 14 ? 0.4488 0.2901 0.3131 -0.0623 -0.0005 0.0627  14  C   A "O2'" 
304 C "C1'" . C   A 14 ? 0.2552 0.3388 0.1769 -0.0712 0.0282  0.0996  14  C   A "C1'" 
305 N N1    . C   A 14 ? 0.2475 0.2800 0.2476 -0.0667 0.0654  0.0791  14  C   A N1    
306 C C2    . C   A 14 ? 0.1845 0.2674 0.1941 -0.0792 0.1147  0.0751  14  C   A C2    
307 O O2    . C   A 14 ? 0.3105 0.2785 0.2669 -0.0438 -0.0014 0.0484  14  C   A O2    
308 N N3    . C   A 14 ? 0.2453 0.2831 0.1738 -0.0726 0.0516  0.0715  14  C   A N3    
309 C C4    . C   A 14 ? 0.1908 0.2811 0.1898 -0.0814 0.0998  0.0933  14  C   A C4    
310 N N4    . C   A 14 ? 0.2531 0.3089 0.1939 -0.0402 0.0802  0.0695  14  C   A N4    
311 C C5    . C   A 14 ? 0.1548 0.2543 0.2393 -0.0615 0.0999  0.0054  14  C   A C5    
312 C C6    . C   A 14 ? 0.2024 0.2750 0.1699 -0.0679 0.0603  0.0374  14  C   A C6    
313 P P     A U   A 15 ? 0.3985 0.4216 0.2296 -0.1424 0.0481  0.1265  15  U   A P     
314 P P     B U   A 15 ? 0.4099 0.4244 0.2559 -0.1374 0.0425  0.1329  15  U   A P     
315 O OP1   A U   A 15 ? 0.4973 0.4235 0.2112 -0.1981 0.0570  0.1481  15  U   A OP1   
316 O OP1   B U   A 15 ? 0.4649 0.5208 0.3169 -0.2533 -0.0443 0.2378  15  U   A OP1   
317 O OP2   A U   A 15 ? 0.3932 0.3851 0.1754 -0.1445 0.1119  0.1400  15  U   A OP2   
318 O OP2   B U   A 15 ? 0.4912 0.4258 0.1600 -0.0701 -0.0111 0.0556  15  U   A OP2   
319 O "O5'" A U   A 15 ? 0.3975 0.3888 0.2214 -0.0683 0.0624  0.0859  15  U   A "O5'" 
320 O "O5'" B U   A 15 ? 0.3513 0.3936 0.1962 -0.1250 0.1363  0.1247  15  U   A "O5'" 
321 C "C5'" A U   A 15 ? 0.3914 0.3590 0.2739 -0.0852 -0.0080 0.0337  15  U   A "C5'" 
322 C "C5'" B U   A 15 ? 0.3854 0.3655 0.3466 -0.1074 -0.0062 0.0590  15  U   A "C5'" 
323 C "C4'" A U   A 15 ? 0.3589 0.2307 0.3048 -0.1066 -0.0294 0.1081  15  U   A "C4'" 
324 C "C4'" B U   A 15 ? 0.4378 0.2773 0.3252 -0.0899 0.0103  0.0818  15  U   A "C4'" 
325 O "O4'" A U   A 15 ? 0.3526 0.2424 0.2908 -0.0858 -0.0203 0.1105  15  U   A "O4'" 
326 O "O4'" B U   A 15 ? 0.3678 0.3984 0.2581 -0.0765 0.0213  0.0654  15  U   A "O4'" 
327 C "C3'" A U   A 15 ? 0.3334 0.2806 0.2494 -0.0152 -0.0999 0.0735  15  U   A "C3'" 
328 C "C3'" B U   A 15 ? 0.4287 0.3336 0.3323 -0.0698 -0.0281 0.0208  15  U   A "C3'" 
329 O "O3'" A U   A 15 ? 0.3100 0.3480 0.2616 -0.0491 0.0273  0.0702  15  U   A "O3'" 
330 O "O3'" B U   A 15 ? 0.3704 0.3790 0.2628 -0.0264 0.0668  0.0261  15  U   A "O3'" 
331 C "C2'" A U   A 15 ? 0.2336 0.2553 0.2139 -0.0720 0.0155  0.0465  15  U   A "C2'" 
332 C "C2'" B U   A 15 ? 0.2902 0.2722 0.3047 -0.0347 0.0412  0.0184  15  U   A "C2'" 
333 O "O2'" A U   A 15 ? 0.3343 0.1946 0.2444 -0.0794 -0.0323 0.0992  15  U   A "O2'" 
334 O "O2'" B U   A 15 ? 0.3222 0.3213 0.3320 0.0276  0.0585  0.0059  15  U   A "O2'" 
335 C "C1'" A U   A 15 ? 0.3625 0.2388 0.1649 -0.0706 0.0363  0.0687  15  U   A "C1'" 
336 C "C1'" B U   A 15 ? 0.3292 0.3371 0.2138 -0.0256 0.0657  0.0073  15  U   A "C1'" 
337 N N1    A U   A 15 ? 0.2344 0.2740 0.2096 -0.0962 0.1210  0.0972  15  U   A N1    
338 N N1    B U   A 15 ? 0.3191 0.3358 0.2044 -0.0582 0.1544  0.0904  15  U   A N1    
339 C C2    A U   A 15 ? 0.1565 0.2574 0.2442 -0.0923 0.1134  0.0623  15  U   A C2    
340 C C2    B U   A 15 ? 0.1699 0.4425 0.2628 -0.0684 0.1737  0.0160  15  U   A C2    
341 O O2    A U   A 15 ? 0.3165 0.2713 0.1973 -0.0770 0.0494  0.0543  15  U   A O2    
342 O O2    B U   A 15 ? 0.2365 0.5030 0.1764 -0.1946 0.1412  -0.0001 15  U   A O2    
343 N N3    A U   A 15 ? 0.2159 0.2758 0.2243 -0.0440 0.1513  0.0968  15  U   A N3    
344 N N3    B U   A 15 ? 0.2315 0.4840 0.1767 -0.0479 0.1640  0.0509  15  U   A N3    
345 C C4    A U   A 15 ? 0.0984 0.4048 0.1679 -0.0751 0.0858  0.0239  15  U   A C4    
346 C C4    B U   A 15 ? 0.2481 0.3949 0.3747 -0.0494 0.1663  0.1724  15  U   A C4    
347 O O4    A U   A 15 ? 0.2491 0.3711 0.1896 -0.0768 0.1780  0.0085  15  U   A O4    
348 O O4    B U   A 15 ? 0.2354 0.6652 0.4277 0.0321  0.2171  0.3391  15  U   A O4    
349 C C5    A U   A 15 ? 0.2977 0.2597 0.1927 -0.0220 0.0468  0.0385  15  U   A C5    
350 C C5    B U   A 15 ? 0.2050 0.3407 0.3309 -0.0478 0.2093  0.0810  15  U   A C5    
351 C C6    A U   A 15 ? 0.1921 0.2575 0.1911 -0.0696 0.0787  0.1077  15  U   A C6    
352 C C6    B U   A 15 ? 0.2543 0.3389 0.2270 -0.0742 0.1886  0.0548  15  U   A C6    
353 P P     . G   A 16 ? 0.4080 0.3299 0.2954 -0.0483 0.0555  0.0668  16  G   A P     
354 O OP1   . G   A 16 ? 0.4340 0.3730 0.3305 -0.0660 0.0646  0.1617  16  G   A OP1   
355 O OP2   . G   A 16 ? 0.5459 0.3587 0.2193 -0.0483 0.1150  0.0727  16  G   A OP2   
356 O "O5'" . G   A 16 ? 0.3241 0.3245 0.2691 -0.0095 0.1141  0.0132  16  G   A "O5'" 
357 C "C5'" . G   A 16 ? 0.2456 0.3255 0.3240 -0.0500 0.0713  0.0507  16  G   A "C5'" 
358 C "C4'" . G   A 16 ? 0.3088 0.2713 0.2639 -0.0372 0.0691  0.0677  16  G   A "C4'" 
359 O "O4'" . G   A 16 ? 0.2290 0.3177 0.2347 -0.0551 0.1220  0.0446  16  G   A "O4'" 
360 C "C3'" . G   A 16 ? 0.2733 0.3299 0.3320 -0.0319 0.0625  0.0392  16  G   A "C3'" 
361 O "O3'" . G   A 16 ? 0.2756 0.3198 0.3017 -0.0169 0.1293  0.0405  16  G   A "O3'" 
362 C "C2'" . G   A 16 ? 0.2129 0.3220 0.3294 -0.0393 0.0838  0.0337  16  G   A "C2'" 
363 O "O2'" . G   A 16 ? 0.2491 0.3446 0.3017 -0.0717 0.1275  0.0771  16  G   A "O2'" 
364 C "C1'" . G   A 16 ? 0.2525 0.3464 0.1848 -0.0359 0.0932  0.0565  16  G   A "C1'" 
365 N N9    . G   A 16 ? 0.2335 0.3526 0.1872 -0.0007 0.1399  -0.0081 16  G   A N9    
366 C C8    . G   A 16 ? 0.3703 0.3447 0.2443 0.0283  0.0583  0.0401  16  G   A C8    
367 N N7    . G   A 16 ? 0.2709 0.3584 0.2082 0.0036  0.1862  0.0344  16  G   A N7    
368 C C5    . G   A 16 ? 0.1950 0.2960 0.2303 -0.0018 0.1313  0.0001  16  G   A C5    
369 C C6    . G   A 16 ? 0.2031 0.3119 0.1816 -0.0126 0.1598  0.0228  16  G   A C6    
370 O O6    . G   A 16 ? 0.2394 0.3105 0.2378 -0.0333 0.1614  0.0042  16  G   A O6    
371 N N1    . G   A 16 ? 0.2038 0.3311 0.1801 -0.0218 0.1608  0.0354  16  G   A N1    
372 C C2    . G   A 16 ? 0.3165 0.3330 0.1965 0.0182  0.1093  -0.0040 16  G   A C2    
373 N N2    . G   A 16 ? 0.2976 0.3882 0.2569 -0.0417 0.0942  0.0340  16  G   A N2    
374 N N3    . G   A 16 ? 0.2068 0.3135 0.2483 -0.0392 0.1084  0.0191  16  G   A N3    
375 C C4    . G   A 16 ? 0.1492 0.3250 0.2004 -0.0430 0.1422  0.0090  16  G   A C4    
376 P P     . C   A 17 ? 0.3437 0.4092 0.2614 -0.0331 0.0975  0.0499  17  C   A P     
377 O OP1   . C   A 17 ? 0.3892 0.3808 0.3444 -0.0412 0.0534  0.1367  17  C   A OP1   
378 O OP2   . C   A 17 ? 0.3551 0.4687 0.2499 -0.0963 0.2520  0.0420  17  C   A OP2   
379 O "O5'" . C   A 17 ? 0.2607 0.3582 0.2355 -0.0604 0.1597  0.0700  17  C   A "O5'" 
380 C "C5'" . C   A 17 ? 0.2971 0.3060 0.2450 -0.0116 0.1015  0.0299  17  C   A "C5'" 
381 C "C4'" . C   A 17 ? 0.2254 0.2557 0.2699 -0.0390 0.1221  0.0376  17  C   A "C4'" 
382 O "O4'" . C   A 17 ? 0.3541 0.3092 0.2273 -0.0176 0.2121  0.0729  17  C   A "O4'" 
383 C "C3'" . C   A 17 ? 0.2598 0.2525 0.3687 0.0055  0.1501  0.0334  17  C   A "C3'" 
384 O "O3'" . C   A 17 ? 0.3701 0.3605 0.2401 -0.0374 0.2236  0.0313  17  C   A "O3'" 
385 C "C2'" . C   A 17 ? 0.2036 0.3035 0.2518 0.0100  0.1536  0.0047  17  C   A "C2'" 
386 O "O2'" . C   A 17 ? 0.1969 0.4316 0.2866 -0.0437 0.1704  0.1218  17  C   A "O2'" 
387 C "C1'" . C   A 17 ? 0.3320 0.2784 0.1809 -0.0267 0.2050  0.0503  17  C   A "C1'" 
388 N N1    . C   A 17 ? 0.2259 0.3715 0.2605 0.0031  0.2167  -0.0042 17  C   A N1    
389 C C2    . C   A 17 ? 0.2462 0.3589 0.1928 0.0075  0.1919  0.0244  17  C   A C2    
390 O O2    . C   A 17 ? 0.3744 0.3998 0.1261 0.0629  0.1759  0.0387  17  C   A O2    
391 N N3    . C   A 17 ? 0.2396 0.2645 0.1954 -0.0046 0.1772  0.0475  17  C   A N3    
392 C C4    . C   A 17 ? 0.2243 0.3207 0.1854 0.0783  0.1765  0.0392  17  C   A C4    
393 N N4    . C   A 17 ? 0.3459 0.3449 0.2458 -0.0543 0.2504  0.0455  17  C   A N4    
394 C C5    . C   A 17 ? 0.3071 0.3261 0.2769 0.0204  0.2530  0.0068  17  C   A C5    
395 C C6    . C   A 17 ? 0.2742 0.2743 0.2102 0.0370  0.2109  0.0586  17  C   A C6    
396 P P     . U   A 18 ? 0.2867 0.4110 0.2180 -0.0270 0.1807  0.0522  18  U   A P     
397 O OP1   . U   A 18 ? 0.3271 0.3922 0.2885 -0.0514 0.2084  0.0552  18  U   A OP1   
398 O OP2   . U   A 18 ? 0.2662 0.4728 0.1994 -0.0086 0.1487  0.0552  18  U   A OP2   
399 O "O5'" . U   A 18 ? 0.2340 0.3883 0.2220 -0.0556 0.1773  0.0535  18  U   A "O5'" 
400 C "C5'" . U   A 18 ? 0.3367 0.3787 0.1285 -0.0306 0.1686  0.0480  18  U   A "C5'" 
401 C "C4'" . U   A 18 ? 0.2328 0.4047 0.2200 0.0092  0.1577  0.0544  18  U   A "C4'" 
402 O "O4'" . U   A 18 ? 0.2687 0.4156 0.2087 0.0026  0.2093  -0.0338 18  U   A "O4'" 
403 C "C3'" . U   A 18 ? 0.2994 0.3914 0.2699 -0.0731 0.0790  -0.0113 18  U   A "C3'" 
404 O "O3'" . U   A 18 ? 0.3084 0.4539 0.2093 0.0069  0.0933  -0.0222 18  U   A "O3'" 
405 C "C2'" . U   A 18 ? 0.2051 0.3440 0.2464 0.0246  0.1582  -0.0527 18  U   A "C2'" 
406 O "O2'" . U   A 18 ? 0.2264 0.4336 0.2262 0.0048  0.1740  0.0526  18  U   A "O2'" 
407 C "C1'" . U   A 18 ? 0.2613 0.4111 0.1401 -0.0037 0.1600  -0.0518 18  U   A "C1'" 
408 N N1    . U   A 18 ? 0.3262 0.5068 0.1378 -0.0119 0.1837  -0.0201 18  U   A N1    
409 C C2    . U   A 18 ? 0.4412 0.4389 0.1906 -0.0098 0.1207  -0.0809 18  U   A C2    
410 O O2    . U   A 18 ? 0.3899 0.4374 0.2186 -0.0279 0.2655  -0.0177 18  U   A O2    
411 N N3    . U   A 18 ? 0.3085 0.5078 0.1261 -0.0162 0.1560  -0.0082 18  U   A N3    
412 C C4    . U   A 18 ? 0.3150 0.4017 0.2611 -0.0736 0.1470  -0.0535 18  U   A C4    
413 O O4    . U   A 18 ? 0.3200 0.5092 0.1979 -0.0583 0.2049  -0.0127 18  U   A O4    
414 C C5    . U   A 18 ? 0.3778 0.4498 0.2761 -0.0485 0.1523  -0.1290 18  U   A C5    
415 C C6    . U   A 18 ? 0.3162 0.4969 0.1967 -0.0451 0.1169  0.0434  18  U   A C6    
416 P P     . G   A 19 ? 0.2678 0.5484 0.2105 -0.0616 0.1888  0.0071  19  G   A P     
417 O OP1   . G   A 19 ? 0.2662 0.6410 0.2745 -0.1240 0.2247  0.0310  19  G   A OP1   
418 O OP2   . G   A 19 ? 0.3115 0.6568 0.1813 -0.0576 0.1912  0.0743  19  G   A OP2   
419 O "O5'" . G   A 19 ? 0.2957 0.5122 0.2095 -0.0260 0.1908  -0.0802 19  G   A "O5'" 
420 C "C5'" . G   A 19 ? 0.2838 0.4899 0.3429 -0.0241 0.1928  0.0194  19  G   A "C5'" 
421 C "C4'" . G   A 19 ? 0.2548 0.4812 0.3179 -0.0154 0.1211  -0.0367 19  G   A "C4'" 
422 O "O4'" . G   A 19 ? 0.3535 0.5381 0.3162 -0.0585 0.2156  -0.1132 19  G   A "O4'" 
423 C "C3'" . G   A 19 ? 0.3536 0.5086 0.3363 0.0075  0.1513  -0.0582 19  G   A "C3'" 
424 O "O3'" . G   A 19 ? 0.3622 0.5882 0.3129 -0.0140 0.1826  -0.1622 19  G   A "O3'" 
425 C "C2'" . G   A 19 ? 0.2934 0.4807 0.2811 0.0386  0.1152  -0.0896 19  G   A "C2'" 
426 O "O2'" . G   A 19 ? 0.2898 0.4337 0.4512 -0.0126 0.0611  -0.0345 19  G   A "O2'" 
427 C "C1'" . G   A 19 ? 0.3601 0.4744 0.1976 0.0142  0.1309  -0.0777 19  G   A "C1'" 
428 N N9    . G   A 19 ? 0.2751 0.5101 0.1842 -0.0643 0.1889  -0.0278 19  G   A N9    
429 C C8    . G   A 19 ? 0.3062 0.4543 0.1762 -0.0750 0.1664  -0.0563 19  G   A C8    
430 N N7    . G   A 19 ? 0.3959 0.5732 0.1439 -0.0845 0.1466  -0.0814 19  G   A N7    
431 C C5    . G   A 19 ? 0.3361 0.4897 0.1683 -0.0640 0.1144  -0.0655 19  G   A C5    
432 C C6    . G   A 19 ? 0.2984 0.4473 0.1096 -0.0091 0.1199  -0.0074 19  G   A C6    
433 O O6    . G   A 19 ? 0.2825 0.4880 0.2707 -0.0838 0.0849  -0.0088 19  G   A O6    
434 N N1    . G   A 19 ? 0.2398 0.4801 0.1619 -0.0241 0.1254  -0.0020 19  G   A N1    
435 C C2    . G   A 19 ? 0.2658 0.4090 0.1800 -0.0053 0.0926  0.0192  19  G   A C2    
436 N N2    . G   A 19 ? 0.3206 0.3962 0.2809 -0.0215 0.0897  0.0649  19  G   A N2    
437 N N3    . G   A 19 ? 0.2761 0.4189 0.2420 0.0366  0.0650  -0.0177 19  G   A N3    
438 C C4    . G   A 19 ? 0.2760 0.4337 0.1552 -0.0323 0.1654  -0.0877 19  G   A C4    
439 P P     . C   A 20 ? 0.3501 0.5715 0.3011 0.0286  0.1765  -0.0678 20  C   A P     
440 O OP1   . C   A 20 ? 0.3801 0.5659 0.4406 0.0105  0.2376  -0.0333 20  C   A OP1   
441 O OP2   . C   A 20 ? 0.3144 0.6180 0.3430 0.0448  0.2486  0.0359  20  C   A OP2   
442 O "O5'" . C   A 20 ? 0.3028 0.5502 0.3081 0.0681  0.1500  -0.0936 20  C   A "O5'" 
443 C "C5'" . C   A 20 ? 0.3705 0.5227 0.3145 0.0737  0.1157  -0.1258 20  C   A "C5'" 
444 C "C4'" . C   A 20 ? 0.3725 0.5043 0.2840 0.1141  0.1015  -0.1578 20  C   A "C4'" 
445 O "O4'" . C   A 20 ? 0.2914 0.5285 0.3221 0.0922  0.0761  -0.1036 20  C   A "O4'" 
446 C "C3'" . C   A 20 ? 0.3886 0.4051 0.2598 0.0613  0.0894  -0.0407 20  C   A "C3'" 
447 O "O3'" . C   A 20 ? 0.4369 0.5140 0.4270 0.1171  0.0881  -0.1457 20  C   A "O3'" 
448 C "C2'" . C   A 20 ? 0.3530 0.4218 0.4243 0.0985  0.0202  -0.1581 20  C   A "C2'" 
449 O "O2'" . C   A 20 ? 0.3423 0.4239 0.4011 0.0531  0.1397  -0.0148 20  C   A "O2'" 
450 C "C1'" . C   A 20 ? 0.2820 0.4606 0.3655 0.0442  0.0642  -0.0939 20  C   A "C1'" 
451 N N1    . C   A 20 ? 0.3091 0.4481 0.1534 0.0247  0.1414  -0.0441 20  C   A N1    
452 C C2    . C   A 20 ? 0.3258 0.4558 0.2400 0.0251  0.0807  -0.0279 20  C   A C2    
453 O O2    . C   A 20 ? 0.3123 0.4255 0.3173 0.0194  0.0843  -0.0587 20  C   A O2    
454 N N3    . C   A 20 ? 0.3775 0.4188 0.1511 0.0246  0.1638  0.0089  20  C   A N3    
455 C C4    . C   A 20 ? 0.3288 0.4068 0.1001 0.0095  0.0788  -0.0208 20  C   A C4    
456 N N4    . C   A 20 ? 0.2805 0.4047 0.2125 0.0073  0.1444  -0.0293 20  C   A N4    
457 C C5    . C   A 20 ? 0.2862 0.4315 0.1566 0.0397  0.1114  -0.0270 20  C   A C5    
458 C C6    . C   A 20 ? 0.2754 0.4149 0.1841 0.0198  0.0873  -0.0943 20  C   A C6    
459 P P     . U   A 21 ? 0.3508 0.4850 0.3828 0.0783  0.1985  -0.0346 21  U   A P     
460 O OP1   . U   A 21 ? 0.3937 0.6262 0.4946 0.1529  0.1551  -0.1656 21  U   A OP1   
461 O OP2   . U   A 21 ? 0.3490 0.5543 0.3510 0.0846  0.2672  -0.0146 21  U   A OP2   
462 O "O5'" . U   A 21 ? 0.3096 0.5435 0.4835 -0.0305 0.2765  -0.0489 21  U   A "O5'" 
463 C "C5'" . U   A 21 ? 0.4104 0.4916 0.3901 0.0952  0.0725  -0.0734 21  U   A "C5'" 
464 C "C4'" . U   A 21 ? 0.4389 0.5627 0.3834 0.0563  0.1014  -0.1151 21  U   A "C4'" 
465 O "O4'" . U   A 21 ? 0.4302 0.4564 0.2921 0.0505  0.0527  -0.0583 21  U   A "O4'" 
466 C "C3'" . U   A 21 ? 0.4017 0.4561 0.4579 0.1707  0.1340  -0.0654 21  U   A "C3'" 
467 O "O3'" . U   A 21 ? 0.4684 0.5132 0.3723 0.1340  0.0590  -0.1122 21  U   A "O3'" 
468 C "C2'" . U   A 21 ? 0.4744 0.4473 0.4251 0.1467  0.1364  -0.0785 21  U   A "C2'" 
469 O "O2'" . U   A 21 ? 0.7601 0.5525 0.2869 0.0269  0.0319  -0.1473 21  U   A "O2'" 
470 C "C1'" . U   A 21 ? 0.4475 0.4720 0.4090 0.0278  0.0655  -0.0827 21  U   A "C1'" 
471 N N1    . U   A 21 ? 0.3675 0.4746 0.2328 0.0928  0.1572  -0.0118 21  U   A N1    
472 C C2    . U   A 21 ? 0.2919 0.4835 0.3302 -0.0261 0.1732  -0.0458 21  U   A C2    
473 O O2    . U   A 21 ? 0.3023 0.5386 0.3406 -0.1059 0.1321  0.0169  21  U   A O2    
474 N N3    . U   A 21 ? 0.5231 0.4980 0.1467 -0.0601 0.2173  0.0149  21  U   A N3    
475 C C4    . U   A 21 ? 0.4160 0.5618 0.2826 -0.0263 0.1646  0.0144  21  U   A C4    
476 O O4    . U   A 21 ? 0.5339 0.5855 0.2646 0.0466  0.2846  -0.0029 21  U   A O4    
477 C C5    . U   A 21 ? 0.4796 0.5159 0.3178 0.0477  0.1685  -0.0271 21  U   A C5    
478 C C6    . U   A 21 ? 0.3992 0.5071 0.1329 0.0484  0.1601  -0.0067 21  U   A C6    
479 P P     . G   A 22 ? 0.4408 0.5183 0.4180 0.1019  0.1269  -0.1554 22  G   A P     
480 O OP1   . G   A 22 ? 0.5051 0.4009 0.4955 0.0078  0.2169  -0.1236 22  G   A OP1   
481 O OP2   . G   A 22 ? 0.4445 0.5213 0.4024 0.0518  0.2335  -0.1728 22  G   A OP2   
482 O "O5'" . G   A 22 ? 0.4224 0.4103 0.3236 -0.0198 0.1671  -0.0631 22  G   A "O5'" 
483 C "C5'" . G   A 22 ? 0.3105 0.3841 0.3276 -0.0117 0.1431  -0.0485 22  G   A "C5'" 
484 C "C4'" . G   A 22 ? 0.4170 0.3283 0.3248 0.0188  0.1111  -0.0223 22  G   A "C4'" 
485 O "O4'" . G   A 22 ? 0.3709 0.4486 0.2388 -0.0455 0.1489  0.0095  22  G   A "O4'" 
486 C "C3'" . G   A 22 ? 0.4351 0.4283 0.2321 -0.0004 0.0909  -0.0007 22  G   A "C3'" 
487 O "O3'" . G   A 22 ? 0.5086 0.4009 0.2293 -0.0366 0.1623  0.0387  22  G   A "O3'" 
488 C "C2'" . G   A 22 ? 0.4797 0.4025 0.1664 0.0262  0.0322  0.0173  22  G   A "C2'" 
489 O "O2'" . G   A 22 ? 0.4057 0.4461 0.1702 -0.0058 0.1699  0.0259  22  G   A "O2'" 
490 C "C1'" . G   A 22 ? 0.3424 0.4589 0.1970 0.0084  0.0987  -0.0532 22  G   A "C1'" 
491 N N9    . G   A 22 ? 0.3111 0.4728 0.1424 -0.0021 0.1291  -0.0188 22  G   A N9    
492 C C8    . G   A 22 ? 0.2115 0.3567 0.2641 0.0091  0.1465  0.0604  22  G   A C8    
493 N N7    . G   A 22 ? 0.3730 0.3536 0.2651 -0.0112 0.1959  0.0895  22  G   A N7    
494 C C5    . G   A 22 ? 0.3725 0.3176 0.1390 -0.0119 0.1342  0.0761  22  G   A C5    
495 C C6    . G   A 22 ? 0.2900 0.3514 0.2308 -0.0408 0.2208  0.0191  22  G   A C6    
496 O O6    . G   A 22 ? 0.3310 0.3249 0.2742 -0.0260 0.1244  -0.0017 22  G   A O6    
497 N N1    . G   A 22 ? 0.3550 0.3445 0.2361 0.0181  0.1587  0.0042  22  G   A N1    
498 C C2    . G   A 22 ? 0.3134 0.3936 0.2403 -0.0101 0.1886  0.0079  22  G   A C2    
499 N N2    . G   A 22 ? 0.3435 0.4300 0.3776 0.0143  0.1401  -0.0316 22  G   A N2    
500 N N3    . G   A 22 ? 0.4494 0.3468 0.2057 -0.0172 0.1180  0.0367  22  G   A N3    
501 C C4    . G   A 22 ? 0.4279 0.3737 0.1952 -0.0115 0.1468  0.0465  22  G   A C4    
502 P P     . C   A 23 ? 0.5182 0.4467 0.2817 0.0013  0.2222  -0.0072 23  C   A P     
503 O OP1   . C   A 23 ? 0.4785 0.6042 0.2801 0.0083  0.2618  -0.0818 23  C   A OP1   
504 O OP2   . C   A 23 ? 0.4724 0.4713 0.3167 0.0153  0.1343  -0.0221 23  C   A OP2   
505 O "O5'" . C   A 23 ? 0.4848 0.4460 0.1953 -0.0366 0.1932  0.0675  23  C   A "O5'" 
506 C "C5'" . C   A 23 ? 0.5928 0.4712 0.2968 -0.0160 0.0743  0.0217  23  C   A "C5'" 
507 C "C4'" . C   A 23 ? 0.5787 0.4228 0.3027 -0.0550 0.1386  0.0837  23  C   A "C4'" 
508 O "O4'" . C   A 23 ? 0.6516 0.4378 0.3069 -0.1312 0.2217  0.1480  23  C   A "O4'" 
509 C "C3'" . C   A 23 ? 0.5117 0.3761 0.3474 -0.0603 0.0490  0.0338  23  C   A "C3'" 
510 O "O3'" . C   A 23 ? 0.5045 0.5264 0.4006 -0.0319 0.2404  0.0107  23  C   A "O3'" 
511 C "C2'" . C   A 23 ? 0.5488 0.4073 0.1718 -0.0214 0.0477  0.0785  23  C   A "C2'" 
512 O "O2'" . C   A 23 ? 0.4882 0.5441 0.2474 -0.0117 0.1433  0.1135  23  C   A "O2'" 
513 C "C1'" . C   A 23 ? 0.3257 0.3982 0.2867 -0.1082 0.1861  0.0300  23  C   A "C1'" 
514 N N1    . C   A 23 ? 0.3256 0.3902 0.3164 -0.0402 0.1800  0.0299  23  C   A N1    
515 C C2    . C   A 23 ? 0.3705 0.4025 0.2725 -0.0615 0.2257  0.0126  23  C   A C2    
516 O O2    . C   A 23 ? 0.3272 0.5602 0.4186 0.0138  0.2127  -0.0201 23  C   A O2    
517 N N3    . C   A 23 ? 0.3428 0.4590 0.2054 -0.0562 0.2128  0.0245  23  C   A N3    
518 C C4    . C   A 23 ? 0.3918 0.3866 0.2001 -0.0521 0.1914  0.0704  23  C   A C4    
519 N N4    . C   A 23 ? 0.3882 0.4011 0.2508 -0.0327 0.2266  -0.0078 23  C   A N4    
520 C C5    . C   A 23 ? 0.4032 0.4022 0.3338 -0.0666 0.1235  0.0351  23  C   A C5    
521 C C6    . C   A 23 ? 0.3758 0.4034 0.2125 -0.0414 0.1607  0.0577  23  C   A C6    
522 P P     . U   A 24 ? 0.5024 0.5337 0.2935 -0.0621 0.1315  0.0592  24  U   A P     
523 O OP1   . U   A 24 ? 0.5341 0.6214 0.3345 -0.1098 0.1579  0.0469  24  U   A OP1   
524 O OP2   . U   A 24 ? 0.4275 0.6270 0.3197 -0.0179 0.2061  0.0280  24  U   A OP2   
525 O "O5'" . U   A 24 ? 0.4036 0.5928 0.3075 -0.0197 0.2334  0.1385  24  U   A "O5'" 
526 C "C5'" . U   A 24 ? 0.3763 0.6438 0.3035 -0.0561 0.2009  0.0857  24  U   A "C5'" 
527 C "C4'" . U   A 24 ? 0.2960 0.5648 0.3553 0.0017  0.1864  0.0723  24  U   A "C4'" 
528 O "O4'" . U   A 24 ? 0.4299 0.4395 0.3742 -0.0753 0.2354  0.0750  24  U   A "O4'" 
529 C "C3'" . U   A 24 ? 0.4503 0.4795 0.4135 -0.0367 0.0780  0.0576  24  U   A "C3'" 
530 O "O3'" . U   A 24 ? 0.4385 0.5459 0.5027 -0.0719 0.1443  0.1858  24  U   A "O3'" 
531 C "C2'" . U   A 24 ? 0.3506 0.3748 0.5198 -0.0270 0.2584  0.0702  24  U   A "C2'" 
532 O "O2'" . U   A 24 ? 0.4951 0.5493 0.4565 0.0693  0.3502  0.1819  24  U   A "O2'" 
533 C "C1'" . U   A 24 ? 0.2652 0.5561 0.4387 -0.1471 0.2336  0.0521  24  U   A "C1'" 
534 N N1    . U   A 24 ? 0.3755 0.4471 0.3386 -0.1218 0.2184  -0.0289 24  U   A N1    
535 C C2    . U   A 24 ? 0.4092 0.5301 0.2514 -0.0455 0.2227  -0.0508 24  U   A C2    
536 O O2    . U   A 24 ? 0.5043 0.4739 0.7133 -0.1157 0.4787  -0.0580 24  U   A O2    
537 N N3    . U   A 24 ? 0.3066 0.3968 0.5033 -0.0670 0.2933  0.0985  24  U   A N3    
538 C C4    . U   A 24 ? 0.4421 0.4463 0.5860 -0.1157 0.1951  0.0280  24  U   A C4    
539 O O4    . U   A 24 ? 0.4197 0.7613 0.5821 -0.1685 0.2870  0.1539  24  U   A O4    
540 C C5    . U   A 24 ? 0.3382 0.5775 0.5415 -0.1255 0.1046  0.0164  24  U   A C5    
541 C C6    . U   A 24 ? 0.2628 0.4938 0.3777 -0.0788 0.2662  0.0617  24  U   A C6    
542 P P     . G   A 25 ? 0.3818 0.6184 0.4390 -0.0474 0.0993  0.1441  25  G   A P     
543 O OP1   . G   A 25 ? 0.4994 0.6937 0.4998 -0.0463 0.0106  0.1446  25  G   A OP1   
544 O OP2   . G   A 25 ? 0.2851 0.7201 0.5039 0.0445  0.1537  0.1257  25  G   A OP2   
545 O "O5'" . G   A 25 ? 0.4856 0.6377 0.5717 -0.1090 0.1593  0.1280  25  G   A "O5'" 
546 C "C5'" . G   A 25 ? 0.7408 0.5905 0.7613 0.0726  0.1153  -0.0184 25  G   A "C5'" 
547 C "C4'" . G   A 25 ? 0.8058 0.6104 0.6334 -0.1701 0.0293  0.1299  25  G   A "C4'" 
548 O "O4'" . G   A 25 ? 0.5385 0.6513 0.7693 -0.1544 0.0884  0.1942  25  G   A "O4'" 
549 C "C3'" . G   A 25 ? 0.6777 0.6746 0.6035 -0.0329 0.1792  0.1368  25  G   A "C3'" 
550 O "O3'" . G   A 25 ? 0.9520 0.7108 0.6747 0.0212  0.0169  0.3737  25  G   A "O3'" 
551 C "C2'" . G   A 25 ? 0.7832 0.4959 0.5362 -0.0881 0.0148  0.2944  25  G   A "C2'" 
552 O "O2'" . G   A 25 ? 0.8904 0.4700 0.6124 -0.0091 -0.0442 0.1181  25  G   A "O2'" 
553 C "C1'" . G   A 25 ? 0.6287 0.5309 0.5482 0.0113  0.0733  0.2307  25  G   A "C1'" 
554 N N9    . G   A 25 ? 0.5004 0.4626 0.6334 -0.0972 0.0555  0.2772  25  G   A N9    
555 C C8    . G   A 25 ? 0.5550 0.5533 0.4841 -0.0663 0.1361  0.1325  25  G   A C8    
556 N N7    . G   A 25 ? 0.4014 0.6379 0.6105 -0.1439 0.0135  0.1755  25  G   A N7    
557 C C5    . G   A 25 ? 0.4007 0.5001 0.6175 -0.1771 0.0490  0.2278  25  G   A C5    
558 C C6    . G   A 25 ? 0.3734 0.5608 0.3663 0.0209  0.2285  0.1224  25  G   A C6    
559 O O6    . G   A 25 ? 0.4003 0.4656 0.5411 -0.0733 0.3103  0.1074  25  G   A O6    
560 N N1    . G   A 25 ? 0.3809 0.4808 0.5423 0.0237  0.2368  0.1723  25  G   A N1    
561 C C2    . G   A 25 ? 0.5070 0.4571 0.3647 -0.0014 0.2434  0.1187  25  G   A C2    
562 N N2    . G   A 25 ? 0.6502 0.4318 0.5815 -0.1071 0.1563  0.0809  25  G   A N2    
563 N N3    . G   A 25 ? 0.4524 0.4957 0.6171 -0.1575 0.0249  0.0789  25  G   A N3    
564 C C4    . G   A 25 ? 0.4786 0.5144 0.6386 0.0001  0.0923  0.0331  25  G   A C4    
565 P P     . C   A 26 ? 1.0775 0.5632 0.6010 -0.2036 0.0975  0.2325  26  C   A P     
566 O OP1   . C   A 26 ? 0.9004 0.5341 0.5758 -0.1670 0.1740  0.1657  26  C   A OP1   
567 O OP2   . C   A 26 ? 1.1212 0.5504 0.3724 -0.2487 0.0529  -0.0349 26  C   A OP2   
568 O "O5'" . C   A 26 ? 0.7977 0.4619 0.6041 -0.0521 0.2409  0.0955  26  C   A "O5'" 
569 C "C5'" . C   A 26 ? 0.8223 0.4521 0.5475 -0.0343 0.1926  0.1476  26  C   A "C5'" 
570 C "C4'" . C   A 26 ? 0.7272 0.6308 0.6865 -0.2193 0.1284  0.1928  26  C   A "C4'" 
571 O "O4'" . C   A 26 ? 0.5201 0.6735 0.5802 -0.0923 0.2376  0.1077  26  C   A "O4'" 
572 C "C3'" . C   A 26 ? 0.7908 0.6820 0.6855 -0.2310 0.1580  0.1253  26  C   A "C3'" 
573 O "O3'" . C   A 26 ? 0.6660 0.5789 0.7529 -0.1317 0.0875  0.1360  26  C   A "O3'" 
574 C "C2'" . C   A 26 ? 0.7410 0.5181 0.7329 -0.2349 -0.0163 0.0678  26  C   A "C2'" 
575 O "O2'" . C   A 26 ? 0.8374 0.6203 0.3856 -0.2855 0.2031  -0.0384 26  C   A "O2'" 
576 C "C1'" . C   A 26 ? 0.6302 0.6524 0.5914 -0.0917 0.0919  0.0081  26  C   A "C1'" 
577 N N1    . C   A 26 ? 0.5303 0.6398 0.4703 -0.2137 0.0075  0.0132  26  C   A N1    
578 C C2    . C   A 26 ? 0.5388 0.5238 0.4171 -0.1649 0.2322  0.1200  26  C   A C2    
579 O O2    . C   A 26 ? 0.4586 0.4546 0.5747 -0.0561 0.2183  0.0179  26  C   A O2    
580 N N3    . C   A 26 ? 0.5186 0.5408 0.4247 -0.1763 0.2548  0.0351  26  C   A N3    
581 C C4    . C   A 26 ? 0.4454 0.4762 0.3323 -0.1153 0.2833  0.0355  26  C   A C4    
582 N N4    . C   A 26 ? 0.4420 0.5297 0.4209 -0.1720 0.2208  0.1170  26  C   A N4    
583 C C5    . C   A 26 ? 0.5256 0.4409 0.5260 -0.2453 0.0504  0.1073  26  C   A C5    
584 C C6    . C   A 26 ? 0.5629 0.4355 0.3564 -0.2274 0.1069  0.0761  26  C   A C6    
585 S S     . SO4 B .  ? 0.4366 0.4211 0.4076 -0.0131 0.0119  0.0517  101 SO4 A S     
586 O O1    . SO4 B .  ? 0.5773 0.6348 0.3130 -0.0384 -0.0777 -0.0739 101 SO4 A O1    
587 O O2    . SO4 B .  ? 0.4564 0.3600 0.3433 -0.0666 0.1078  0.1891  101 SO4 A O2    
588 O O3    . SO4 B .  ? 0.4169 0.4837 0.2414 -0.0327 0.1459  -0.0177 101 SO4 A O3    
589 O O4    . SO4 B .  ? 0.2508 0.4489 0.1957 -0.0188 0.1642  0.1328  101 SO4 A O4    
590 S S     . SO4 C .  ? 0.3944 0.4827 0.3287 -0.0079 0.0841  -0.0108 102 SO4 A S     
591 O O1    . SO4 C .  ? 0.6034 0.5544 0.3150 0.0959  0.1007  0.0085  102 SO4 A O1    
592 O O2    . SO4 C .  ? 0.5036 0.4434 0.4933 0.0476  -0.0924 0.1176  102 SO4 A O2    
593 O O3    . SO4 C .  ? 0.4501 0.6064 0.6532 -0.1491 -0.0085 0.0999  102 SO4 A O3    
594 O O4    . SO4 C .  ? 0.4500 0.4672 0.4082 -0.0256 0.0846  -0.0391 102 SO4 A O4    
595 O O     . HOH D .  ? 0.4361 0.5401 0.3234 -0.0091 0.0558  0.0553  201 HOH A O     
596 O O     . HOH D .  ? 0.6027 0.7007 0.3150 -0.1421 0.2215  0.1145  202 HOH A O     
597 O O     . HOH D .  ? 0.5974 0.6744 0.2670 -0.1243 0.0644  0.1618  203 HOH A O     
598 O O     . HOH D .  ? 0.6323 0.6297 0.3483 -0.0131 0.1762  -0.0500 204 HOH A O     
599 O O     . HOH D .  ? 0.5580 0.5306 0.4176 -0.0042 -0.0043 -0.0302 205 HOH A O     
600 O O     . HOH D .  ? 0.9784 0.4511 0.3202 -0.0072 0.0732  0.0548  206 HOH A O     
601 O O     . HOH D .  ? 0.5066 0.7241 0.4665 0.1683  -0.0174 -0.0370 207 HOH A O     
602 O O     . HOH D .  ? 0.2111 0.3520 0.2412 -0.0356 0.1262  0.0426  208 HOH A O     
603 O O     . HOH D .  ? 0.4575 0.5285 0.4493 0.0029  0.2289  -0.0775 209 HOH A O     
604 O O     . HOH D .  ? 0.3994 0.7208 0.2309 0.0910  0.1792  0.1481  210 HOH A O     
605 O O     . HOH D .  ? 0.4285 0.6178 0.5778 -0.0065 0.2704  -0.1757 211 HOH A O     
606 O O     . HOH D .  ? 0.3859 0.3793 0.3289 0.0308  0.1121  0.0718  212 HOH A O     
607 O O     . HOH D .  ? 0.4556 0.6449 0.5818 0.0435  0.2285  -0.1933 213 HOH A O     
608 O O     . HOH D .  ? 0.4897 0.5276 0.4027 -0.0683 0.0698  0.1006  214 HOH A O     
609 O O     . HOH D .  ? 0.4478 0.4682 0.3788 0.1255  0.2409  0.1541  215 HOH A O     
610 O O     . HOH D .  ? 0.3613 0.8080 0.7071 -0.2078 0.1178  0.0747  216 HOH A O     
611 O O     . HOH D .  ? 0.5900 0.5631 0.4654 -0.1356 0.1016  0.1550  217 HOH A O     
612 O O     . HOH D .  ? 0.5945 0.5121 0.2535 0.0288  0.0277  0.0720  218 HOH A O     
613 O O     . HOH D .  ? 0.3639 0.4657 0.3696 -0.0105 0.1635  -0.0339 219 HOH A O     
614 O O     . HOH D .  ? 0.4226 0.4292 0.2096 0.0113  0.0940  0.0657  220 HOH A O     
615 O O     . HOH D .  ? 0.4761 0.6333 0.5137 0.1049  0.0743  -0.1082 221 HOH A O     
616 O O     . HOH D .  ? 0.4372 0.6416 0.4311 -0.0543 0.1102  -0.0361 222 HOH A O     
617 O O     . HOH D .  ? 0.4462 0.5575 0.2794 0.0680  0.2141  -0.0373 223 HOH A O     
618 O O     . HOH D .  ? 0.6675 0.5338 0.2746 0.0302  0.2410  0.0928  224 HOH A O     
619 O O     . HOH D .  ? 0.4524 0.4505 0.4100 -0.0680 0.1795  -0.0035 225 HOH A O     
620 O O     . HOH D .  ? 0.5313 0.4385 0.2612 -0.0031 0.0651  -0.0229 226 HOH A O     
621 O O     . HOH D .  ? 0.6177 0.5893 0.3446 0.0589  0.2152  0.2134  227 HOH A O     
622 O O     . HOH D .  ? 0.4793 0.5685 0.4843 -0.1336 0.1274  0.0540  228 HOH A O     
623 O O     . HOH D .  ? 0.4689 0.4365 0.6918 -0.1261 -0.0979 -0.0360 229 HOH A O     
624 O O     A HOH D .  ? 0.2093 0.3415 0.3209 -0.0345 0.1738  0.1433  230 HOH A O     
625 O O     . HOH D .  ? 0.4784 0.6439 0.4150 -0.1333 0.1511  -0.0462 231 HOH A O     
626 O O     . HOH D .  ? 0.3969 0.4404 0.3982 0.0783  0.2942  0.1372  232 HOH A O     
627 O O     . HOH D .  ? 0.3615 0.4802 0.2702 -0.0573 0.1548  0.0573  233 HOH A O     
628 O O     . HOH D .  ? 0.4821 0.5749 0.3651 -0.0036 -0.0368 0.0605  234 HOH A O     
629 O O     . HOH D .  ? 0.4239 0.8457 0.3131 -0.0196 0.1377  -0.0974 235 HOH A O     
630 O O     . HOH D .  ? 0.4403 0.4384 0.2470 0.0292  0.0883  0.0199  236 HOH A O     
631 O O     . HOH D .  ? 0.4490 0.6451 0.5672 -0.1567 0.1663  -0.0403 237 HOH A O     
632 O O     . HOH D .  ? 0.4512 0.5431 0.3840 0.0612  0.0753  0.0128  238 HOH A O     
633 O O     . HOH D .  ? 0.3614 0.4734 0.2483 -0.0265 0.1844  0.0518  239 HOH A O     
634 O O     . HOH D .  ? 0.4175 0.6143 0.4063 -0.0951 0.1704  0.0322  240 HOH A O     
635 O O     . HOH D .  ? 0.4347 0.5484 0.6611 0.0057  0.3571  0.2232  241 HOH A O     
636 O O     . HOH D .  ? 0.3878 0.4386 0.5504 -0.0010 0.1223  0.0064  242 HOH A O     
637 O O     . HOH D .  ? 0.4218 0.5244 0.3033 -0.1096 0.1168  0.1502  243 HOH A O     
638 O O     . HOH D .  ? 0.2753 0.5025 0.3298 -0.0084 0.1408  -0.0209 244 HOH A O     
639 O O     . HOH D .  ? 0.5057 0.6028 0.7393 -0.0300 0.1212  0.1634  245 HOH A O     
640 O O     . HOH D .  ? 0.4387 0.5018 0.4195 -0.0826 0.1957  0.1207  246 HOH A O     
641 O O     . HOH D .  ? 0.5829 0.3817 0.4394 0.0184  0.0086  0.0085  247 HOH A O     
642 O O     . HOH D .  ? 0.3365 0.6215 0.4708 0.0884  -0.0295 -0.0757 248 HOH A O     
643 O O     . HOH D .  ? 0.6120 0.4869 0.3203 0.0108  0.1158  -0.0488 249 HOH A O     
644 O O     . HOH D .  ? 0.5054 0.4404 0.4035 0.0306  0.1357  0.0438  250 HOH A O     
645 O O     . HOH D .  ? 0.7359 0.9844 0.5393 0.2431  0.0108  -0.3672 251 HOH A O     
646 O O     . HOH D .  ? 0.3497 0.3739 0.2571 -0.0673 0.1570  0.0796  252 HOH A O     
647 O O     . HOH D .  ? 0.4193 0.4188 0.2757 -0.0449 0.0501  0.0922  253 HOH A O     
648 O O     . HOH D .  ? 0.7245 1.0170 0.4646 -0.1624 0.0679  0.2660  254 HOH A O     
649 O O     . HOH D .  ? 0.4259 0.6487 0.4209 -0.0752 0.1404  0.0424  255 HOH A O     
650 O O     . HOH D .  ? 0.3444 0.6410 0.5467 0.0280  0.1172  -0.0784 256 HOH A O     
651 O O     . HOH D .  ? 0.6199 0.7285 0.3312 0.1514  -0.0010 0.0024  257 HOH A O     
652 O O     . HOH D .  ? 0.5837 0.6501 0.5163 0.0844  0.2629  0.0461  258 HOH A O     
653 O O     . HOH D .  ? 0.6549 0.6274 0.2804 0.0450  0.1923  0.0337  259 HOH A O     
654 O O     . HOH D .  ? 0.6314 0.9369 0.7339 0.1979  -0.1445 -0.2338 260 HOH A O     
655 O O     . HOH D .  ? 0.3328 0.3474 0.2719 0.0131  0.0827  -0.0214 261 HOH A O     
656 O O     . HOH D .  ? 0.5845 0.5043 0.6843 0.0430  -0.0380 -0.0521 262 HOH A O     
657 O O     . HOH D .  ? 0.5717 0.7997 0.7836 -0.0082 -0.0920 0.0489  263 HOH A O     
658 O O     . HOH D .  ? 0.5883 0.5202 0.5271 -0.0638 0.2831  -0.0376 264 HOH A O     
659 O O     . HOH D .  ? 0.4132 0.4605 0.2676 -0.0011 0.1626  0.0001  265 HOH A O     
660 O O     . HOH D .  ? 0.3967 0.5772 0.1576 -0.0991 0.1797  0.1063  266 HOH A O     
661 O O     . HOH D .  ? 0.5249 0.6764 0.4282 -0.0739 0.1612  -0.0390 267 HOH A O     
662 O O     . HOH D .  ? 0.2665 0.6728 0.3703 -0.0327 0.0984  -0.0395 268 HOH A O     
663 O O     . HOH D .  ? 0.8165 0.3599 0.4878 -0.0194 0.0218  -0.0511 269 HOH A O     
664 O O     . HOH D .  ? 0.7232 0.4903 0.4201 0.2333  0.0862  -0.0051 270 HOH A O     
665 O O     . HOH D .  ? 0.9538 1.4301 0.6878 -0.0386 0.5125  0.1155  271 HOH A O     
# 
